data_8PK3
#
_entry.id   8PK3
#
_cell.length_a   1.00
_cell.length_b   1.00
_cell.length_c   1.00
_cell.angle_alpha   90.00
_cell.angle_beta   90.00
_cell.angle_gamma   90.00
#
_symmetry.space_group_name_H-M   'P 1'
#
loop_
_entity.id
_entity.type
_entity.pdbx_description
1 polymer 'Hemagglutinin HA1 chain'
2 polymer 'Hemagglutinin HA2 chain'
3 polymer 'Affimer molecule (A31)'
4 branched 2-acetamido-2-deoxy-beta-D-glucopyranose-(1-4)-2-acetamido-2-deoxy-beta-D-glucopyranose
5 branched alpha-D-mannopyranose-(1-3)-[alpha-D-mannopyranose-(1-6)]beta-D-mannopyranose-(1-4)-2-acetamido-2-deoxy-beta-D-glucopyranose-(1-4)-2-acetamido-2-deoxy-beta-D-glucopyranose
6 non-polymer 2-acetamido-2-deoxy-beta-D-glucopyranose
#
loop_
_entity_poly.entity_id
_entity_poly.type
_entity_poly.pdbx_seq_one_letter_code
_entity_poly.pdbx_strand_id
1 'polypeptide(L)'
;ADPGATLCLGHHAVPNGTLVKTITDDQIEVTNATELVQSSSTGKICNNPHRILDGIDCTLIDALLGDPHCDVFQNETWDL
FVERSKAFSNCYPYDVPDYASLRSLVASSGTLEFITEGFTWTGVTQNGGSNACKRGPGSGFFSRLNWLTKSGSTYPVLNV
TMPNNDNFDKLYIWGVHHPSTNQEQTSLYVQASGRVTVSTRRSQQTIIPNIGSRPWVRGLSSRISIYWTIVKPGDVLVIN
SNGNLIAPRGYFKMRTGKSSIMRSDAPIDTCISECITPNGSIPNDKPFQNVNKITYGACPKYVKQNTLKLATGMRNVPEK
QT
;
A,B,C
2 'polypeptide(L)'
;GLFGAIAGFIENGWEGMIDGWYGFRHQNSEGTGQAADLKSTQAAIDQINGKLNRVIEKTNEKFHQIEKEFSEVEGRIQDL
EKYVEDTKIDLWSYNAELLVALENQHTIDLTDSEMNKLFEKTRRQLRENAEEMGNGCFKIYHKCDNACIESIRNGTYDHD
VYRDEALNNRFQIKG
;
D,E,F
3 'polypeptide(L)'
;SLEIEELARFAVDEHNKKENALLEFVRVVKAKEQFNYDQWQDYTMYYLTLEAKDGGKKKLYEAKVWVKFVDSAFETENFK
ELQEFKP
;
G,H,I
#
loop_
_chem_comp.id
_chem_comp.type
_chem_comp.name
_chem_comp.formula
BMA D-saccharide, beta linking beta-D-mannopyranose 'C6 H12 O6'
MAN D-saccharide, alpha linking alpha-D-mannopyranose 'C6 H12 O6'
NAG D-saccharide, beta linking 2-acetamido-2-deoxy-beta-D-glucopyranose 'C8 H15 N O6'
#
# COMPACT_ATOMS: atom_id res chain seq x y z
N ALA A 1 1.57 -73.62 -29.13
CA ALA A 1 2.59 -73.21 -28.18
C ALA A 1 2.11 -71.92 -27.51
N ASP A 2 1.68 -72.05 -26.26
CA ASP A 2 1.19 -70.92 -25.49
C ASP A 2 1.84 -70.91 -24.11
N PRO A 3 2.19 -69.71 -23.64
CA PRO A 3 2.81 -69.56 -22.33
C PRO A 3 2.23 -68.32 -21.66
N GLY A 4 2.39 -68.26 -20.34
CA GLY A 4 1.95 -67.12 -19.54
C GLY A 4 3.15 -66.24 -19.25
N ALA A 5 3.11 -65.01 -19.74
CA ALA A 5 4.17 -64.04 -19.54
C ALA A 5 3.61 -62.82 -18.84
N THR A 6 4.46 -61.82 -18.64
CA THR A 6 4.05 -60.58 -18.00
C THR A 6 4.63 -59.40 -18.76
N LEU A 7 3.95 -58.27 -18.64
CA LEU A 7 4.37 -56.98 -19.16
C LEU A 7 4.17 -55.94 -18.07
N CYS A 8 4.72 -56.23 -16.91
CA CYS A 8 4.40 -55.46 -15.72
C CYS A 8 4.96 -54.05 -15.81
N LEU A 9 4.05 -53.07 -15.83
CA LEU A 9 4.42 -51.67 -15.97
C LEU A 9 4.94 -51.13 -14.64
N GLY A 10 5.18 -49.83 -14.58
CA GLY A 10 5.69 -49.20 -13.40
C GLY A 10 6.38 -47.91 -13.77
N HIS A 11 7.35 -47.51 -12.94
CA HIS A 11 8.02 -46.25 -13.13
C HIS A 11 9.43 -46.35 -12.52
N HIS A 12 10.08 -45.21 -12.36
CA HIS A 12 11.49 -45.16 -12.00
C HIS A 12 11.67 -44.64 -10.59
N ALA A 13 12.66 -45.19 -9.88
CA ALA A 13 12.95 -44.82 -8.51
C ALA A 13 14.45 -44.69 -8.30
N VAL A 14 14.85 -43.75 -7.45
CA VAL A 14 16.24 -43.57 -7.06
C VAL A 14 16.32 -43.53 -5.53
N PRO A 15 17.36 -44.09 -4.91
CA PRO A 15 17.45 -44.03 -3.45
C PRO A 15 18.14 -42.79 -2.92
N ASN A 16 17.83 -41.62 -3.50
CA ASN A 16 18.44 -40.36 -3.10
C ASN A 16 17.41 -39.23 -3.11
N GLY A 17 16.16 -39.54 -2.76
CA GLY A 17 15.08 -38.60 -2.97
C GLY A 17 15.14 -37.40 -2.06
N THR A 18 14.38 -36.38 -2.45
CA THR A 18 14.31 -35.11 -1.73
C THR A 18 12.88 -34.82 -1.31
N LEU A 19 12.72 -34.30 -0.10
CA LEU A 19 11.40 -34.06 0.47
C LEU A 19 10.74 -32.83 -0.16
N VAL A 20 9.43 -32.91 -0.37
CA VAL A 20 8.66 -31.83 -0.96
C VAL A 20 7.34 -31.69 -0.20
N LYS A 21 6.62 -30.61 -0.49
CA LYS A 21 5.33 -30.37 0.15
C LYS A 21 4.18 -30.62 -0.83
N THR A 22 3.02 -30.94 -0.25
CA THR A 22 1.78 -31.11 -0.98
C THR A 22 0.68 -30.51 -0.11
N ILE A 23 -0.44 -30.12 -0.72
CA ILE A 23 -1.51 -29.49 0.06
C ILE A 23 -2.31 -30.49 0.89
N THR A 24 -2.24 -31.78 0.56
CA THR A 24 -2.93 -32.80 1.34
C THR A 24 -2.03 -33.50 2.34
N ASP A 25 -0.73 -33.20 2.36
CA ASP A 25 0.21 -33.81 3.27
C ASP A 25 1.12 -32.73 3.84
N ASP A 26 2.20 -33.15 4.49
CA ASP A 26 3.14 -32.23 5.10
C ASP A 26 4.57 -32.40 4.60
N GLN A 27 5.03 -33.64 4.45
CA GLN A 27 6.39 -33.89 3.99
C GLN A 27 6.39 -35.22 3.24
N ILE A 28 6.32 -35.16 1.91
CA ILE A 28 6.52 -36.32 1.07
C ILE A 28 7.79 -36.11 0.27
N GLU A 29 8.35 -37.20 -0.24
CA GLU A 29 9.60 -37.14 -0.98
C GLU A 29 9.39 -37.65 -2.41
N VAL A 30 10.18 -37.10 -3.33
CA VAL A 30 10.04 -37.39 -4.75
C VAL A 30 11.35 -37.90 -5.34
N THR A 31 11.31 -38.34 -6.59
CA THR A 31 12.47 -38.88 -7.30
C THR A 31 13.35 -37.80 -7.91
N ASN A 32 12.89 -36.56 -7.94
CA ASN A 32 13.59 -35.46 -8.60
C ASN A 32 12.96 -34.17 -8.10
N ALA A 33 13.79 -33.17 -7.83
CA ALA A 33 13.27 -31.90 -7.36
C ALA A 33 14.26 -30.81 -7.72
N THR A 34 13.77 -29.73 -8.30
CA THR A 34 14.57 -28.55 -8.55
C THR A 34 14.23 -27.52 -7.50
N GLU A 35 15.25 -26.84 -7.00
CA GLU A 35 15.03 -25.84 -5.96
C GLU A 35 14.65 -24.54 -6.65
N LEU A 36 13.36 -24.19 -6.59
CA LEU A 36 12.91 -22.90 -7.08
C LEU A 36 13.46 -21.77 -6.24
N VAL A 37 13.88 -22.05 -5.03
CA VAL A 37 14.55 -21.08 -4.17
C VAL A 37 15.96 -20.87 -4.68
N GLN A 38 16.50 -19.67 -4.46
CA GLN A 38 17.91 -19.38 -4.74
C GLN A 38 18.50 -18.72 -3.50
N SER A 39 19.07 -19.53 -2.62
CA SER A 39 19.69 -19.03 -1.40
C SER A 39 21.21 -18.88 -1.52
N SER A 40 21.82 -19.53 -2.50
CA SER A 40 23.25 -19.40 -2.74
C SER A 40 23.55 -18.06 -3.38
N SER A 41 24.82 -17.67 -3.30
CA SER A 41 25.28 -16.42 -3.90
C SER A 41 26.76 -16.54 -4.20
N THR A 42 27.15 -16.23 -5.44
CA THR A 42 28.55 -16.31 -5.82
C THR A 42 29.38 -15.23 -5.15
N GLY A 43 28.77 -14.09 -4.85
CA GLY A 43 29.46 -13.03 -4.15
C GLY A 43 30.26 -12.08 -5.01
N LYS A 44 30.06 -12.09 -6.33
CA LYS A 44 30.78 -11.21 -7.24
C LYS A 44 29.78 -10.37 -8.02
N ILE A 45 29.97 -9.05 -8.00
CA ILE A 45 29.17 -8.15 -8.82
C ILE A 45 29.82 -8.04 -10.19
N CYS A 46 29.04 -8.27 -11.24
CA CYS A 46 29.56 -8.30 -12.60
C CYS A 46 29.00 -7.12 -13.39
N ASN A 47 29.80 -6.60 -14.32
CA ASN A 47 29.54 -5.33 -14.97
C ASN A 47 28.99 -5.47 -16.38
N ASN A 48 28.39 -6.61 -16.72
CA ASN A 48 27.82 -6.83 -18.04
C ASN A 48 26.68 -7.82 -17.93
N PRO A 49 25.61 -7.67 -18.75
CA PRO A 49 25.37 -6.65 -19.78
C PRO A 49 24.85 -5.33 -19.24
N HIS A 50 24.40 -5.29 -18.00
CA HIS A 50 24.01 -4.03 -17.38
C HIS A 50 25.25 -3.22 -17.03
N ARG A 51 25.25 -1.95 -17.36
CA ARG A 51 26.36 -1.07 -17.00
C ARG A 51 26.28 -0.78 -15.51
N ILE A 52 27.30 -1.21 -14.77
CA ILE A 52 27.35 -1.08 -13.31
C ILE A 52 28.40 -0.03 -12.96
N LEU A 53 27.96 1.06 -12.36
CA LEU A 53 28.87 2.05 -11.81
C LEU A 53 29.05 1.77 -10.34
N ASP A 54 30.29 1.50 -9.93
CA ASP A 54 30.61 1.12 -8.57
C ASP A 54 31.53 2.16 -7.95
N GLY A 55 31.18 2.61 -6.75
CA GLY A 55 32.06 3.47 -6.01
C GLY A 55 33.11 2.70 -5.24
N ILE A 56 34.10 3.43 -4.75
CA ILE A 56 35.11 2.90 -3.85
C ILE A 56 34.89 3.41 -2.44
N ASP A 57 34.76 4.72 -2.29
CA ASP A 57 34.39 5.35 -1.02
C ASP A 57 33.37 6.44 -1.32
N CYS A 58 32.41 6.12 -2.18
CA CYS A 58 31.53 7.12 -2.77
C CYS A 58 30.09 6.62 -2.74
N THR A 59 29.17 7.50 -2.35
CA THR A 59 27.74 7.21 -2.44
C THR A 59 27.13 7.98 -3.61
N LEU A 60 25.88 7.61 -3.95
CA LEU A 60 25.25 8.13 -5.16
C LEU A 60 25.00 9.64 -5.07
N ILE A 61 24.46 10.10 -3.94
CA ILE A 61 24.17 11.53 -3.80
C ILE A 61 25.47 12.32 -3.81
N ASP A 62 26.51 11.82 -3.14
CA ASP A 62 27.81 12.47 -3.22
C ASP A 62 28.48 12.27 -4.57
N ALA A 63 28.03 11.30 -5.37
CA ALA A 63 28.52 11.19 -6.74
C ALA A 63 27.90 12.24 -7.64
N LEU A 64 26.61 12.54 -7.44
CA LEU A 64 25.97 13.64 -8.15
C LEU A 64 26.61 14.97 -7.78
N LEU A 65 26.80 15.20 -6.49
CA LEU A 65 27.37 16.43 -6.00
C LEU A 65 28.85 16.56 -6.29
N GLY A 66 29.51 15.49 -6.74
CA GLY A 66 30.92 15.54 -7.02
C GLY A 66 31.76 15.66 -5.77
N ASP A 67 31.78 14.61 -4.97
CA ASP A 67 32.67 14.56 -3.81
C ASP A 67 34.11 14.67 -4.28
N PRO A 68 34.92 15.55 -3.68
CA PRO A 68 36.28 15.74 -4.16
C PRO A 68 37.26 14.67 -3.67
N HIS A 69 36.76 13.44 -3.65
CA HIS A 69 37.57 12.24 -3.63
C HIS A 69 36.95 11.22 -4.56
N CYS A 70 35.98 11.64 -5.38
CA CYS A 70 35.22 10.76 -6.26
C CYS A 70 35.03 11.35 -7.65
N ASP A 71 35.98 12.15 -8.14
CA ASP A 71 35.77 12.82 -9.41
C ASP A 71 36.17 11.94 -10.58
N VAL A 72 35.61 10.74 -10.63
CA VAL A 72 35.62 9.89 -11.81
C VAL A 72 34.20 9.63 -12.32
N PHE A 73 33.18 10.07 -11.59
CA PHE A 73 31.79 9.88 -11.94
C PHE A 73 31.21 11.05 -12.71
N GLN A 74 32.05 11.94 -13.25
CA GLN A 74 31.58 12.93 -14.20
C GLN A 74 31.02 12.21 -15.42
N ASN A 75 29.82 12.64 -15.83
CA ASN A 75 28.95 11.89 -16.75
C ASN A 75 28.77 10.48 -16.24
N GLU A 76 29.26 9.50 -17.02
CA GLU A 76 29.28 8.08 -16.64
C GLU A 76 27.86 7.57 -16.36
N THR A 77 27.08 7.50 -17.44
CA THR A 77 25.77 6.89 -17.38
C THR A 77 25.87 5.45 -16.88
N TRP A 78 24.84 5.01 -16.18
CA TRP A 78 24.87 3.74 -15.49
C TRP A 78 23.54 3.01 -15.67
N ASP A 79 23.47 1.83 -15.08
CA ASP A 79 22.21 1.13 -14.90
C ASP A 79 21.95 0.70 -13.46
N LEU A 80 22.97 0.64 -12.62
CA LEU A 80 22.80 0.24 -11.22
C LEU A 80 23.99 0.80 -10.43
N PHE A 81 23.72 1.75 -9.54
CA PHE A 81 24.77 2.31 -8.68
C PHE A 81 24.86 1.45 -7.43
N VAL A 82 26.07 0.96 -7.14
CA VAL A 82 26.31 0.10 -5.99
C VAL A 82 27.07 0.93 -4.97
N GLU A 83 26.38 1.35 -3.92
CA GLU A 83 27.02 2.03 -2.81
C GLU A 83 27.79 1.03 -1.96
N ARG A 84 28.74 1.53 -1.18
CA ARG A 84 29.63 0.69 -0.39
C ARG A 84 29.31 0.88 1.09
N SER A 85 29.34 -0.22 1.84
CA SER A 85 29.03 -0.18 3.26
C SER A 85 30.12 0.50 4.08
N LYS A 86 31.32 0.67 3.50
CA LYS A 86 32.42 1.36 4.16
C LYS A 86 32.51 2.83 3.77
N ALA A 87 31.38 3.46 3.46
CA ALA A 87 31.37 4.79 2.89
C ALA A 87 31.58 5.87 3.94
N PHE A 88 31.96 7.05 3.47
CA PHE A 88 32.04 8.24 4.32
C PHE A 88 31.90 9.45 3.42
N SER A 89 31.50 10.57 4.02
CA SER A 89 31.13 11.78 3.28
C SER A 89 31.99 12.94 3.76
N ASN A 90 33.12 13.15 3.10
CA ASN A 90 34.14 14.09 3.56
C ASN A 90 33.81 15.54 3.26
N CYS A 91 32.64 15.85 2.73
CA CYS A 91 32.33 17.20 2.27
C CYS A 91 31.07 17.74 2.92
N TYR A 92 31.24 18.54 3.99
CA TYR A 92 30.24 19.45 4.55
C TYR A 92 28.91 18.77 4.85
N PRO A 93 28.80 18.08 6.00
CA PRO A 93 27.67 17.17 6.23
C PRO A 93 26.32 17.87 6.12
N TYR A 94 25.35 17.14 5.57
CA TYR A 94 24.10 17.71 5.10
C TYR A 94 22.93 16.94 5.70
N ASP A 95 21.73 17.49 5.47
CA ASP A 95 20.49 16.82 5.84
C ASP A 95 19.45 17.14 4.78
N VAL A 96 19.07 16.15 3.99
CA VAL A 96 18.09 16.37 2.93
C VAL A 96 16.71 15.88 3.36
N PRO A 97 15.74 16.79 3.53
CA PRO A 97 14.36 16.34 3.75
C PRO A 97 13.85 15.58 2.53
N ASP A 98 13.05 14.55 2.80
CA ASP A 98 12.58 13.59 1.80
C ASP A 98 13.76 12.98 1.05
N TYR A 99 14.67 12.37 1.81
CA TYR A 99 15.87 11.78 1.23
C TYR A 99 15.53 10.58 0.36
N ALA A 100 14.48 9.84 0.72
CA ALA A 100 14.10 8.67 -0.07
C ALA A 100 13.54 9.06 -1.42
N SER A 101 12.94 10.25 -1.52
CA SER A 101 12.35 10.69 -2.79
C SER A 101 13.44 11.08 -3.79
N LEU A 102 14.42 11.86 -3.34
CA LEU A 102 15.45 12.36 -4.24
C LEU A 102 16.36 11.24 -4.73
N ARG A 103 16.70 10.31 -3.84
CA ARG A 103 17.53 9.18 -4.23
C ARG A 103 16.80 8.28 -5.22
N SER A 104 15.48 8.13 -5.04
CA SER A 104 14.71 7.29 -5.96
C SER A 104 14.53 7.96 -7.31
N LEU A 105 14.35 9.29 -7.31
CA LEU A 105 14.16 10.02 -8.56
C LEU A 105 15.41 10.01 -9.42
N VAL A 106 16.58 10.21 -8.79
CA VAL A 106 17.83 10.25 -9.55
C VAL A 106 18.20 8.87 -10.05
N ALA A 107 18.03 7.84 -9.21
CA ALA A 107 18.33 6.48 -9.64
C ALA A 107 17.39 6.01 -10.73
N SER A 108 16.24 6.67 -10.89
CA SER A 108 15.37 6.39 -12.03
C SER A 108 15.77 7.19 -13.27
N SER A 109 16.48 8.30 -13.10
CA SER A 109 16.93 9.10 -14.24
C SER A 109 17.92 8.30 -15.09
N GLY A 110 18.85 7.61 -14.44
CA GLY A 110 19.71 6.66 -15.11
C GLY A 110 20.93 7.22 -15.78
N THR A 111 21.14 8.54 -15.74
CA THR A 111 22.20 9.14 -16.51
C THR A 111 22.53 10.49 -15.88
N LEU A 112 23.82 10.74 -15.67
CA LEU A 112 24.30 11.97 -15.03
C LEU A 112 24.83 12.94 -16.10
N GLU A 113 24.13 13.01 -17.24
CA GLU A 113 24.56 13.90 -18.31
C GLU A 113 24.33 15.34 -17.92
N PHE A 114 25.35 15.96 -17.35
CA PHE A 114 25.30 17.36 -16.98
C PHE A 114 25.49 18.23 -18.21
N ILE A 115 25.11 19.50 -18.07
CA ILE A 115 25.34 20.52 -19.08
C ILE A 115 25.27 21.88 -18.38
N THR A 116 26.26 22.72 -18.62
CA THR A 116 26.25 24.04 -17.99
C THR A 116 25.24 24.94 -18.69
N GLU A 117 24.85 25.99 -17.99
CA GLU A 117 24.02 27.04 -18.57
C GLU A 117 24.58 28.39 -18.16
N GLY A 118 24.33 29.39 -19.00
CA GLY A 118 24.86 30.70 -18.71
C GLY A 118 23.94 31.43 -17.76
N PHE A 119 24.27 31.37 -16.48
CA PHE A 119 23.48 32.02 -15.44
C PHE A 119 24.08 33.38 -15.15
N THR A 120 23.25 34.41 -15.22
CA THR A 120 23.70 35.78 -14.95
C THR A 120 23.38 36.15 -13.51
N TRP A 121 24.08 35.49 -12.59
CA TRP A 121 24.02 35.90 -11.19
C TRP A 121 24.69 37.25 -11.03
N THR A 122 24.00 38.18 -10.38
CA THR A 122 24.50 39.54 -10.22
C THR A 122 24.73 39.84 -8.75
N GLY A 123 25.91 40.38 -8.44
CA GLY A 123 26.23 40.77 -7.08
C GLY A 123 26.68 39.66 -6.16
N VAL A 124 26.98 38.48 -6.70
CA VAL A 124 27.47 37.37 -5.89
C VAL A 124 28.85 36.95 -6.37
N THR A 125 29.63 36.34 -5.47
CA THR A 125 30.86 35.64 -5.83
C THR A 125 30.64 34.17 -5.54
N GLN A 126 30.65 33.36 -6.59
CA GLN A 126 30.38 31.94 -6.46
C GLN A 126 31.68 31.21 -6.10
N ASN A 127 31.64 29.87 -6.19
CA ASN A 127 32.79 28.98 -6.00
C ASN A 127 33.41 29.13 -4.61
N GLY A 128 32.61 28.74 -3.61
CA GLY A 128 33.07 28.63 -2.23
C GLY A 128 33.27 27.17 -1.85
N GLY A 129 34.15 26.93 -0.89
CA GLY A 129 34.49 25.57 -0.50
C GLY A 129 34.85 25.46 0.97
N SER A 130 35.16 24.23 1.38
CA SER A 130 35.41 23.90 2.77
C SER A 130 36.74 23.19 2.93
N ASN A 131 37.17 23.03 4.18
CA ASN A 131 38.46 22.41 4.44
C ASN A 131 38.37 20.92 4.73
N ALA A 132 37.17 20.41 5.03
CA ALA A 132 37.02 18.96 5.12
C ALA A 132 37.10 18.32 3.73
N CYS A 133 36.47 18.97 2.76
CA CYS A 133 36.62 18.55 1.37
C CYS A 133 38.03 18.88 0.89
N LYS A 134 38.71 17.90 0.32
CA LYS A 134 40.12 18.05 0.01
C LYS A 134 40.50 17.18 -1.18
N ARG A 135 41.27 17.74 -2.10
CA ARG A 135 41.92 16.99 -3.17
C ARG A 135 43.43 17.05 -3.02
N GLY A 136 43.90 16.95 -1.78
CA GLY A 136 45.30 17.16 -1.48
C GLY A 136 45.46 18.38 -0.58
N PRO A 137 46.60 19.05 -0.69
CA PRO A 137 46.79 20.30 0.06
C PRO A 137 45.85 21.39 -0.44
N GLY A 138 45.40 22.23 0.49
CA GLY A 138 44.50 23.31 0.13
C GLY A 138 43.07 23.11 0.60
N SER A 139 42.12 23.38 -0.27
CA SER A 139 40.70 23.32 0.05
C SER A 139 39.97 22.42 -0.96
N GLY A 140 38.64 22.44 -0.90
CA GLY A 140 37.83 21.64 -1.80
C GLY A 140 36.37 21.89 -1.51
N PHE A 141 35.51 21.26 -2.33
CA PHE A 141 34.06 21.44 -2.27
C PHE A 141 33.43 20.40 -3.19
N PHE A 142 32.09 20.34 -3.15
CA PHE A 142 31.31 19.73 -4.21
C PHE A 142 31.68 20.34 -5.56
N SER A 143 31.57 19.55 -6.63
CA SER A 143 31.96 20.01 -7.95
C SER A 143 30.77 20.26 -8.87
N ARG A 144 29.56 20.46 -8.32
CA ARG A 144 28.40 20.67 -9.17
C ARG A 144 27.46 21.77 -8.70
N LEU A 145 27.71 22.44 -7.58
CA LEU A 145 26.92 23.59 -7.19
C LEU A 145 27.82 24.78 -6.92
N ASN A 146 27.16 25.90 -6.60
CA ASN A 146 27.83 27.15 -6.27
C ASN A 146 27.48 27.50 -4.84
N TRP A 147 28.48 27.51 -3.97
CA TRP A 147 28.33 27.97 -2.59
C TRP A 147 28.32 29.50 -2.63
N LEU A 148 27.15 30.05 -2.91
CA LEU A 148 26.99 31.48 -3.01
C LEU A 148 27.18 32.14 -1.65
N THR A 149 27.58 33.40 -1.67
CA THR A 149 27.77 34.18 -0.46
C THR A 149 27.67 35.65 -0.82
N LYS A 150 27.92 36.50 0.18
CA LYS A 150 27.83 37.93 -0.03
C LYS A 150 29.05 38.46 -0.76
N SER A 151 28.93 39.69 -1.26
CA SER A 151 30.00 40.35 -1.98
C SER A 151 30.07 41.80 -1.53
N GLY A 152 31.30 42.30 -1.36
CA GLY A 152 31.49 43.64 -0.85
C GLY A 152 30.95 43.79 0.55
N SER A 153 29.80 44.46 0.67
CA SER A 153 29.12 44.55 1.96
C SER A 153 27.62 44.35 1.83
N THR A 154 27.12 43.87 0.69
CA THR A 154 25.68 43.76 0.46
C THR A 154 25.36 42.40 -0.14
N TYR A 155 24.06 42.17 -0.33
CA TYR A 155 23.57 40.94 -0.95
C TYR A 155 22.29 41.29 -1.69
N PRO A 156 22.40 41.61 -2.98
CA PRO A 156 21.20 41.99 -3.75
C PRO A 156 20.29 40.81 -3.99
N VAL A 157 18.99 41.11 -4.11
CA VAL A 157 18.01 40.08 -4.41
C VAL A 157 18.26 39.54 -5.82
N LEU A 158 17.90 38.29 -6.03
CA LEU A 158 18.24 37.59 -7.25
C LEU A 158 16.96 37.21 -8.01
N ASN A 159 16.86 37.64 -9.26
CA ASN A 159 15.84 37.17 -10.18
C ASN A 159 16.57 36.58 -11.39
N VAL A 160 16.31 35.31 -11.67
CA VAL A 160 16.90 34.63 -12.82
C VAL A 160 15.82 33.81 -13.50
N THR A 161 15.91 33.70 -14.81
CA THR A 161 14.94 32.94 -15.60
C THR A 161 15.69 32.09 -16.61
N MET A 162 15.07 30.97 -16.99
CA MET A 162 15.65 30.06 -17.97
C MET A 162 14.54 29.50 -18.84
N PRO A 163 14.29 30.10 -20.00
CA PRO A 163 13.23 29.59 -20.88
C PRO A 163 13.59 28.27 -21.50
N ASN A 164 12.91 27.20 -21.07
CA ASN A 164 13.10 25.88 -21.66
C ASN A 164 12.37 25.85 -23.00
N ASN A 165 13.10 26.19 -24.06
CA ASN A 165 12.54 26.17 -25.41
C ASN A 165 12.66 24.81 -26.08
N ASP A 166 13.43 23.89 -25.51
CA ASP A 166 13.68 22.61 -26.13
C ASP A 166 12.63 21.59 -25.71
N ASN A 167 12.80 20.35 -26.16
CA ASN A 167 11.78 19.32 -26.03
C ASN A 167 12.00 18.43 -24.81
N PHE A 168 13.11 18.56 -24.11
CA PHE A 168 13.41 17.70 -22.97
C PHE A 168 13.14 18.43 -21.66
N ASP A 169 13.13 17.65 -20.57
CA ASP A 169 12.87 18.19 -19.25
C ASP A 169 14.17 18.65 -18.60
N LYS A 170 14.03 19.39 -17.49
CA LYS A 170 15.18 19.96 -16.80
C LYS A 170 15.04 19.75 -15.30
N LEU A 171 16.14 19.41 -14.65
CA LEU A 171 16.21 19.26 -13.20
C LEU A 171 17.24 20.23 -12.66
N TYR A 172 16.91 20.90 -11.57
CA TYR A 172 17.82 21.87 -10.96
C TYR A 172 17.99 21.53 -9.49
N ILE A 173 19.14 20.94 -9.14
CA ILE A 173 19.47 20.60 -7.76
C ILE A 173 20.10 21.83 -7.10
N TRP A 174 19.45 22.35 -6.08
CA TRP A 174 19.89 23.53 -5.36
C TRP A 174 19.82 23.27 -3.87
N GLY A 175 20.12 24.26 -3.04
CA GLY A 175 20.14 23.98 -1.62
C GLY A 175 19.84 25.18 -0.74
N VAL A 176 19.67 24.89 0.54
CA VAL A 176 19.50 25.86 1.61
C VAL A 176 20.66 25.68 2.57
N HIS A 177 20.94 26.71 3.37
CA HIS A 177 22.01 26.66 4.36
C HIS A 177 21.39 26.79 5.75
N HIS A 178 21.74 25.86 6.65
CA HIS A 178 21.31 25.88 8.04
C HIS A 178 22.52 26.19 8.90
N PRO A 179 22.75 27.43 9.30
CA PRO A 179 23.90 27.75 10.15
C PRO A 179 23.70 27.25 11.57
N SER A 180 24.77 27.37 12.35
CA SER A 180 24.77 26.92 13.74
C SER A 180 24.34 28.03 14.69
N THR A 181 25.10 29.12 14.75
CA THR A 181 24.75 30.26 15.57
C THR A 181 24.19 31.37 14.69
N ASN A 182 23.74 32.44 15.35
CA ASN A 182 23.25 33.60 14.63
C ASN A 182 24.39 34.36 13.96
N GLN A 183 25.62 34.20 14.47
CA GLN A 183 26.76 34.89 13.90
C GLN A 183 27.14 34.30 12.54
N GLU A 184 26.87 33.01 12.34
CA GLU A 184 27.18 32.38 11.07
C GLU A 184 26.24 32.88 9.96
N GLN A 185 24.95 33.02 10.28
CA GLN A 185 23.99 33.49 9.28
C GLN A 185 24.20 34.95 8.94
N THR A 186 24.60 35.76 9.92
CA THR A 186 24.83 37.19 9.74
C THR A 186 26.14 37.47 9.01
N SER A 187 27.12 36.58 9.08
CA SER A 187 28.39 36.82 8.41
C SER A 187 28.36 36.42 6.93
N LEU A 188 27.83 35.23 6.62
CA LEU A 188 27.81 34.76 5.24
C LEU A 188 26.83 35.56 4.39
N TYR A 189 25.61 35.75 4.89
CA TYR A 189 24.57 36.51 4.22
C TYR A 189 24.14 37.65 5.14
N VAL A 190 23.36 38.58 4.62
CA VAL A 190 23.08 39.79 5.39
C VAL A 190 21.61 39.72 5.82
N GLN A 191 21.10 38.52 6.01
CA GLN A 191 19.71 38.32 6.43
C GLN A 191 19.68 37.48 7.70
N ALA A 192 18.93 37.96 8.70
CA ALA A 192 18.77 37.20 9.93
C ALA A 192 17.93 35.95 9.70
N SER A 193 16.90 36.06 8.87
CA SER A 193 16.06 34.93 8.50
C SER A 193 15.91 34.97 6.98
N GLY A 194 16.79 34.25 6.29
CA GLY A 194 16.80 34.27 4.84
C GLY A 194 15.61 33.57 4.24
N ARG A 195 15.34 33.90 2.99
CA ARG A 195 14.19 33.36 2.27
C ARG A 195 14.63 32.91 0.88
N VAL A 196 14.08 31.79 0.43
CA VAL A 196 14.21 31.37 -0.96
C VAL A 196 12.83 31.23 -1.57
N THR A 197 12.76 31.34 -2.89
CA THR A 197 11.52 31.15 -3.63
C THR A 197 11.86 30.49 -4.95
N VAL A 198 11.30 29.31 -5.18
CA VAL A 198 11.42 28.61 -6.45
C VAL A 198 10.01 28.48 -7.02
N SER A 199 9.85 28.96 -8.25
CA SER A 199 8.53 29.04 -8.85
C SER A 199 8.59 28.59 -10.30
N THR A 200 7.66 27.73 -10.68
CA THR A 200 7.29 27.49 -12.06
C THR A 200 5.87 27.98 -12.26
N ARG A 201 5.34 27.81 -13.47
CA ARG A 201 3.96 28.19 -13.73
C ARG A 201 2.98 27.27 -13.00
N ARG A 202 3.30 25.98 -12.91
CA ARG A 202 2.47 25.06 -12.14
C ARG A 202 2.52 25.35 -10.64
N SER A 203 3.67 25.16 -10.00
CA SER A 203 3.76 25.08 -8.55
C SER A 203 4.88 25.96 -8.03
N GLN A 204 5.05 25.96 -6.70
CA GLN A 204 6.02 26.81 -6.04
C GLN A 204 6.47 26.17 -4.73
N GLN A 205 7.63 26.60 -4.25
CA GLN A 205 8.22 26.12 -3.00
C GLN A 205 8.95 27.24 -2.31
N THR A 206 8.61 27.49 -1.04
CA THR A 206 9.25 28.53 -0.24
C THR A 206 9.74 27.93 1.07
N ILE A 207 11.02 28.14 1.38
CA ILE A 207 11.68 27.51 2.52
C ILE A 207 12.34 28.58 3.37
N ILE A 208 12.18 28.48 4.68
CA ILE A 208 12.87 29.31 5.65
C ILE A 208 13.76 28.40 6.49
N PRO A 209 15.06 28.66 6.59
CA PRO A 209 15.98 27.72 7.24
C PRO A 209 15.87 27.76 8.76
N ASN A 210 16.64 26.88 9.41
CA ASN A 210 16.68 26.75 10.86
C ASN A 210 18.05 27.15 11.39
N ILE A 211 18.07 27.57 12.66
CA ILE A 211 19.29 27.98 13.34
C ILE A 211 19.36 27.23 14.67
N GLY A 212 20.52 26.64 14.97
CA GLY A 212 20.74 26.00 16.24
C GLY A 212 22.04 25.23 16.36
N SER A 213 22.52 25.02 17.59
CA SER A 213 23.72 24.23 17.79
C SER A 213 23.44 22.75 17.54
N ARG A 214 24.48 22.04 17.10
CA ARG A 214 24.37 20.65 16.70
C ARG A 214 25.63 19.92 17.15
N PRO A 215 25.59 18.59 17.22
CA PRO A 215 26.82 17.84 17.50
C PRO A 215 27.82 17.95 16.36
N TRP A 216 29.09 17.81 16.71
CA TRP A 216 30.15 17.93 15.72
C TRP A 216 30.25 16.68 14.88
N VAL A 217 30.17 16.85 13.56
CA VAL A 217 30.57 15.83 12.59
C VAL A 217 31.66 16.46 11.75
N ARG A 218 32.89 15.97 11.90
CA ARG A 218 34.08 16.35 11.15
C ARG A 218 34.44 17.83 11.23
N GLY A 219 33.89 18.57 12.18
CA GLY A 219 34.08 20.00 12.27
C GLY A 219 32.80 20.77 12.04
N LEU A 220 32.87 22.05 12.41
CA LEU A 220 31.74 22.97 12.48
C LEU A 220 30.60 22.36 13.29
N SER A 221 29.36 22.57 12.87
CA SER A 221 28.24 21.69 13.20
C SER A 221 27.22 21.72 12.07
N SER A 222 27.36 22.71 11.18
CA SER A 222 26.26 23.15 10.33
C SER A 222 25.91 22.11 9.27
N ARG A 223 24.72 22.25 8.71
CA ARG A 223 24.26 21.38 7.66
C ARG A 223 23.63 22.21 6.55
N ILE A 224 23.54 21.60 5.37
CA ILE A 224 22.80 22.16 4.24
C ILE A 224 21.71 21.18 3.87
N SER A 225 20.62 21.69 3.30
CA SER A 225 19.50 20.86 2.89
C SER A 225 19.25 21.01 1.40
N ILE A 226 19.02 19.89 0.73
CA ILE A 226 18.96 19.83 -0.73
C ILE A 226 17.51 19.82 -1.17
N TYR A 227 17.16 20.75 -2.05
CA TYR A 227 15.84 20.84 -2.68
C TYR A 227 16.02 20.75 -4.19
N TRP A 228 14.91 20.71 -4.92
CA TRP A 228 14.97 20.45 -6.35
C TRP A 228 13.67 20.89 -7.02
N THR A 229 13.72 20.97 -8.35
CA THR A 229 12.61 21.41 -9.19
C THR A 229 12.66 20.65 -10.51
N ILE A 230 11.50 20.53 -11.15
CA ILE A 230 11.38 19.89 -12.46
C ILE A 230 10.65 20.84 -13.40
N VAL A 231 11.21 21.05 -14.60
CA VAL A 231 10.64 21.93 -15.60
C VAL A 231 10.23 21.10 -16.81
N LYS A 232 8.96 21.22 -17.21
CA LYS A 232 8.32 20.56 -18.32
C LYS A 232 8.63 21.31 -19.62
N PRO A 233 8.40 20.68 -20.79
CA PRO A 233 8.58 21.42 -22.05
C PRO A 233 7.67 22.63 -22.16
N GLY A 234 8.22 23.73 -22.64
CA GLY A 234 7.47 24.97 -22.72
C GLY A 234 7.10 25.56 -21.38
N ASP A 235 8.02 25.50 -20.41
CA ASP A 235 7.79 26.03 -19.08
C ASP A 235 8.98 26.86 -18.66
N VAL A 236 8.73 27.83 -17.79
CA VAL A 236 9.76 28.79 -17.37
C VAL A 236 9.93 28.70 -15.85
N LEU A 237 11.17 28.55 -15.41
CA LEU A 237 11.52 28.51 -14.00
C LEU A 237 12.10 29.85 -13.58
N VAL A 238 11.61 30.39 -12.46
CA VAL A 238 12.13 31.62 -11.88
C VAL A 238 12.62 31.31 -10.48
N ILE A 239 13.87 31.62 -10.21
CA ILE A 239 14.49 31.38 -8.90
C ILE A 239 14.70 32.73 -8.24
N ASN A 240 14.14 32.88 -7.05
CA ASN A 240 14.23 34.12 -6.29
C ASN A 240 14.76 33.79 -4.90
N SER A 241 15.73 34.57 -4.45
CA SER A 241 16.34 34.33 -3.16
C SER A 241 16.64 35.66 -2.48
N ASN A 242 16.45 35.67 -1.17
CA ASN A 242 16.84 36.80 -0.34
C ASN A 242 18.11 36.47 0.45
N GLY A 243 18.38 35.19 0.69
CA GLY A 243 19.59 34.77 1.35
C GLY A 243 19.69 33.25 1.36
N ASN A 244 20.80 32.77 1.92
CA ASN A 244 21.06 31.33 2.13
C ASN A 244 21.00 30.55 0.82
N LEU A 245 21.63 31.08 -0.22
CA LEU A 245 21.52 30.52 -1.55
C LEU A 245 22.66 29.56 -1.86
N ILE A 246 22.30 28.37 -2.35
CA ILE A 246 23.24 27.43 -2.95
C ILE A 246 22.67 27.11 -4.33
N ALA A 247 23.08 27.85 -5.34
CA ALA A 247 22.41 27.76 -6.63
C ALA A 247 23.20 26.90 -7.61
N PRO A 248 22.54 26.14 -8.48
CA PRO A 248 23.26 25.22 -9.36
C PRO A 248 23.90 25.92 -10.54
N ARG A 249 24.90 25.24 -11.11
CA ARG A 249 25.64 25.74 -12.26
C ARG A 249 25.19 25.10 -13.56
N GLY A 250 24.10 24.34 -13.53
CA GLY A 250 23.57 23.72 -14.73
C GLY A 250 22.39 22.86 -14.40
N TYR A 251 21.85 22.20 -15.43
CA TYR A 251 20.70 21.35 -15.28
C TYR A 251 21.04 19.93 -15.68
N PHE A 252 20.42 18.98 -15.00
CA PHE A 252 20.65 17.57 -15.23
C PHE A 252 19.59 17.04 -16.17
N LYS A 253 20.02 16.37 -17.24
CA LYS A 253 19.07 15.75 -18.15
C LYS A 253 18.32 14.62 -17.46
N MET A 254 17.00 14.61 -17.63
CA MET A 254 16.22 13.45 -17.26
C MET A 254 16.26 12.39 -18.36
N ARG A 255 15.71 11.23 -18.03
CA ARG A 255 15.53 10.14 -18.97
C ARG A 255 14.53 9.15 -18.40
N THR A 256 13.44 8.92 -19.12
CA THR A 256 12.43 7.95 -18.71
C THR A 256 12.90 6.56 -19.16
N GLY A 257 13.80 5.97 -18.40
CA GLY A 257 14.40 4.71 -18.77
C GLY A 257 14.26 3.63 -17.73
N LYS A 258 15.31 2.81 -17.57
CA LYS A 258 15.29 1.67 -16.66
C LYS A 258 16.59 1.66 -15.88
N SER A 259 16.56 2.10 -14.62
CA SER A 259 17.76 2.13 -13.79
C SER A 259 17.37 2.05 -12.32
N SER A 260 18.23 1.46 -11.50
CA SER A 260 17.98 1.29 -10.08
C SER A 260 19.22 1.65 -9.28
N ILE A 261 19.09 1.54 -7.95
CA ILE A 261 20.18 1.73 -7.00
C ILE A 261 20.14 0.56 -6.03
N MET A 262 21.30 0.23 -5.45
CA MET A 262 21.38 -0.89 -4.51
C MET A 262 22.43 -0.60 -3.45
N ARG A 263 22.34 -1.33 -2.35
CA ARG A 263 23.28 -1.23 -1.24
C ARG A 263 23.84 -2.61 -0.95
N SER A 264 25.14 -2.77 -1.12
CA SER A 264 25.82 -4.03 -0.86
C SER A 264 27.28 -3.73 -0.55
N ASP A 265 28.11 -4.78 -0.50
CA ASP A 265 29.51 -4.59 -0.15
C ASP A 265 30.45 -5.47 -0.98
N ALA A 266 29.92 -6.23 -1.97
CA ALA A 266 30.75 -7.11 -2.76
C ALA A 266 31.59 -6.32 -3.76
N PRO A 267 32.79 -6.80 -4.10
CA PRO A 267 33.62 -6.13 -5.11
C PRO A 267 33.17 -6.41 -6.54
N ILE A 268 33.96 -5.95 -7.52
CA ILE A 268 33.57 -5.93 -8.92
C ILE A 268 34.35 -7.00 -9.69
N ASP A 269 33.62 -7.80 -10.47
CA ASP A 269 34.23 -8.84 -11.30
C ASP A 269 33.76 -8.70 -12.74
N THR A 270 34.09 -9.67 -13.59
CA THR A 270 33.73 -9.66 -15.00
C THR A 270 32.90 -10.89 -15.32
N CYS A 271 31.64 -10.67 -15.74
CA CYS A 271 30.74 -11.75 -16.09
C CYS A 271 29.83 -11.28 -17.22
N ILE A 272 28.86 -12.12 -17.56
CA ILE A 272 27.67 -11.70 -18.31
C ILE A 272 26.49 -12.18 -17.48
N SER A 273 26.01 -11.32 -16.58
CA SER A 273 24.96 -11.67 -15.65
C SER A 273 23.92 -10.57 -15.60
N GLU A 274 22.64 -10.96 -15.60
CA GLU A 274 21.53 -10.01 -15.67
C GLU A 274 20.94 -9.68 -14.31
N CYS A 275 20.91 -10.63 -13.38
CA CYS A 275 20.31 -10.41 -12.08
C CYS A 275 21.37 -10.01 -11.06
N ILE A 276 21.14 -8.88 -10.39
CA ILE A 276 22.07 -8.38 -9.39
C ILE A 276 21.29 -8.16 -8.10
N THR A 277 21.49 -9.05 -7.11
CA THR A 277 20.99 -8.91 -5.76
C THR A 277 22.12 -8.51 -4.84
N PRO A 278 21.85 -7.76 -3.77
CA PRO A 278 22.93 -7.46 -2.81
C PRO A 278 23.31 -8.72 -2.07
N ASN A 279 24.57 -8.75 -1.62
CA ASN A 279 25.20 -9.92 -1.02
C ASN A 279 25.16 -11.10 -1.99
N GLY A 280 25.72 -10.86 -3.17
CA GLY A 280 25.83 -11.89 -4.19
C GLY A 280 24.92 -11.71 -5.39
N SER A 281 25.51 -11.51 -6.57
CA SER A 281 24.76 -11.40 -7.81
C SER A 281 24.55 -12.80 -8.37
N ILE A 282 23.29 -13.26 -8.36
CA ILE A 282 22.98 -14.66 -8.64
C ILE A 282 22.36 -14.79 -10.03
N PRO A 283 22.49 -15.94 -10.68
CA PRO A 283 21.80 -16.13 -11.97
C PRO A 283 20.34 -16.49 -11.77
N ASN A 284 19.53 -16.09 -12.77
CA ASN A 284 18.08 -16.30 -12.73
C ASN A 284 17.71 -17.43 -13.67
N ASP A 285 17.65 -18.64 -13.10
CA ASP A 285 17.10 -19.80 -13.79
C ASP A 285 15.97 -20.43 -12.99
N LYS A 286 15.60 -19.83 -11.86
CA LYS A 286 14.56 -20.28 -10.96
C LYS A 286 13.57 -19.15 -10.73
N PRO A 287 12.29 -19.45 -10.49
CA PRO A 287 11.29 -18.40 -10.31
C PRO A 287 11.22 -17.78 -8.93
N PHE A 288 12.03 -18.20 -7.96
CA PHE A 288 11.98 -17.68 -6.61
C PHE A 288 13.40 -17.54 -6.07
N GLN A 289 13.50 -17.08 -4.83
CA GLN A 289 14.80 -16.82 -4.20
C GLN A 289 14.63 -16.81 -2.68
N ASN A 290 15.75 -16.67 -1.99
CA ASN A 290 15.75 -16.39 -0.56
C ASN A 290 16.81 -15.38 -0.13
N VAL A 291 17.55 -14.79 -1.07
CA VAL A 291 18.52 -13.73 -0.82
C VAL A 291 17.69 -12.45 -0.70
N ASN A 292 18.30 -11.35 -0.23
CA ASN A 292 17.62 -10.09 0.13
C ASN A 292 16.61 -9.62 -0.91
N LYS A 293 15.56 -8.97 -0.41
CA LYS A 293 14.41 -8.60 -1.24
C LYS A 293 14.74 -7.48 -2.22
N ILE A 294 15.80 -6.71 -1.97
CA ILE A 294 16.20 -5.68 -2.91
C ILE A 294 16.70 -6.34 -4.18
N THR A 295 16.24 -5.86 -5.33
CA THR A 295 16.46 -6.55 -6.59
C THR A 295 16.46 -5.55 -7.75
N TYR A 296 17.47 -5.65 -8.61
CA TYR A 296 17.51 -4.94 -9.88
C TYR A 296 17.65 -5.94 -11.01
N GLY A 297 16.83 -5.76 -12.04
CA GLY A 297 16.88 -6.62 -13.20
C GLY A 297 15.79 -7.68 -13.19
N ALA A 298 15.64 -8.33 -14.33
CA ALA A 298 14.60 -9.34 -14.50
C ALA A 298 15.04 -10.63 -13.82
N CYS A 299 14.83 -10.68 -12.51
CA CYS A 299 15.17 -11.86 -11.73
C CYS A 299 14.28 -11.89 -10.50
N PRO A 300 14.00 -13.08 -9.94
CA PRO A 300 12.76 -13.28 -9.15
C PRO A 300 12.71 -12.54 -7.82
N LYS A 301 11.59 -12.78 -7.13
CA LYS A 301 11.17 -12.04 -5.94
C LYS A 301 11.31 -12.91 -4.69
N TYR A 302 11.21 -12.25 -3.53
CA TYR A 302 11.45 -12.90 -2.25
C TYR A 302 10.26 -13.77 -1.88
N VAL A 303 10.55 -15.01 -1.49
CA VAL A 303 9.59 -15.85 -0.79
C VAL A 303 10.27 -16.37 0.47
N LYS A 304 9.57 -16.26 1.61
CA LYS A 304 10.18 -16.47 2.92
C LYS A 304 10.54 -17.92 3.22
N GLN A 305 10.11 -18.88 2.40
CA GLN A 305 10.46 -20.27 2.60
C GLN A 305 11.94 -20.51 2.27
N ASN A 306 12.37 -21.76 2.45
CA ASN A 306 13.77 -22.13 2.22
C ASN A 306 13.88 -23.23 1.16
N THR A 307 12.99 -24.22 1.23
CA THR A 307 12.97 -25.34 0.29
C THR A 307 11.57 -25.42 -0.33
N LEU A 308 11.38 -24.75 -1.45
CA LEU A 308 10.13 -24.78 -2.22
C LEU A 308 10.25 -25.69 -3.42
N LYS A 309 10.88 -26.85 -3.27
CA LYS A 309 11.27 -27.66 -4.41
C LYS A 309 10.08 -28.13 -5.23
N LEU A 310 9.96 -27.60 -6.45
CA LEU A 310 8.96 -28.08 -7.38
C LEU A 310 9.33 -29.49 -7.82
N ALA A 311 8.33 -30.36 -7.89
CA ALA A 311 8.57 -31.75 -8.28
C ALA A 311 8.74 -31.80 -9.78
N THR A 312 9.99 -31.94 -10.22
CA THR A 312 10.24 -32.24 -11.63
C THR A 312 10.34 -33.76 -11.73
N GLY A 313 9.34 -34.43 -11.22
CA GLY A 313 9.38 -35.88 -11.14
C GLY A 313 8.18 -36.39 -10.37
N MET A 314 8.23 -37.67 -10.09
CA MET A 314 7.12 -38.39 -9.46
C MET A 314 7.42 -38.66 -8.00
N ARG A 315 6.37 -39.09 -7.28
CA ARG A 315 6.50 -39.42 -5.86
C ARG A 315 7.47 -40.58 -5.66
N ASN A 316 8.40 -40.40 -4.74
CA ASN A 316 9.46 -41.40 -4.54
C ASN A 316 8.91 -42.66 -3.91
N VAL A 317 9.24 -43.79 -4.51
CA VAL A 317 8.99 -45.10 -3.89
C VAL A 317 10.35 -45.74 -3.65
N PRO A 318 10.90 -45.63 -2.44
CA PRO A 318 12.18 -46.29 -2.15
C PRO A 318 12.07 -47.80 -2.26
N GLU A 319 13.18 -48.43 -2.63
CA GLU A 319 13.19 -49.79 -3.13
C GLU A 319 12.92 -50.83 -2.05
N LYS A 320 11.66 -50.94 -1.64
CA LYS A 320 11.27 -52.00 -0.72
C LYS A 320 11.19 -53.33 -1.47
N GLN A 321 11.80 -54.37 -0.90
CA GLN A 321 12.46 -54.41 0.39
C GLN A 321 13.91 -54.86 0.24
N THR A 322 14.57 -55.11 1.37
CA THR A 322 15.96 -55.56 1.39
C THR A 322 16.11 -56.96 0.82
N GLY B 1 -1.69 -40.34 -7.83
CA GLY B 1 -2.36 -39.31 -7.05
C GLY B 1 -3.81 -39.63 -6.75
N LEU B 2 -4.71 -38.74 -7.19
CA LEU B 2 -6.13 -38.93 -6.96
C LEU B 2 -6.68 -40.11 -7.73
N PHE B 3 -6.03 -40.51 -8.82
CA PHE B 3 -6.40 -41.74 -9.52
C PHE B 3 -5.85 -42.96 -8.80
N GLY B 4 -4.99 -42.79 -7.82
CA GLY B 4 -4.42 -43.90 -7.08
C GLY B 4 -3.33 -44.66 -7.79
N ALA B 5 -2.78 -44.10 -8.88
CA ALA B 5 -1.86 -44.85 -9.73
C ALA B 5 -0.54 -45.13 -9.03
N ILE B 6 0.18 -44.08 -8.66
CA ILE B 6 1.51 -44.19 -8.07
C ILE B 6 1.37 -44.21 -6.56
N ALA B 7 2.01 -45.21 -5.93
CA ALA B 7 1.96 -45.49 -4.49
C ALA B 7 0.56 -45.73 -3.97
N GLY B 8 -0.37 -46.13 -4.83
CA GLY B 8 -1.65 -46.61 -4.38
C GLY B 8 -1.70 -48.12 -4.53
N PHE B 9 -1.14 -48.61 -5.62
CA PHE B 9 -1.06 -50.05 -5.84
C PHE B 9 0.25 -50.55 -6.45
N ILE B 10 1.22 -49.68 -6.73
CA ILE B 10 2.58 -50.11 -7.08
C ILE B 10 3.47 -49.76 -5.89
N GLU B 11 4.07 -50.78 -5.28
CA GLU B 11 4.77 -50.61 -4.01
C GLU B 11 6.27 -50.41 -4.17
N ASN B 12 6.81 -50.45 -5.38
CA ASN B 12 8.24 -50.30 -5.60
C ASN B 12 8.58 -49.89 -7.03
N GLY B 13 9.52 -48.95 -7.17
CA GLY B 13 10.07 -48.60 -8.46
C GLY B 13 11.26 -49.47 -8.79
N TRP B 14 12.11 -49.01 -9.72
CA TRP B 14 13.29 -49.78 -10.09
C TRP B 14 14.47 -48.86 -10.27
N GLU B 15 15.67 -49.45 -10.17
CA GLU B 15 16.92 -48.70 -10.20
C GLU B 15 17.61 -48.71 -11.56
N GLY B 16 17.25 -49.63 -12.44
CA GLY B 16 17.86 -49.68 -13.76
C GLY B 16 17.40 -48.59 -14.70
N MET B 17 16.36 -47.84 -14.34
CA MET B 17 15.83 -46.78 -15.18
C MET B 17 16.70 -45.54 -15.02
N ILE B 18 17.53 -45.27 -16.02
CA ILE B 18 18.29 -44.03 -16.11
C ILE B 18 17.98 -43.26 -17.38
N ASP B 19 17.29 -43.85 -18.34
CA ASP B 19 17.03 -43.24 -19.63
C ASP B 19 15.59 -42.79 -19.81
N GLY B 20 14.76 -42.91 -18.80
CA GLY B 20 13.37 -42.55 -18.94
C GLY B 20 12.65 -42.57 -17.62
N TRP B 21 11.32 -42.39 -17.69
CA TRP B 21 10.48 -42.29 -16.50
C TRP B 21 9.53 -43.46 -16.34
N TYR B 22 8.81 -43.83 -17.39
CA TYR B 22 7.72 -44.80 -17.28
C TYR B 22 8.17 -46.09 -17.99
N GLY B 23 8.85 -46.94 -17.24
CA GLY B 23 9.45 -48.11 -17.84
C GLY B 23 8.46 -49.20 -18.16
N PHE B 24 8.94 -50.18 -18.92
CA PHE B 24 8.16 -51.33 -19.34
C PHE B 24 8.98 -52.57 -19.00
N ARG B 25 8.86 -53.04 -17.77
CA ARG B 25 9.57 -54.24 -17.35
C ARG B 25 8.77 -55.48 -17.72
N HIS B 26 9.48 -56.59 -17.89
CA HIS B 26 8.81 -57.81 -18.31
C HIS B 26 9.66 -59.02 -17.93
N GLN B 27 9.01 -60.18 -17.98
CA GLN B 27 9.69 -61.45 -17.84
C GLN B 27 9.08 -62.40 -18.87
N ASN B 28 9.93 -62.98 -19.71
CA ASN B 28 9.50 -63.86 -20.78
C ASN B 28 10.40 -65.10 -20.80
N SER B 29 10.21 -65.94 -21.80
CA SER B 29 11.05 -67.12 -21.95
C SER B 29 12.42 -66.76 -22.54
N GLU B 30 12.55 -65.58 -23.14
CA GLU B 30 13.81 -65.12 -23.69
C GLU B 30 14.66 -64.35 -22.68
N GLY B 31 14.15 -64.15 -21.48
CA GLY B 31 14.94 -63.50 -20.44
C GLY B 31 14.34 -62.21 -19.93
N THR B 32 14.78 -61.77 -18.75
CA THR B 32 14.33 -60.50 -18.20
C THR B 32 14.86 -59.33 -19.03
N GLY B 33 13.99 -58.37 -19.28
CA GLY B 33 14.33 -57.22 -20.10
C GLY B 33 13.91 -55.93 -19.43
N GLN B 34 14.22 -54.82 -20.10
CA GLN B 34 13.91 -53.49 -19.59
C GLN B 34 13.98 -52.52 -20.75
N ALA B 35 12.87 -51.86 -21.07
CA ALA B 35 12.81 -50.99 -22.24
C ALA B 35 11.95 -49.79 -21.92
N ALA B 36 12.55 -48.60 -21.90
CA ALA B 36 11.80 -47.39 -21.61
C ALA B 36 10.97 -47.00 -22.81
N ASP B 37 9.65 -46.93 -22.62
CA ASP B 37 8.74 -46.50 -23.68
C ASP B 37 8.96 -45.02 -23.96
N LEU B 38 9.50 -44.70 -25.12
CA LEU B 38 9.94 -43.34 -25.40
C LEU B 38 8.78 -42.37 -25.56
N LYS B 39 7.71 -42.78 -26.25
CA LYS B 39 6.64 -41.85 -26.56
C LYS B 39 5.82 -41.49 -25.31
N SER B 40 5.74 -42.41 -24.35
CA SER B 40 4.94 -42.14 -23.15
C SER B 40 5.60 -41.10 -22.26
N THR B 41 6.91 -41.23 -22.05
CA THR B 41 7.60 -40.23 -21.24
C THR B 41 7.76 -38.92 -21.99
N GLN B 42 7.94 -38.96 -23.31
CA GLN B 42 8.25 -37.76 -24.07
C GLN B 42 7.09 -36.77 -24.03
N ALA B 43 5.86 -37.28 -24.10
CA ALA B 43 4.69 -36.43 -23.90
C ALA B 43 4.65 -35.92 -22.47
N ALA B 44 5.07 -36.75 -21.51
CA ALA B 44 5.05 -36.33 -20.11
C ALA B 44 6.04 -35.21 -19.85
N ILE B 45 7.26 -35.31 -20.40
CA ILE B 45 8.21 -34.22 -20.25
C ILE B 45 7.74 -32.98 -21.00
N ASP B 46 7.07 -33.15 -22.14
CA ASP B 46 6.45 -32.01 -22.80
C ASP B 46 5.39 -31.36 -21.92
N GLN B 47 4.72 -32.15 -21.08
CA GLN B 47 3.71 -31.58 -20.20
C GLN B 47 4.35 -30.84 -19.02
N ILE B 48 5.43 -31.38 -18.46
CA ILE B 48 5.92 -30.78 -17.21
C ILE B 48 6.91 -29.67 -17.54
N ASN B 49 7.59 -29.74 -18.69
CA ASN B 49 8.21 -28.53 -19.21
C ASN B 49 7.17 -27.57 -19.75
N GLY B 50 5.96 -28.05 -20.02
CA GLY B 50 4.88 -27.15 -20.37
C GLY B 50 4.53 -26.20 -19.25
N LYS B 51 4.68 -26.68 -18.00
CA LYS B 51 4.43 -25.80 -16.85
C LYS B 51 5.73 -25.22 -16.31
N LEU B 52 6.89 -25.72 -16.76
CA LEU B 52 8.16 -25.27 -16.18
C LEU B 52 8.59 -23.94 -16.76
N ASN B 53 8.70 -23.84 -18.09
CA ASN B 53 8.94 -22.52 -18.67
C ASN B 53 7.75 -21.59 -18.56
N ARG B 54 6.57 -22.10 -18.18
CA ARG B 54 5.48 -21.22 -17.78
C ARG B 54 5.84 -20.45 -16.51
N VAL B 55 6.46 -21.12 -15.52
CA VAL B 55 6.78 -20.45 -14.28
C VAL B 55 8.20 -19.88 -14.31
N ILE B 56 9.01 -20.24 -15.31
CA ILE B 56 10.33 -19.62 -15.46
C ILE B 56 10.20 -18.12 -15.68
N GLU B 57 9.27 -17.71 -16.53
CA GLU B 57 8.92 -16.29 -16.68
C GLU B 57 7.85 -15.90 -15.66
N LYS B 58 8.27 -15.88 -14.39
CA LYS B 58 7.45 -15.39 -13.28
C LYS B 58 8.28 -14.47 -12.38
N THR B 59 9.35 -13.90 -12.92
CA THR B 59 10.19 -12.97 -12.21
C THR B 59 9.65 -11.55 -12.36
N ASN B 60 9.89 -10.73 -11.34
CA ASN B 60 9.52 -9.34 -11.42
C ASN B 60 10.51 -8.58 -12.28
N GLU B 61 10.00 -7.87 -13.28
CA GLU B 61 10.83 -7.09 -14.18
C GLU B 61 10.99 -5.64 -13.73
N LYS B 62 10.93 -5.40 -12.43
CA LYS B 62 10.95 -4.05 -11.90
C LYS B 62 12.36 -3.48 -11.99
N PHE B 63 12.51 -2.36 -12.69
CA PHE B 63 13.78 -1.67 -12.79
C PHE B 63 13.94 -0.56 -11.78
N HIS B 64 12.90 -0.26 -11.01
CA HIS B 64 13.00 0.71 -9.92
C HIS B 64 11.83 0.46 -8.96
N GLN B 65 12.14 0.35 -7.66
CA GLN B 65 11.14 0.04 -6.65
C GLN B 65 11.26 0.97 -5.46
N ILE B 66 10.59 0.60 -4.37
CA ILE B 66 10.62 1.38 -3.14
C ILE B 66 11.62 0.73 -2.19
N GLU B 67 11.93 1.42 -1.09
CA GLU B 67 12.85 0.91 -0.10
C GLU B 67 12.30 -0.35 0.56
N LYS B 68 13.18 -1.33 0.75
CA LYS B 68 12.78 -2.67 1.16
C LYS B 68 13.23 -2.99 2.58
N GLU B 69 14.24 -2.30 3.10
CA GLU B 69 14.70 -2.46 4.48
C GLU B 69 15.19 -1.10 4.95
N PHE B 70 15.13 -0.89 6.27
CA PHE B 70 15.28 0.43 6.85
C PHE B 70 16.24 0.39 8.03
N SER B 71 16.94 1.50 8.24
CA SER B 71 17.84 1.66 9.37
C SER B 71 17.35 2.73 10.33
N GLU B 72 16.06 3.06 10.26
CA GLU B 72 15.46 4.09 11.11
C GLU B 72 13.96 3.87 11.13
N VAL B 73 13.34 4.15 12.27
CA VAL B 73 11.90 4.02 12.45
C VAL B 73 11.30 5.41 12.52
N GLU B 74 10.26 5.65 11.73
CA GLU B 74 9.61 6.96 11.71
C GLU B 74 8.09 6.91 11.84
N GLY B 75 7.50 5.72 11.93
CA GLY B 75 6.10 5.65 12.30
C GLY B 75 5.09 5.31 11.22
N ARG B 76 4.22 6.27 10.90
CA ARG B 76 3.03 6.00 10.11
C ARG B 76 3.37 5.60 8.67
N ILE B 77 4.20 6.39 8.00
CA ILE B 77 4.59 6.06 6.63
C ILE B 77 5.54 4.88 6.64
N GLN B 78 6.34 4.74 7.70
CA GLN B 78 7.22 3.59 7.86
C GLN B 78 6.42 2.30 8.00
N ASP B 79 5.38 2.33 8.83
CA ASP B 79 4.59 1.13 9.06
C ASP B 79 3.78 0.76 7.83
N LEU B 80 3.26 1.75 7.10
CA LEU B 80 2.54 1.47 5.86
C LEU B 80 3.46 0.87 4.81
N GLU B 81 4.69 1.41 4.70
CA GLU B 81 5.66 0.83 3.77
C GLU B 81 6.04 -0.58 4.20
N LYS B 82 6.17 -0.81 5.50
CA LYS B 82 6.42 -2.15 6.00
C LYS B 82 5.19 -3.05 5.85
N TYR B 83 3.99 -2.49 6.00
CA TYR B 83 2.78 -3.31 5.88
C TYR B 83 2.57 -3.75 4.44
N VAL B 84 2.76 -2.84 3.48
CA VAL B 84 2.64 -3.17 2.08
C VAL B 84 3.73 -4.16 1.67
N GLU B 85 4.95 -3.95 2.18
CA GLU B 85 6.04 -4.88 1.89
C GLU B 85 5.81 -6.21 2.56
N ASP B 86 5.23 -6.22 3.76
CA ASP B 86 4.90 -7.48 4.41
C ASP B 86 3.80 -8.20 3.64
N THR B 87 2.66 -7.53 3.44
CA THR B 87 1.49 -8.17 2.84
C THR B 87 1.75 -8.63 1.41
N LYS B 88 2.68 -8.00 0.72
CA LYS B 88 3.13 -8.55 -0.56
C LYS B 88 3.84 -9.88 -0.35
N ILE B 89 4.65 -9.97 0.71
CA ILE B 89 5.45 -11.17 0.94
C ILE B 89 4.56 -12.35 1.37
N ASP B 90 3.61 -12.13 2.30
CA ASP B 90 2.71 -13.23 2.64
C ASP B 90 1.82 -13.62 1.46
N LEU B 91 1.38 -12.66 0.66
CA LEU B 91 0.58 -13.02 -0.52
C LEU B 91 1.42 -13.80 -1.53
N TRP B 92 2.66 -13.38 -1.77
CA TRP B 92 3.49 -14.09 -2.73
C TRP B 92 4.00 -15.41 -2.17
N SER B 93 4.35 -15.45 -0.87
CA SER B 93 4.78 -16.71 -0.26
C SER B 93 3.64 -17.72 -0.23
N TYR B 94 2.43 -17.25 0.07
CA TYR B 94 1.26 -18.10 -0.07
C TYR B 94 1.09 -18.54 -1.52
N ASN B 95 1.20 -17.59 -2.46
CA ASN B 95 1.07 -17.94 -3.87
C ASN B 95 2.18 -18.85 -4.33
N ALA B 96 3.40 -18.68 -3.79
CA ALA B 96 4.46 -19.65 -4.02
C ALA B 96 4.11 -20.99 -3.41
N GLU B 97 3.66 -20.98 -2.15
CA GLU B 97 3.28 -22.22 -1.47
C GLU B 97 2.06 -22.84 -2.13
N LEU B 98 1.11 -22.00 -2.56
CA LEU B 98 -0.04 -22.54 -3.29
C LEU B 98 0.38 -23.09 -4.64
N LEU B 99 1.29 -22.42 -5.35
CA LEU B 99 1.74 -22.93 -6.64
C LEU B 99 2.52 -24.22 -6.49
N VAL B 100 3.43 -24.29 -5.53
CA VAL B 100 4.19 -25.52 -5.30
C VAL B 100 3.26 -26.65 -4.89
N ALA B 101 2.29 -26.36 -4.03
CA ALA B 101 1.33 -27.38 -3.60
C ALA B 101 0.41 -27.81 -4.74
N LEU B 102 -0.06 -26.86 -5.55
CA LEU B 102 -0.95 -27.23 -6.64
C LEU B 102 -0.23 -28.02 -7.73
N GLU B 103 0.91 -27.51 -8.19
CA GLU B 103 1.65 -28.24 -9.22
C GLU B 103 2.25 -29.55 -8.73
N ASN B 104 2.62 -29.66 -7.44
CA ASN B 104 2.98 -30.97 -6.91
C ASN B 104 1.78 -31.91 -6.95
N GLN B 105 0.62 -31.41 -6.51
CA GLN B 105 -0.61 -32.20 -6.62
C GLN B 105 -0.99 -32.41 -8.07
N HIS B 106 -0.67 -31.44 -8.93
CA HIS B 106 -0.84 -31.65 -10.37
C HIS B 106 0.12 -32.72 -10.88
N THR B 107 1.41 -32.62 -10.53
CA THR B 107 2.42 -33.52 -11.08
C THR B 107 2.22 -34.95 -10.62
N ILE B 108 1.87 -35.15 -9.34
CA ILE B 108 1.55 -36.50 -8.87
C ILE B 108 0.30 -37.00 -9.56
N ASP B 109 -0.66 -36.11 -9.82
CA ASP B 109 -1.80 -36.50 -10.64
C ASP B 109 -1.44 -36.61 -12.11
N LEU B 110 -0.48 -35.81 -12.59
CA LEU B 110 -0.07 -35.89 -13.98
C LEU B 110 0.58 -37.23 -14.30
N THR B 111 1.59 -37.63 -13.52
CA THR B 111 2.12 -38.99 -13.64
C THR B 111 1.10 -40.02 -13.19
N ASP B 112 0.19 -39.63 -12.29
CA ASP B 112 -0.96 -40.47 -12.02
C ASP B 112 -1.85 -40.61 -13.24
N SER B 113 -2.01 -39.53 -14.01
CA SER B 113 -2.81 -39.60 -15.22
C SER B 113 -2.11 -40.42 -16.29
N GLU B 114 -0.80 -40.22 -16.48
CA GLU B 114 -0.09 -40.94 -17.54
C GLU B 114 -0.01 -42.43 -17.24
N MET B 115 -0.03 -42.81 -15.97
CA MET B 115 0.00 -44.23 -15.64
C MET B 115 -1.31 -44.90 -16.02
N ASN B 116 -2.44 -44.27 -15.69
CA ASN B 116 -3.73 -44.78 -16.19
C ASN B 116 -3.83 -44.67 -17.70
N LYS B 117 -3.29 -43.59 -18.28
CA LYS B 117 -3.28 -43.47 -19.73
C LYS B 117 -2.43 -44.56 -20.35
N LEU B 118 -1.31 -44.91 -19.72
CA LEU B 118 -0.57 -46.09 -20.15
C LEU B 118 -1.33 -47.36 -19.81
N PHE B 119 -2.06 -47.36 -18.69
CA PHE B 119 -2.86 -48.53 -18.32
C PHE B 119 -3.99 -48.76 -19.31
N GLU B 120 -4.77 -47.71 -19.59
CA GLU B 120 -5.89 -47.85 -20.50
C GLU B 120 -5.44 -48.15 -21.92
N LYS B 121 -4.35 -47.51 -22.38
CA LYS B 121 -3.82 -47.80 -23.71
C LYS B 121 -3.35 -49.24 -23.80
N THR B 122 -2.76 -49.76 -22.72
CA THR B 122 -2.44 -51.18 -22.69
C THR B 122 -3.70 -52.02 -22.55
N ARG B 123 -4.72 -51.50 -21.87
CA ARG B 123 -5.99 -52.21 -21.78
C ARG B 123 -6.72 -52.17 -23.12
N ARG B 124 -7.01 -50.97 -23.61
CA ARG B 124 -7.84 -50.81 -24.81
C ARG B 124 -7.17 -51.36 -26.06
N GLN B 125 -5.85 -51.53 -26.06
CA GLN B 125 -5.23 -52.25 -27.15
C GLN B 125 -5.52 -53.74 -27.09
N LEU B 126 -5.86 -54.27 -25.91
CA LEU B 126 -6.19 -55.68 -25.80
C LEU B 126 -7.66 -55.89 -25.41
N ARG B 127 -8.07 -55.40 -24.25
CA ARG B 127 -9.45 -55.30 -23.76
C ARG B 127 -10.18 -56.65 -23.59
N GLU B 128 -9.52 -57.74 -23.99
CA GLU B 128 -9.97 -59.09 -23.68
C GLU B 128 -8.80 -59.98 -23.29
N ASN B 129 -7.58 -59.45 -23.27
CA ASN B 129 -6.34 -60.19 -23.07
C ASN B 129 -5.52 -59.68 -21.91
N ALA B 130 -5.48 -58.37 -21.69
CA ALA B 130 -4.71 -57.79 -20.59
C ALA B 130 -5.60 -57.65 -19.36
N GLU B 131 -5.95 -58.79 -18.79
CA GLU B 131 -6.72 -58.81 -17.56
C GLU B 131 -5.84 -58.36 -16.40
N GLU B 132 -6.33 -57.40 -15.63
CA GLU B 132 -5.53 -56.77 -14.59
C GLU B 132 -5.26 -57.73 -13.44
N MET B 133 -4.33 -57.34 -12.58
CA MET B 133 -4.03 -58.06 -11.36
C MET B 133 -4.17 -57.21 -10.10
N GLY B 134 -4.26 -55.89 -10.23
CA GLY B 134 -4.41 -55.00 -9.10
C GLY B 134 -3.12 -54.54 -8.47
N ASN B 135 -1.98 -55.06 -8.91
CA ASN B 135 -0.68 -54.68 -8.36
C ASN B 135 -0.08 -53.54 -9.20
N GLY B 136 -0.90 -52.95 -10.07
CA GLY B 136 -0.39 -51.95 -10.99
C GLY B 136 0.51 -52.49 -12.06
N CYS B 137 0.46 -53.78 -12.31
CA CYS B 137 1.30 -54.38 -13.33
C CYS B 137 0.48 -55.51 -13.96
N PHE B 138 0.48 -55.53 -15.28
CA PHE B 138 -0.52 -56.28 -16.03
C PHE B 138 -0.16 -57.76 -16.09
N LYS B 139 -0.89 -58.49 -16.90
CA LYS B 139 -0.66 -59.90 -17.13
C LYS B 139 -1.21 -60.23 -18.51
N ILE B 140 -0.33 -60.55 -19.44
CA ILE B 140 -0.74 -60.92 -20.79
C ILE B 140 -0.81 -62.44 -20.89
N TYR B 141 -1.94 -62.94 -21.36
CA TYR B 141 -2.29 -64.35 -21.26
C TYR B 141 -1.93 -65.17 -22.49
N HIS B 142 -1.22 -64.60 -23.47
CA HIS B 142 -0.80 -65.39 -24.63
C HIS B 142 0.72 -65.53 -24.65
N LYS B 143 1.21 -66.35 -25.59
CA LYS B 143 2.64 -66.51 -25.76
C LYS B 143 3.26 -65.22 -26.29
N CYS B 144 4.45 -64.89 -25.80
CA CYS B 144 5.00 -63.56 -25.96
C CYS B 144 6.50 -63.67 -26.16
N ASP B 145 7.05 -62.80 -27.00
CA ASP B 145 8.47 -62.84 -27.36
C ASP B 145 8.98 -61.41 -27.43
N ASN B 146 10.14 -61.20 -28.07
CA ASN B 146 10.65 -59.84 -28.24
C ASN B 146 9.86 -59.05 -29.27
N ALA B 147 9.05 -59.72 -30.10
CA ALA B 147 8.18 -59.00 -31.02
C ALA B 147 7.00 -58.37 -30.29
N CYS B 148 6.69 -58.87 -29.10
CA CYS B 148 5.66 -58.28 -28.24
C CYS B 148 6.02 -56.85 -27.85
N ILE B 149 7.14 -56.72 -27.16
CA ILE B 149 7.52 -55.47 -26.51
C ILE B 149 7.79 -54.39 -27.56
N GLU B 150 8.47 -54.76 -28.65
CA GLU B 150 8.78 -53.80 -29.71
C GLU B 150 7.54 -53.31 -30.45
N SER B 151 6.43 -54.04 -30.35
CA SER B 151 5.17 -53.59 -30.90
C SER B 151 4.37 -52.75 -29.90
N ILE B 152 4.25 -53.22 -28.67
CA ILE B 152 3.44 -52.54 -27.66
C ILE B 152 4.08 -51.20 -27.28
N ARG B 153 5.40 -51.11 -27.34
CA ARG B 153 6.09 -49.84 -27.09
C ARG B 153 5.70 -48.78 -28.11
N ASN B 154 5.59 -49.17 -29.38
CA ASN B 154 5.09 -48.27 -30.41
C ASN B 154 3.57 -48.31 -30.44
N GLY B 155 2.98 -47.60 -31.39
CA GLY B 155 1.53 -47.51 -31.47
C GLY B 155 0.86 -48.69 -32.15
N THR B 156 1.61 -49.50 -32.89
CA THR B 156 1.03 -50.56 -33.69
C THR B 156 1.04 -51.89 -32.93
N TYR B 157 -0.13 -52.51 -32.85
CA TYR B 157 -0.29 -53.82 -32.21
C TYR B 157 -1.61 -54.41 -32.64
N ASP B 158 -1.58 -55.58 -33.26
CA ASP B 158 -2.79 -56.24 -33.70
C ASP B 158 -3.45 -56.96 -32.53
N HIS B 159 -4.79 -56.87 -32.48
CA HIS B 159 -5.57 -57.56 -31.47
C HIS B 159 -6.59 -58.49 -32.12
N ASP B 160 -6.17 -59.18 -33.19
CA ASP B 160 -7.07 -60.09 -33.86
C ASP B 160 -6.45 -61.48 -33.96
N VAL B 161 -5.12 -61.55 -34.06
CA VAL B 161 -4.45 -62.85 -34.07
C VAL B 161 -4.14 -63.32 -32.66
N TYR B 162 -4.08 -62.40 -31.69
CA TYR B 162 -3.84 -62.74 -30.30
C TYR B 162 -5.11 -62.73 -29.45
N ARG B 163 -6.23 -62.28 -30.01
CA ARG B 163 -7.48 -62.27 -29.27
C ARG B 163 -8.03 -63.67 -29.07
N ASP B 164 -7.89 -64.53 -30.07
CA ASP B 164 -8.42 -65.89 -30.03
C ASP B 164 -7.65 -66.81 -29.10
N GLU B 165 -6.50 -66.38 -28.59
CA GLU B 165 -5.69 -67.20 -27.70
C GLU B 165 -5.82 -66.83 -26.23
N ALA B 166 -5.88 -65.54 -25.91
CA ALA B 166 -5.87 -65.14 -24.50
C ALA B 166 -7.25 -65.27 -23.86
N LEU B 167 -8.31 -65.39 -24.66
CA LEU B 167 -9.61 -65.75 -24.09
C LEU B 167 -9.70 -67.23 -23.79
N ASN B 168 -8.80 -68.04 -24.36
CA ASN B 168 -8.84 -69.47 -24.12
C ASN B 168 -8.34 -69.83 -22.73
N ASN B 169 -7.24 -69.21 -22.30
CA ASN B 169 -6.65 -69.56 -21.02
C ASN B 169 -7.20 -68.75 -19.85
N ARG B 170 -8.04 -67.76 -20.12
CA ARG B 170 -8.89 -67.19 -19.09
C ARG B 170 -10.05 -68.14 -18.76
N PHE B 171 -10.44 -68.97 -19.72
CA PHE B 171 -11.47 -69.98 -19.52
C PHE B 171 -10.88 -71.25 -18.94
N GLN B 172 -11.49 -71.75 -17.86
CA GLN B 172 -11.19 -73.06 -17.31
C GLN B 172 -12.44 -73.92 -17.45
N ILE B 173 -12.40 -74.88 -18.37
CA ILE B 173 -13.56 -75.73 -18.62
C ILE B 173 -13.76 -76.69 -17.47
N LYS B 174 -15.01 -76.82 -17.02
CA LYS B 174 -15.35 -77.66 -15.88
C LYS B 174 -15.60 -79.08 -16.36
N GLY B 175 -14.84 -80.03 -15.82
CA GLY B 175 -14.99 -81.43 -16.21
C GLY B 175 -13.67 -82.15 -16.37
N SER C 1 53.68 33.14 8.97
CA SER C 1 54.67 34.17 8.73
C SER C 1 54.51 34.76 7.33
N LEU C 2 54.59 33.90 6.31
CA LEU C 2 54.41 34.37 4.94
C LEU C 2 52.94 34.60 4.62
N GLU C 3 52.04 33.80 5.22
CA GLU C 3 50.62 33.93 4.92
C GLU C 3 50.04 35.22 5.51
N ILE C 4 50.44 35.57 6.72
CA ILE C 4 49.90 36.76 7.37
C ILE C 4 50.39 38.02 6.69
N GLU C 5 51.65 38.02 6.23
CA GLU C 5 52.19 39.18 5.53
C GLU C 5 51.57 39.32 4.14
N GLU C 6 51.34 38.20 3.45
CA GLU C 6 50.71 38.24 2.14
C GLU C 6 49.28 38.75 2.21
N LEU C 7 48.53 38.31 3.23
CA LEU C 7 47.19 38.84 3.45
C LEU C 7 47.24 40.30 3.86
N ALA C 8 48.29 40.70 4.59
CA ALA C 8 48.48 42.10 4.90
C ALA C 8 48.78 42.91 3.64
N ARG C 9 49.60 42.36 2.75
CA ARG C 9 49.83 43.01 1.46
C ARG C 9 48.57 42.98 0.61
N PHE C 10 47.76 41.92 0.73
CA PHE C 10 46.44 41.92 0.11
C PHE C 10 45.54 42.98 0.74
N ALA C 11 45.64 43.14 2.06
CA ALA C 11 44.75 44.07 2.76
C ALA C 11 45.04 45.51 2.37
N VAL C 12 46.31 45.86 2.20
CA VAL C 12 46.65 47.25 1.92
C VAL C 12 46.31 47.62 0.48
N ASP C 13 46.59 46.73 -0.49
CA ASP C 13 46.39 47.11 -1.88
C ASP C 13 44.93 47.01 -2.29
N GLU C 14 44.16 46.07 -1.71
CA GLU C 14 42.71 46.10 -1.90
C GLU C 14 42.09 47.29 -1.18
N HIS C 15 42.69 47.73 -0.07
CA HIS C 15 42.33 49.03 0.46
C HIS C 15 42.72 50.13 -0.52
N ASN C 16 43.97 50.10 -1.00
CA ASN C 16 44.52 51.20 -1.81
C ASN C 16 43.77 51.35 -3.14
N LYS C 17 43.20 50.25 -3.64
CA LYS C 17 42.46 50.30 -4.89
C LYS C 17 41.17 51.10 -4.72
N LYS C 18 40.62 51.12 -3.51
CA LYS C 18 39.26 51.61 -3.33
C LYS C 18 39.20 53.14 -3.18
N GLU C 19 40.04 53.73 -2.33
CA GLU C 19 39.90 55.16 -2.05
C GLU C 19 40.76 56.00 -2.97
N ASN C 20 41.55 55.35 -3.84
CA ASN C 20 42.51 55.99 -4.73
C ASN C 20 43.57 56.77 -3.95
N ALA C 21 44.30 56.06 -3.10
CA ALA C 21 45.49 56.57 -2.42
C ALA C 21 46.55 55.48 -2.34
N LEU C 22 47.63 55.75 -1.61
CA LEU C 22 48.79 54.87 -1.59
C LEU C 22 49.26 54.69 -0.15
N LEU C 23 49.30 53.44 0.31
CA LEU C 23 49.84 53.08 1.61
C LEU C 23 50.83 51.95 1.45
N GLU C 24 51.82 51.89 2.35
CA GLU C 24 52.90 50.91 2.28
C GLU C 24 52.92 50.07 3.55
N PHE C 25 53.07 48.76 3.38
CA PHE C 25 53.10 47.85 4.51
C PHE C 25 54.47 47.89 5.20
N VAL C 26 54.48 47.62 6.50
CA VAL C 26 55.73 47.56 7.25
C VAL C 26 55.89 46.17 7.87
N ARG C 27 55.00 45.82 8.79
CA ARG C 27 55.05 44.54 9.48
C ARG C 27 53.71 44.29 10.16
N VAL C 28 53.53 43.07 10.65
CA VAL C 28 52.30 42.64 11.31
C VAL C 28 52.57 42.50 12.80
N VAL C 29 51.68 43.06 13.62
CA VAL C 29 51.84 43.02 15.07
C VAL C 29 51.19 41.78 15.66
N LYS C 30 49.92 41.54 15.34
CA LYS C 30 49.18 40.43 15.92
C LYS C 30 48.27 39.81 14.87
N ALA C 31 48.20 38.48 14.86
CA ALA C 31 47.34 37.73 13.94
C ALA C 31 46.61 36.68 14.76
N LYS C 32 45.43 37.04 15.26
CA LYS C 32 44.67 36.20 16.18
C LYS C 32 43.46 35.62 15.44
N GLU C 33 43.61 34.38 14.97
CA GLU C 33 42.47 33.66 14.41
C GLU C 33 41.43 33.40 15.50
N GLN C 34 40.17 33.64 15.17
CA GLN C 34 39.10 33.45 16.14
C GLN C 34 38.91 31.97 16.46
N PHE C 35 38.61 31.67 17.72
CA PHE C 35 38.34 30.32 18.17
C PHE C 35 37.09 30.28 19.04
N ASN C 36 36.08 31.07 18.69
CA ASN C 36 34.86 31.15 19.48
C ASN C 36 34.09 29.84 19.45
N TYR C 37 33.65 29.43 18.26
CA TYR C 37 33.04 28.12 18.08
C TYR C 37 33.79 27.26 17.09
N ASP C 38 34.08 27.78 15.90
CA ASP C 38 34.75 26.99 14.86
C ASP C 38 35.48 27.92 13.91
N GLN C 39 36.72 27.56 13.58
CA GLN C 39 37.56 28.32 12.65
C GLN C 39 37.88 27.53 11.39
N TRP C 40 37.34 26.32 11.25
CA TRP C 40 37.76 25.38 10.24
C TRP C 40 36.53 24.78 9.58
N GLN C 41 36.70 24.33 8.33
CA GLN C 41 35.69 23.82 7.38
C GLN C 41 34.81 24.96 6.84
N ASP C 42 35.15 26.21 7.10
CA ASP C 42 34.31 27.35 6.73
C ASP C 42 35.19 28.59 6.70
N TYR C 43 34.55 29.76 6.82
CA TYR C 43 35.23 31.03 6.98
C TYR C 43 36.27 30.96 8.09
N THR C 44 37.46 31.47 7.79
CA THR C 44 38.60 31.38 8.67
C THR C 44 39.21 32.76 8.91
N MET C 45 38.35 33.72 9.27
CA MET C 45 38.72 35.13 9.32
C MET C 45 39.87 35.38 10.29
N TYR C 46 40.87 36.11 9.80
CA TYR C 46 42.07 36.42 10.55
C TYR C 46 41.97 37.84 11.07
N TYR C 47 41.92 37.99 12.38
CA TYR C 47 42.03 39.33 12.97
C TYR C 47 43.46 39.81 12.78
N LEU C 48 43.68 40.68 11.80
CA LEU C 48 45.01 41.11 11.42
C LEU C 48 45.21 42.55 11.87
N THR C 49 46.26 42.78 12.65
CA THR C 49 46.60 44.11 13.15
C THR C 49 47.84 44.60 12.42
N LEU C 50 47.71 45.75 11.75
CA LEU C 50 48.76 46.26 10.89
C LEU C 50 49.07 47.70 11.25
N GLU C 51 50.33 48.09 11.01
CA GLU C 51 50.76 49.47 11.13
C GLU C 51 51.51 49.87 9.88
N ALA C 52 51.29 51.10 9.42
CA ALA C 52 51.86 51.57 8.17
C ALA C 52 52.51 52.93 8.37
N LYS C 53 53.52 53.21 7.56
CA LYS C 53 54.22 54.50 7.55
C LYS C 53 54.01 55.12 6.19
N ASP C 54 52.89 55.82 6.03
CA ASP C 54 52.54 56.45 4.75
C ASP C 54 52.46 57.96 4.85
N GLY C 55 51.98 58.51 5.95
CA GLY C 55 51.96 59.94 6.15
C GLY C 55 53.09 60.39 7.05
N GLY C 56 54.10 59.53 7.19
CA GLY C 56 55.19 59.78 8.11
C GLY C 56 54.90 59.42 9.55
N LYS C 57 53.78 58.75 9.80
CA LYS C 57 53.39 58.37 11.16
C LYS C 57 52.86 56.95 11.15
N LYS C 58 52.89 56.32 12.32
CA LYS C 58 52.40 54.96 12.50
C LYS C 58 50.91 55.00 12.81
N LYS C 59 50.12 54.25 12.03
CA LYS C 59 48.68 54.19 12.21
C LYS C 59 48.25 52.73 12.34
N LEU C 60 47.51 52.43 13.40
CA LEU C 60 47.04 51.06 13.62
C LEU C 60 45.80 50.78 12.78
N TYR C 61 45.67 49.52 12.37
CA TYR C 61 44.53 49.10 11.57
C TYR C 61 44.11 47.69 11.98
N GLU C 62 42.86 47.35 11.66
CA GLU C 62 42.34 46.00 11.88
C GLU C 62 41.47 45.62 10.70
N ALA C 63 41.82 44.54 10.01
CA ALA C 63 41.13 44.09 8.81
C ALA C 63 40.50 42.74 9.06
N LYS C 64 39.21 42.62 8.81
CA LYS C 64 38.49 41.36 8.93
C LYS C 64 38.45 40.70 7.55
N VAL C 65 39.59 40.12 7.18
CA VAL C 65 39.76 39.52 5.85
C VAL C 65 39.01 38.19 5.84
N TRP C 66 37.81 38.21 5.28
CA TRP C 66 36.94 37.04 5.21
C TRP C 66 37.49 36.08 4.16
N VAL C 67 38.33 35.14 4.57
CA VAL C 67 38.95 34.22 3.63
C VAL C 67 38.12 32.95 3.54
N LYS C 68 37.13 32.95 2.65
CA LYS C 68 36.35 31.77 2.38
C LYS C 68 37.12 30.87 1.44
N PHE C 69 37.17 29.58 1.76
CA PHE C 69 37.85 28.62 0.90
C PHE C 69 37.10 28.45 -0.41
N VAL C 70 37.84 28.32 -1.50
CA VAL C 70 37.30 27.94 -2.80
C VAL C 70 37.30 26.42 -2.96
N ASP C 71 36.62 25.94 -3.99
CA ASP C 71 36.89 24.63 -4.52
C ASP C 71 38.27 24.65 -5.19
N SER C 72 38.83 23.46 -5.43
CA SER C 72 40.22 23.32 -5.83
C SER C 72 40.41 23.74 -7.30
N ALA C 73 41.58 23.39 -7.85
CA ALA C 73 42.01 23.83 -9.17
C ALA C 73 41.07 23.41 -10.31
N PHE C 74 40.09 22.54 -10.03
CA PHE C 74 38.97 22.37 -10.94
C PHE C 74 38.19 23.69 -11.11
N GLU C 75 38.16 24.51 -10.07
CA GLU C 75 37.51 25.82 -10.12
C GLU C 75 38.51 26.90 -9.69
N THR C 76 38.03 28.11 -9.40
CA THR C 76 38.91 29.23 -9.13
C THR C 76 39.69 29.04 -7.83
N GLU C 77 40.76 29.81 -7.68
CA GLU C 77 41.64 29.76 -6.52
C GLU C 77 41.87 31.18 -6.01
N ASN C 78 42.63 31.24 -4.91
CA ASN C 78 43.11 32.50 -4.32
C ASN C 78 41.97 33.45 -3.94
N PHE C 79 41.17 33.00 -2.96
CA PHE C 79 40.02 33.78 -2.52
C PHE C 79 40.35 34.57 -1.27
N LYS C 80 40.02 35.86 -1.30
CA LYS C 80 40.15 36.78 -0.18
C LYS C 80 39.40 38.06 -0.53
N GLU C 81 38.76 38.67 0.47
CA GLU C 81 38.15 39.97 0.30
C GLU C 81 38.12 40.69 1.63
N LEU C 82 38.19 42.02 1.59
CA LEU C 82 38.23 42.84 2.79
C LEU C 82 36.81 43.27 3.15
N GLN C 83 36.33 42.83 4.30
CA GLN C 83 35.02 43.25 4.77
C GLN C 83 35.03 44.71 5.21
N GLU C 84 36.01 45.08 6.03
CA GLU C 84 36.10 46.43 6.57
C GLU C 84 37.52 46.66 7.04
N PHE C 85 38.03 47.86 6.81
CA PHE C 85 39.39 48.23 7.18
C PHE C 85 39.29 49.40 8.16
N LYS C 86 39.13 49.09 9.45
CA LYS C 86 39.00 50.14 10.42
C LYS C 86 40.37 50.72 10.79
N PRO C 87 40.43 52.02 11.11
CA PRO C 87 41.67 52.63 11.60
C PRO C 87 41.76 52.60 13.11
N ALA D 1 -23.71 -75.52 -3.33
CA ALA D 1 -24.55 -74.53 -2.65
C ALA D 1 -24.06 -73.14 -3.05
N ASP D 2 -24.82 -72.48 -3.92
CA ASP D 2 -24.48 -71.14 -4.39
C ASP D 2 -25.69 -70.24 -4.26
N PRO D 3 -25.44 -68.99 -3.86
CA PRO D 3 -26.50 -67.99 -3.72
C PRO D 3 -25.97 -66.65 -4.20
N GLY D 4 -26.89 -65.76 -4.54
CA GLY D 4 -26.57 -64.42 -4.99
C GLY D 4 -26.73 -63.46 -3.81
N ALA D 5 -25.63 -62.79 -3.45
CA ALA D 5 -25.62 -61.82 -2.37
C ALA D 5 -25.21 -60.47 -2.92
N THR D 6 -25.10 -59.49 -2.03
CA THR D 6 -24.68 -58.15 -2.41
C THR D 6 -23.79 -57.58 -1.33
N LEU D 7 -22.93 -56.65 -1.74
CA LEU D 7 -22.04 -55.93 -0.86
C LEU D 7 -22.06 -54.47 -1.26
N CYS D 8 -23.25 -53.89 -1.29
CA CYS D 8 -23.41 -52.54 -1.78
C CYS D 8 -22.71 -51.50 -0.91
N LEU D 9 -21.72 -50.82 -1.49
CA LEU D 9 -20.98 -49.77 -0.82
C LEU D 9 -21.79 -48.49 -0.79
N GLY D 10 -21.20 -47.46 -0.20
CA GLY D 10 -21.85 -46.18 -0.09
C GLY D 10 -21.17 -45.32 0.96
N HIS D 11 -21.96 -44.47 1.60
CA HIS D 11 -21.44 -43.50 2.52
C HIS D 11 -22.44 -43.26 3.64
N HIS D 12 -22.21 -42.21 4.43
CA HIS D 12 -23.10 -41.86 5.53
C HIS D 12 -23.89 -40.59 5.19
N ALA D 13 -25.15 -40.57 5.59
CA ALA D 13 -25.99 -39.40 5.45
C ALA D 13 -26.58 -39.02 6.79
N VAL D 14 -26.69 -37.73 7.05
CA VAL D 14 -27.36 -37.21 8.24
C VAL D 14 -28.40 -36.20 7.78
N PRO D 15 -29.62 -36.20 8.34
CA PRO D 15 -30.64 -35.25 7.87
C PRO D 15 -30.56 -33.90 8.58
N ASN D 16 -29.35 -33.39 8.77
CA ASN D 16 -29.12 -32.12 9.44
C ASN D 16 -28.03 -31.31 8.73
N GLY D 17 -27.95 -31.43 7.41
CA GLY D 17 -26.82 -30.90 6.69
C GLY D 17 -26.78 -29.38 6.66
N THR D 18 -25.60 -28.86 6.34
CA THR D 18 -25.35 -27.43 6.28
C THR D 18 -24.88 -27.04 4.88
N LEU D 19 -25.28 -25.85 4.44
CA LEU D 19 -25.03 -25.42 3.07
C LEU D 19 -23.60 -24.89 2.91
N VAL D 20 -22.93 -25.31 1.84
CA VAL D 20 -21.58 -24.88 1.52
C VAL D 20 -21.50 -24.53 0.05
N LYS D 21 -20.47 -23.78 -0.31
CA LYS D 21 -20.30 -23.32 -1.68
C LYS D 21 -19.24 -24.15 -2.41
N THR D 22 -19.32 -24.12 -3.74
CA THR D 22 -18.42 -24.83 -4.63
C THR D 22 -18.20 -23.93 -5.84
N ILE D 23 -17.07 -24.11 -6.54
CA ILE D 23 -16.78 -23.24 -7.68
C ILE D 23 -17.60 -23.59 -8.92
N THR D 24 -18.19 -24.79 -8.98
CA THR D 24 -19.07 -25.16 -10.08
C THR D 24 -20.55 -25.02 -9.74
N ASP D 25 -20.88 -24.58 -8.53
CA ASP D 25 -22.27 -24.42 -8.10
C ASP D 25 -22.38 -23.14 -7.29
N ASP D 26 -23.50 -22.99 -6.59
CA ASP D 26 -23.73 -21.83 -5.75
C ASP D 26 -24.06 -22.19 -4.31
N GLN D 27 -24.88 -23.21 -4.10
CA GLN D 27 -25.29 -23.61 -2.75
C GLN D 27 -25.53 -25.12 -2.77
N ILE D 28 -24.64 -25.87 -2.13
CA ILE D 28 -24.80 -27.31 -1.96
C ILE D 28 -24.61 -27.63 -0.48
N GLU D 29 -25.16 -28.76 -0.06
CA GLU D 29 -25.15 -29.13 1.35
C GLU D 29 -24.40 -30.44 1.55
N VAL D 30 -23.71 -30.53 2.69
CA VAL D 30 -22.79 -31.64 2.98
C VAL D 30 -23.14 -32.29 4.32
N THR D 31 -22.43 -33.36 4.65
CA THR D 31 -22.67 -34.12 5.89
C THR D 31 -22.01 -33.52 7.11
N ASN D 32 -21.07 -32.60 6.94
CA ASN D 32 -20.31 -32.07 8.06
C ASN D 32 -19.69 -30.76 7.62
N ALA D 33 -19.65 -29.79 8.54
CA ALA D 33 -19.08 -28.51 8.19
C ALA D 33 -18.55 -27.85 9.45
N THR D 34 -17.26 -27.51 9.44
CA THR D 34 -16.67 -26.68 10.47
C THR D 34 -16.71 -25.25 9.96
N GLU D 35 -17.17 -24.33 10.80
CA GLU D 35 -17.26 -22.96 10.37
C GLU D 35 -15.89 -22.35 10.58
N LEU D 36 -15.16 -22.16 9.47
CA LEU D 36 -13.88 -21.50 9.53
C LEU D 36 -13.99 -20.04 9.97
N VAL D 37 -15.17 -19.46 9.87
CA VAL D 37 -15.41 -18.12 10.38
C VAL D 37 -15.52 -18.18 11.89
N GLN D 38 -15.24 -17.06 12.55
CA GLN D 38 -15.50 -16.89 13.98
C GLN D 38 -16.21 -15.56 14.13
N SER D 39 -17.55 -15.61 14.25
CA SER D 39 -18.36 -14.43 14.43
C SER D 39 -18.84 -14.25 15.87
N SER D 40 -18.82 -15.32 16.67
CA SER D 40 -19.19 -15.23 18.06
C SER D 40 -18.07 -14.58 18.86
N SER D 41 -18.42 -14.12 20.06
CA SER D 41 -17.45 -13.48 20.94
C SER D 41 -17.92 -13.65 22.38
N THR D 42 -17.03 -14.18 23.23
CA THR D 42 -17.39 -14.38 24.63
C THR D 42 -17.56 -13.06 25.37
N GLY D 43 -16.82 -12.04 24.98
CA GLY D 43 -16.98 -10.73 25.57
C GLY D 43 -16.13 -10.46 26.79
N LYS D 44 -15.15 -11.31 27.09
CA LYS D 44 -14.28 -11.13 28.25
C LYS D 44 -12.83 -11.01 27.79
N ILE D 45 -12.16 -9.96 28.21
CA ILE D 45 -10.73 -9.81 27.96
C ILE D 45 -9.97 -10.50 29.09
N CYS D 46 -9.06 -11.39 28.73
CA CYS D 46 -8.36 -12.22 29.70
C CYS D 46 -6.89 -11.87 29.73
N ASN D 47 -6.28 -11.96 30.91
CA ASN D 47 -4.96 -11.40 31.17
C ASN D 47 -3.85 -12.45 31.19
N ASN D 48 -4.05 -13.59 30.53
CA ASN D 48 -3.03 -14.63 30.46
C ASN D 48 -3.21 -15.39 29.16
N PRO D 49 -2.11 -15.85 28.53
CA PRO D 49 -0.70 -15.75 28.95
C PRO D 49 -0.03 -14.40 28.67
N HIS D 50 -0.49 -13.65 27.67
CA HIS D 50 0.09 -12.34 27.44
C HIS D 50 -0.37 -11.34 28.50
N ARG D 51 0.55 -10.50 28.93
CA ARG D 51 0.27 -9.51 29.97
C ARG D 51 -0.58 -8.39 29.37
N ILE D 52 -1.76 -8.17 29.93
CA ILE D 52 -2.70 -7.18 29.43
C ILE D 52 -2.79 -6.05 30.44
N LEU D 53 -2.43 -4.85 30.01
CA LEU D 53 -2.58 -3.66 30.84
C LEU D 53 -3.87 -2.97 30.43
N ASP D 54 -4.79 -2.85 31.38
CA ASP D 54 -6.11 -2.28 31.13
C ASP D 54 -6.25 -0.98 31.90
N GLY D 55 -6.70 0.06 31.20
CA GLY D 55 -7.07 1.28 31.88
C GLY D 55 -8.48 1.20 32.44
N ILE D 56 -8.80 2.16 33.30
CA ILE D 56 -10.15 2.36 33.81
C ILE D 56 -10.77 3.61 33.22
N ASP D 57 -10.07 4.74 33.32
CA ASP D 57 -10.40 5.99 32.65
C ASP D 57 -9.13 6.60 32.08
N CYS D 58 -8.34 5.76 31.44
CA CYS D 58 -6.96 6.09 31.10
C CYS D 58 -6.65 5.66 29.68
N THR D 59 -6.09 6.56 28.89
CA THR D 59 -5.62 6.24 27.55
C THR D 59 -4.09 6.12 27.55
N LEU D 60 -3.57 5.50 26.48
CA LEU D 60 -2.16 5.09 26.46
C LEU D 60 -1.22 6.30 26.44
N ILE D 61 -1.52 7.30 25.62
CA ILE D 61 -0.65 8.47 25.53
C ILE D 61 -0.67 9.22 26.85
N ASP D 62 -1.83 9.28 27.49
CA ASP D 62 -1.89 9.84 28.85
C ASP D 62 -1.35 8.87 29.90
N ALA D 63 -1.22 7.59 29.58
CA ALA D 63 -0.60 6.65 30.52
C ALA D 63 0.90 6.88 30.63
N LEU D 64 1.58 7.06 29.49
CA LEU D 64 3.00 7.41 29.52
C LEU D 64 3.20 8.80 30.08
N LEU D 65 2.32 9.73 29.72
CA LEU D 65 2.36 11.07 30.26
C LEU D 65 2.07 11.12 31.75
N GLY D 66 1.46 10.07 32.31
CA GLY D 66 1.18 10.05 33.72
C GLY D 66 0.04 10.98 34.09
N ASP D 67 -1.17 10.65 33.64
CA ASP D 67 -2.35 11.40 34.04
C ASP D 67 -2.53 11.30 35.55
N PRO D 68 -2.82 12.40 36.25
CA PRO D 68 -2.96 12.32 37.71
C PRO D 68 -4.32 11.83 38.14
N HIS D 69 -4.82 10.84 37.41
CA HIS D 69 -5.84 9.92 37.87
C HIS D 69 -5.48 8.52 37.38
N CYS D 70 -4.27 8.35 36.85
CA CYS D 70 -3.80 7.10 36.26
C CYS D 70 -2.41 6.71 36.76
N ASP D 71 -2.10 7.02 38.02
CA ASP D 71 -0.76 6.71 38.51
C ASP D 71 -0.70 5.32 39.12
N VAL D 72 -1.18 4.33 38.37
CA VAL D 72 -0.93 2.92 38.62
C VAL D 72 -0.12 2.30 37.49
N PHE D 73 0.11 3.04 36.42
CA PHE D 73 0.85 2.57 35.25
C PHE D 73 2.31 2.98 35.26
N GLN D 74 2.83 3.43 36.40
CA GLN D 74 4.27 3.59 36.55
C GLN D 74 4.96 2.25 36.36
N ASN D 75 5.98 2.24 35.51
CA ASN D 75 6.54 1.02 34.92
C ASN D 75 5.42 0.19 34.32
N GLU D 76 5.21 -1.01 34.87
CA GLU D 76 4.13 -1.92 34.48
C GLU D 76 4.21 -2.26 32.98
N THR D 77 5.25 -3.02 32.66
CA THR D 77 5.42 -3.55 31.32
C THR D 77 4.20 -4.36 30.90
N TRP D 78 3.88 -4.29 29.63
CA TRP D 78 2.66 -4.89 29.12
C TRP D 78 2.98 -5.68 27.85
N ASP D 79 1.94 -6.31 27.30
CA ASP D 79 1.98 -6.81 25.96
C ASP D 79 0.85 -6.27 25.09
N LEU D 80 -0.16 -5.64 25.67
CA LEU D 80 -1.32 -5.15 24.94
C LEU D 80 -2.05 -4.15 25.81
N PHE D 81 -2.23 -2.93 25.31
CA PHE D 81 -2.93 -1.90 26.06
C PHE D 81 -4.35 -1.79 25.53
N VAL D 82 -5.33 -1.92 26.42
CA VAL D 82 -6.74 -1.82 26.05
C VAL D 82 -7.25 -0.48 26.56
N GLU D 83 -7.44 0.47 25.65
CA GLU D 83 -8.06 1.72 25.99
C GLU D 83 -9.56 1.54 26.14
N ARG D 84 -10.19 2.48 26.85
CA ARG D 84 -11.60 2.39 27.18
C ARG D 84 -12.39 3.43 26.40
N SER D 85 -13.57 3.03 25.91
CA SER D 85 -14.40 3.92 25.12
C SER D 85 -15.03 5.03 25.93
N LYS D 86 -14.99 4.94 27.27
CA LYS D 86 -15.48 5.98 28.15
C LYS D 86 -14.37 6.90 28.63
N ALA D 87 -13.33 7.07 27.83
CA ALA D 87 -12.14 7.79 28.28
C ALA D 87 -12.37 9.29 28.31
N PHE D 88 -11.57 9.97 29.14
CA PHE D 88 -11.56 11.42 29.19
C PHE D 88 -10.21 11.87 29.72
N SER D 89 -9.67 12.93 29.13
CA SER D 89 -8.32 13.41 29.44
C SER D 89 -8.41 14.66 30.29
N ASN D 90 -8.17 14.52 31.58
CA ASN D 90 -8.37 15.60 32.55
C ASN D 90 -7.16 16.51 32.70
N CYS D 91 -6.13 16.34 31.88
CA CYS D 91 -4.88 17.09 32.04
C CYS D 91 -4.52 17.84 30.77
N TYR D 92 -4.89 19.13 30.73
CA TYR D 92 -4.35 20.14 29.80
C TYR D 92 -4.42 19.72 28.35
N PRO D 93 -5.57 19.89 27.69
CA PRO D 93 -5.81 19.23 26.39
C PRO D 93 -4.79 19.58 25.34
N TYR D 94 -4.45 18.59 24.51
CA TYR D 94 -3.28 18.63 23.66
C TYR D 94 -3.66 18.24 22.24
N ASP D 95 -2.77 18.58 21.31
CA ASP D 95 -2.87 18.11 19.93
C ASP D 95 -1.52 17.54 19.54
N VAL D 96 -1.50 16.30 19.08
CA VAL D 96 -0.26 15.63 18.72
C VAL D 96 -0.20 15.53 17.20
N PRO D 97 0.66 16.32 16.56
CA PRO D 97 0.90 16.12 15.12
C PRO D 97 1.56 14.78 14.88
N ASP D 98 1.14 14.12 13.80
CA ASP D 98 1.50 12.73 13.50
C ASP D 98 1.17 11.82 14.68
N TYR D 99 -0.08 11.88 15.12
CA TYR D 99 -0.51 11.17 16.32
C TYR D 99 -0.48 9.66 16.12
N ALA D 100 -0.78 9.20 14.92
CA ALA D 100 -0.80 7.76 14.67
C ALA D 100 0.61 7.17 14.68
N SER D 101 1.61 7.99 14.36
CA SER D 101 2.99 7.49 14.37
C SER D 101 3.51 7.30 15.79
N LEU D 102 3.25 8.28 16.66
CA LEU D 102 3.74 8.20 18.04
C LEU D 102 3.05 7.09 18.82
N ARG D 103 1.74 6.92 18.61
CA ARG D 103 1.01 5.86 19.28
C ARG D 103 1.46 4.49 18.81
N SER D 104 1.83 4.37 17.54
CA SER D 104 2.28 3.08 17.03
C SER D 104 3.67 2.73 17.54
N LEU D 105 4.55 3.73 17.62
CA LEU D 105 5.91 3.51 18.11
C LEU D 105 5.91 3.14 19.59
N VAL D 106 5.08 3.82 20.38
CA VAL D 106 5.01 3.55 21.81
C VAL D 106 4.39 2.18 22.08
N ALA D 107 3.34 1.84 21.34
CA ALA D 107 2.72 0.53 21.49
C ALA D 107 3.64 -0.60 21.04
N SER D 108 4.59 -0.30 20.16
CA SER D 108 5.58 -1.30 19.76
C SER D 108 6.81 -1.30 20.64
N SER D 109 6.97 -0.31 21.52
CA SER D 109 8.08 -0.29 22.46
C SER D 109 7.99 -1.47 23.43
N GLY D 110 6.79 -1.75 23.93
CA GLY D 110 6.53 -2.95 24.69
C GLY D 110 6.64 -2.80 26.19
N THR D 111 7.26 -1.73 26.69
CA THR D 111 7.55 -1.63 28.10
C THR D 111 7.75 -0.16 28.44
N LEU D 112 7.16 0.27 29.55
CA LEU D 112 7.22 1.67 29.99
C LEU D 112 8.30 1.83 31.05
N GLU D 113 9.44 1.16 30.86
CA GLU D 113 10.52 1.21 31.83
C GLU D 113 11.18 2.59 31.83
N PHE D 114 10.75 3.45 32.73
CA PHE D 114 11.35 4.76 32.85
C PHE D 114 12.66 4.68 33.63
N ILE D 115 13.47 5.73 33.49
CA ILE D 115 14.68 5.91 34.29
C ILE D 115 15.04 7.38 34.23
N THR D 116 15.32 7.98 35.39
CA THR D 116 15.64 9.39 35.40
C THR D 116 17.03 9.62 34.86
N GLU D 117 17.31 10.87 34.48
CA GLU D 117 18.65 11.30 34.17
C GLU D 117 18.87 12.67 34.79
N GLY D 118 20.10 12.92 35.21
CA GLY D 118 20.39 14.17 35.86
C GLY D 118 20.67 15.25 34.84
N PHE D 119 19.65 16.03 34.51
CA PHE D 119 19.78 17.11 33.56
C PHE D 119 20.16 18.38 34.32
N THR D 120 21.11 19.13 33.77
CA THR D 120 21.53 20.39 34.37
C THR D 120 20.85 21.52 33.63
N TRP D 121 19.55 21.68 33.88
CA TRP D 121 18.84 22.86 33.41
C TRP D 121 19.28 24.05 34.24
N THR D 122 19.65 25.14 33.56
CA THR D 122 20.14 26.34 34.23
C THR D 122 19.18 27.50 33.97
N GLY D 123 18.80 28.20 35.03
CA GLY D 123 17.96 29.37 34.90
C GLY D 123 16.48 29.09 34.78
N VAL D 124 16.02 27.87 35.04
CA VAL D 124 14.61 27.53 34.97
C VAL D 124 14.12 27.03 36.33
N THR D 125 12.82 27.17 36.57
CA THR D 125 12.12 26.46 37.65
C THR D 125 11.16 25.47 37.01
N GLN D 126 11.45 24.19 37.18
CA GLN D 126 10.64 23.14 36.59
C GLN D 126 9.42 22.87 37.46
N ASN D 127 8.72 21.77 37.19
CA ASN D 127 7.59 21.27 37.99
C ASN D 127 6.44 22.28 38.05
N GLY D 128 5.85 22.53 36.89
CA GLY D 128 4.62 23.30 36.80
C GLY D 128 3.42 22.39 36.57
N GLY D 129 2.23 22.90 36.87
CA GLY D 129 1.03 22.10 36.75
C GLY D 129 -0.21 22.94 36.50
N SER D 130 -1.35 22.26 36.37
CA SER D 130 -2.61 22.87 36.02
C SER D 130 -3.68 22.51 37.04
N ASN D 131 -4.84 23.16 36.90
CA ASN D 131 -5.93 22.94 37.85
C ASN D 131 -6.93 21.91 37.36
N ALA D 132 -7.01 21.66 36.05
CA ALA D 132 -7.83 20.54 35.58
C ALA D 132 -7.22 19.22 36.02
N CYS D 133 -5.90 19.11 35.95
CA CYS D 133 -5.22 17.96 36.51
C CYS D 133 -5.28 18.02 38.03
N LYS D 134 -5.76 16.93 38.65
CA LYS D 134 -6.07 16.97 40.06
C LYS D 134 -5.93 15.57 40.66
N ARG D 135 -5.29 15.50 41.83
CA ARG D 135 -5.27 14.29 42.65
C ARG D 135 -6.00 14.51 43.96
N GLY D 136 -7.11 15.24 43.91
CA GLY D 136 -7.82 15.66 45.09
C GLY D 136 -7.80 17.17 45.20
N PRO D 137 -7.78 17.69 46.43
CA PRO D 137 -7.64 19.13 46.62
C PRO D 137 -6.26 19.62 46.17
N GLY D 138 -6.22 20.82 45.63
CA GLY D 138 -4.96 21.40 45.19
C GLY D 138 -4.80 21.44 43.67
N SER D 139 -3.63 21.04 43.20
CA SER D 139 -3.30 21.10 41.78
C SER D 139 -2.80 19.73 41.32
N GLY D 140 -2.27 19.69 40.10
CA GLY D 140 -1.75 18.47 39.52
C GLY D 140 -1.20 18.74 38.14
N PHE D 141 -0.66 17.69 37.53
CA PHE D 141 -0.01 17.76 36.22
C PHE D 141 0.26 16.34 35.75
N PHE D 142 0.74 16.23 34.51
CA PHE D 142 1.45 15.04 34.05
C PHE D 142 2.59 14.70 35.02
N SER D 143 2.89 13.41 35.14
CA SER D 143 3.91 12.97 36.09
C SER D 143 5.22 12.57 35.41
N ARG D 144 5.42 12.95 34.14
CA ARG D 144 6.63 12.52 33.43
C ARG D 144 7.33 13.59 32.62
N LEU D 145 6.79 14.80 32.49
CA LEU D 145 7.52 15.88 31.84
C LEU D 145 7.53 17.10 32.74
N ASN D 146 8.49 17.98 32.48
CA ASN D 146 8.67 19.20 33.25
C ASN D 146 8.02 20.35 32.49
N TRP D 147 7.02 20.98 33.11
CA TRP D 147 6.41 22.19 32.58
C TRP D 147 7.36 23.34 32.91
N LEU D 148 8.34 23.54 32.04
CA LEU D 148 9.30 24.60 32.23
C LEU D 148 8.63 25.96 32.02
N THR D 149 9.21 26.97 32.63
CA THR D 149 8.72 28.33 32.54
C THR D 149 9.84 29.28 32.91
N LYS D 150 9.51 30.56 33.03
CA LYS D 150 10.52 31.57 33.29
C LYS D 150 10.85 31.65 34.77
N SER D 151 11.98 32.30 35.05
CA SER D 151 12.50 32.45 36.39
C SER D 151 13.07 33.85 36.55
N GLY D 152 12.79 34.46 37.69
CA GLY D 152 13.21 35.83 37.93
C GLY D 152 12.54 36.80 36.97
N SER D 153 13.32 37.33 36.04
CA SER D 153 12.77 38.22 35.01
C SER D 153 13.36 37.97 33.64
N THR D 154 14.24 36.98 33.48
CA THR D 154 14.91 36.71 32.21
C THR D 154 14.64 35.26 31.84
N TYR D 155 15.22 34.81 30.73
CA TYR D 155 15.05 33.42 30.30
C TYR D 155 16.27 33.04 29.49
N PRO D 156 17.25 32.38 30.11
CA PRO D 156 18.47 32.04 29.38
C PRO D 156 18.25 30.95 28.35
N VAL D 157 19.09 30.97 27.31
CA VAL D 157 19.08 29.91 26.32
C VAL D 157 19.61 28.64 26.96
N LEU D 158 19.16 27.50 26.46
CA LEU D 158 19.43 26.21 27.07
C LEU D 158 20.26 25.35 26.12
N ASN D 159 21.44 24.95 26.56
CA ASN D 159 22.23 23.93 25.89
C ASN D 159 22.42 22.77 26.84
N VAL D 160 22.02 21.58 26.42
CA VAL D 160 22.18 20.37 27.22
C VAL D 160 22.71 19.28 26.30
N THR D 161 23.45 18.34 26.89
CA THR D 161 24.01 17.21 26.16
C THR D 161 23.84 15.96 26.99
N MET D 162 23.69 14.82 26.31
CA MET D 162 23.54 13.53 26.97
C MET D 162 24.25 12.47 26.15
N PRO D 163 25.50 12.16 26.49
CA PRO D 163 26.22 11.13 25.73
C PRO D 163 25.73 9.73 26.02
N ASN D 164 25.12 9.10 25.02
CA ASN D 164 24.66 7.72 25.16
C ASN D 164 25.87 6.81 25.01
N ASN D 165 26.50 6.49 26.14
CA ASN D 165 27.67 5.62 26.15
C ASN D 165 27.32 4.15 26.21
N ASP D 166 26.07 3.81 26.53
CA ASP D 166 25.68 2.43 26.75
C ASP D 166 25.25 1.80 25.42
N ASN D 167 24.67 0.60 25.49
CA ASN D 167 24.38 -0.17 24.31
C ASN D 167 22.92 -0.11 23.87
N PHE D 168 22.06 0.57 24.62
CA PHE D 168 20.63 0.63 24.31
C PHE D 168 20.26 1.99 23.72
N ASP D 169 19.12 2.02 23.06
CA ASP D 169 18.59 3.23 22.44
C ASP D 169 17.88 4.09 23.49
N LYS D 170 17.57 5.32 23.10
CA LYS D 170 16.95 6.27 23.99
C LYS D 170 15.82 7.02 23.28
N LEU D 171 14.70 7.20 23.97
CA LEU D 171 13.58 8.01 23.50
C LEU D 171 13.40 9.18 24.44
N TYR D 172 13.26 10.38 23.88
CA TYR D 172 13.06 11.58 24.67
C TYR D 172 11.76 12.25 24.23
N ILE D 173 10.72 12.09 25.03
CA ILE D 173 9.40 12.65 24.75
C ILE D 173 9.36 14.04 25.36
N TRP D 174 9.39 15.06 24.52
CA TRP D 174 9.36 16.46 24.89
C TRP D 174 8.15 17.13 24.23
N GLY D 175 8.01 18.44 24.44
CA GLY D 175 6.82 19.11 23.93
C GLY D 175 7.05 20.57 23.59
N VAL D 176 6.08 21.10 22.83
CA VAL D 176 5.99 22.52 22.50
C VAL D 176 4.69 23.06 23.11
N HIS D 177 4.66 24.35 23.36
CA HIS D 177 3.51 25.02 23.95
C HIS D 177 2.86 25.93 22.92
N HIS D 178 1.53 25.82 22.77
CA HIS D 178 0.76 26.65 21.85
C HIS D 178 -0.19 27.52 22.64
N PRO D 179 0.19 28.76 22.97
CA PRO D 179 -0.71 29.64 23.72
C PRO D 179 -1.88 30.10 22.87
N SER D 180 -2.83 30.76 23.54
CA SER D 180 -4.03 31.27 22.90
C SER D 180 -3.87 32.71 22.45
N THR D 181 -3.62 33.62 23.38
CA THR D 181 -3.37 35.01 23.04
C THR D 181 -1.88 35.29 23.03
N ASN D 182 -1.53 36.52 22.64
CA ASN D 182 -0.14 36.95 22.72
C ASN D 182 0.28 37.22 24.15
N GLN D 183 -0.69 37.45 25.05
CA GLN D 183 -0.36 37.73 26.44
C GLN D 183 0.09 36.47 27.16
N GLU D 184 -0.40 35.31 26.74
CA GLU D 184 0.03 34.06 27.36
C GLU D 184 1.47 33.74 27.01
N GLN D 185 1.87 33.98 25.75
CA GLN D 185 3.24 33.72 25.33
C GLN D 185 4.20 34.73 25.93
N THR D 186 3.73 35.95 26.18
CA THR D 186 4.57 36.99 26.77
C THR D 186 4.74 36.79 28.27
N SER D 187 3.75 36.21 28.94
CA SER D 187 3.85 36.02 30.39
C SER D 187 4.70 34.81 30.76
N LEU D 188 4.46 33.66 30.10
CA LEU D 188 5.15 32.44 30.50
C LEU D 188 6.63 32.48 30.13
N TYR D 189 6.94 32.89 28.90
CA TYR D 189 8.30 33.04 28.42
C TYR D 189 8.47 34.47 27.91
N VAL D 190 9.70 34.85 27.58
CA VAL D 190 9.96 36.25 27.27
C VAL D 190 10.23 36.32 25.77
N GLN D 191 9.62 35.40 25.02
CA GLN D 191 9.84 35.30 23.59
C GLN D 191 8.51 35.37 22.86
N ALA D 192 8.40 36.33 21.93
CA ALA D 192 7.16 36.49 21.17
C ALA D 192 6.93 35.33 20.22
N SER D 193 8.01 34.84 19.60
CA SER D 193 7.96 33.69 18.70
C SER D 193 9.08 32.76 19.16
N GLY D 194 8.74 31.79 20.00
CA GLY D 194 9.73 30.89 20.53
C GLY D 194 10.26 29.92 19.49
N ARG D 195 11.44 29.39 19.77
CA ARG D 195 12.11 28.45 18.89
C ARG D 195 12.59 27.27 19.71
N VAL D 196 12.44 26.07 19.16
CA VAL D 196 12.99 24.85 19.77
C VAL D 196 13.83 24.15 18.73
N THR D 197 14.96 23.57 19.16
CA THR D 197 15.87 22.88 18.26
C THR D 197 16.28 21.56 18.90
N VAL D 198 16.03 20.46 18.20
CA VAL D 198 16.50 19.15 18.60
C VAL D 198 17.51 18.67 17.56
N SER D 199 18.67 18.22 18.02
CA SER D 199 19.74 17.83 17.12
C SER D 199 20.37 16.53 17.59
N THR D 200 20.51 15.58 16.68
CA THR D 200 21.44 14.48 16.78
C THR D 200 22.45 14.60 15.63
N ARG D 201 23.36 13.63 15.54
CA ARG D 201 24.35 13.66 14.47
C ARG D 201 23.70 13.38 13.12
N ARG D 202 22.61 12.62 13.10
CA ARG D 202 21.96 12.28 11.84
C ARG D 202 21.00 13.39 11.39
N SER D 203 19.96 13.66 12.18
CA SER D 203 18.85 14.49 11.75
C SER D 203 18.64 15.64 12.75
N GLN D 204 17.70 16.53 12.42
CA GLN D 204 17.39 17.68 13.24
C GLN D 204 15.93 18.07 13.05
N GLN D 205 15.42 18.84 14.00
CA GLN D 205 14.01 19.25 14.00
C GLN D 205 13.89 20.62 14.64
N THR D 206 13.26 21.56 13.95
CA THR D 206 13.04 22.92 14.47
C THR D 206 11.59 23.29 14.28
N ILE D 207 10.93 23.68 15.37
CA ILE D 207 9.49 23.93 15.41
C ILE D 207 9.25 25.35 15.89
N ILE D 208 8.35 26.06 15.21
CA ILE D 208 7.86 27.37 15.64
C ILE D 208 6.38 27.23 15.96
N PRO D 209 5.93 27.59 17.15
CA PRO D 209 4.55 27.30 17.56
C PRO D 209 3.54 28.26 16.94
N ASN D 210 2.27 28.04 17.26
CA ASN D 210 1.15 28.82 16.74
C ASN D 210 0.43 29.53 17.87
N ILE D 211 -0.16 30.68 17.53
CA ILE D 211 -0.92 31.50 18.47
C ILE D 211 -2.29 31.77 17.87
N GLY D 212 -3.34 31.58 18.67
CA GLY D 212 -4.69 31.88 18.23
C GLY D 212 -5.72 31.39 19.23
N SER D 213 -6.90 32.01 19.17
CA SER D 213 -7.99 31.61 20.05
C SER D 213 -8.60 30.30 19.58
N ARG D 214 -9.24 29.60 20.53
CA ARG D 214 -9.70 28.24 20.32
C ARG D 214 -10.98 28.05 21.13
N PRO D 215 -11.79 27.04 20.80
CA PRO D 215 -12.93 26.72 21.66
C PRO D 215 -12.48 26.19 23.01
N TRP D 216 -13.32 26.41 24.02
CA TRP D 216 -13.01 25.97 25.37
C TRP D 216 -13.15 24.48 25.51
N VAL D 217 -12.10 23.82 26.00
CA VAL D 217 -12.14 22.44 26.44
C VAL D 217 -11.61 22.43 27.86
N ARG D 218 -12.51 22.23 28.83
CA ARG D 218 -12.22 22.11 30.26
C ARG D 218 -11.51 23.32 30.83
N GLY D 219 -11.75 24.50 30.29
CA GLY D 219 -11.05 25.69 30.70
C GLY D 219 -9.89 26.01 29.77
N LEU D 220 -9.48 27.27 29.82
CA LEU D 220 -8.48 27.87 28.93
C LEU D 220 -8.90 27.67 27.48
N SER D 221 -7.98 27.64 26.53
CA SER D 221 -8.25 27.17 25.18
C SER D 221 -7.01 26.46 24.62
N SER D 222 -5.88 26.64 25.30
CA SER D 222 -4.57 26.36 24.73
C SER D 222 -4.34 24.86 24.57
N ARG D 223 -3.27 24.54 23.86
CA ARG D 223 -2.86 23.16 23.64
C ARG D 223 -1.35 23.07 23.70
N ILE D 224 -0.85 21.85 23.90
CA ILE D 224 0.56 21.53 23.78
C ILE D 224 0.69 20.46 22.70
N SER D 225 1.85 20.40 22.06
CA SER D 225 2.12 19.41 21.02
C SER D 225 3.38 18.63 21.33
N ILE D 226 3.33 17.33 21.05
CA ILE D 226 4.34 16.38 21.51
C ILE D 226 5.26 16.01 20.35
N TYR D 227 6.56 16.15 20.56
CA TYR D 227 7.58 15.72 19.63
C TYR D 227 8.51 14.73 20.34
N TRP D 228 9.42 14.11 19.59
CA TRP D 228 10.21 13.01 20.13
C TRP D 228 11.47 12.83 19.31
N THR D 229 12.41 12.07 19.87
CA THR D 229 13.76 11.92 19.32
C THR D 229 14.30 10.55 19.70
N ILE D 230 14.99 9.91 18.76
CA ILE D 230 15.58 8.59 18.98
C ILE D 230 17.09 8.71 18.82
N VAL D 231 17.84 8.22 19.82
CA VAL D 231 19.29 8.28 19.85
C VAL D 231 19.84 6.87 19.71
N LYS D 232 20.70 6.67 18.72
CA LYS D 232 21.34 5.39 18.45
C LYS D 232 22.49 5.15 19.43
N PRO D 233 22.98 3.90 19.53
CA PRO D 233 24.20 3.69 20.32
C PRO D 233 25.39 4.48 19.78
N GLY D 234 26.16 5.03 20.70
CA GLY D 234 27.28 5.87 20.32
C GLY D 234 26.89 7.16 19.63
N ASP D 235 25.79 7.77 20.06
CA ASP D 235 25.30 9.01 19.48
C ASP D 235 24.97 9.99 20.60
N VAL D 236 24.88 11.26 20.24
CA VAL D 236 24.70 12.34 21.20
C VAL D 236 23.54 13.22 20.78
N LEU D 237 22.68 13.55 21.73
CA LEU D 237 21.55 14.45 21.51
C LEU D 237 21.83 15.79 22.18
N VAL D 238 21.63 16.87 21.44
CA VAL D 238 21.75 18.23 21.96
C VAL D 238 20.41 18.92 21.80
N ILE D 239 19.87 19.43 22.91
CA ILE D 239 18.60 20.13 22.90
C ILE D 239 18.89 21.60 23.13
N ASN D 240 18.67 22.41 22.09
CA ASN D 240 18.85 23.85 22.15
C ASN D 240 17.49 24.50 22.02
N SER D 241 17.24 25.53 22.82
CA SER D 241 15.91 26.12 22.76
C SER D 241 15.94 27.56 23.22
N ASN D 242 14.99 28.32 22.69
CA ASN D 242 14.88 29.74 22.96
C ASN D 242 13.64 30.04 23.79
N GLY D 243 12.60 29.24 23.65
CA GLY D 243 11.43 29.31 24.52
C GLY D 243 10.52 28.13 24.29
N ASN D 244 9.44 28.10 25.08
CA ASN D 244 8.32 27.16 24.92
C ASN D 244 8.74 25.70 25.07
N LEU D 245 9.59 25.43 26.06
CA LEU D 245 10.02 24.07 26.35
C LEU D 245 9.11 23.35 27.33
N ILE D 246 8.80 22.10 27.00
CA ILE D 246 8.34 21.10 27.97
C ILE D 246 9.38 19.98 27.89
N ALA D 247 10.39 20.03 28.76
CA ALA D 247 11.54 19.15 28.56
C ALA D 247 11.45 17.92 29.45
N PRO D 248 11.83 16.75 28.95
CA PRO D 248 11.62 15.52 29.70
C PRO D 248 12.60 15.36 30.84
N ARG D 249 12.21 14.52 31.80
CA ARG D 249 13.01 14.24 32.99
C ARG D 249 13.69 12.89 32.92
N GLY D 250 13.71 12.26 31.74
CA GLY D 250 14.38 10.98 31.60
C GLY D 250 14.21 10.44 30.20
N TYR D 251 14.68 9.23 30.00
CA TYR D 251 14.60 8.56 28.70
C TYR D 251 13.85 7.25 28.86
N PHE D 252 12.96 6.98 27.92
CA PHE D 252 12.18 5.76 27.95
C PHE D 252 12.97 4.67 27.25
N LYS D 253 13.11 3.51 27.88
CA LYS D 253 13.80 2.40 27.23
C LYS D 253 13.00 1.91 26.02
N MET D 254 13.68 1.76 24.90
CA MET D 254 13.13 1.07 23.75
C MET D 254 13.27 -0.43 23.94
N ARG D 255 12.60 -1.17 23.05
CA ARG D 255 12.74 -2.62 22.97
C ARG D 255 12.19 -3.08 21.63
N THR D 256 12.91 -3.99 20.97
CA THR D 256 12.48 -4.54 19.69
C THR D 256 11.76 -5.87 19.95
N GLY D 257 10.58 -5.77 20.54
CA GLY D 257 9.84 -6.95 20.93
C GLY D 257 8.52 -7.12 20.20
N LYS D 258 7.50 -7.58 20.92
CA LYS D 258 6.19 -7.87 20.35
C LYS D 258 5.12 -7.26 21.25
N SER D 259 4.52 -6.15 20.82
CA SER D 259 3.45 -5.51 21.58
C SER D 259 2.60 -4.65 20.65
N SER D 260 1.30 -4.55 20.97
CA SER D 260 0.37 -3.74 20.19
C SER D 260 -0.58 -2.98 21.11
N ILE D 261 -1.48 -2.23 20.49
CA ILE D 261 -2.52 -1.46 21.18
C ILE D 261 -3.86 -1.81 20.55
N MET D 262 -4.94 -1.61 21.30
CA MET D 262 -6.28 -1.94 20.81
C MET D 262 -7.31 -1.09 21.53
N ARG D 263 -8.44 -0.91 20.86
CA ARG D 263 -9.54 -0.09 21.36
C ARG D 263 -10.79 -0.95 21.47
N SER D 264 -11.31 -1.08 22.68
CA SER D 264 -12.50 -1.87 22.94
C SER D 264 -13.17 -1.36 24.21
N ASP D 265 -14.18 -2.08 24.69
CA ASP D 265 -14.91 -1.66 25.87
C ASP D 265 -15.22 -2.83 26.81
N ALA D 266 -14.78 -4.04 26.51
CA ALA D 266 -15.05 -5.19 27.36
C ALA D 266 -14.21 -5.13 28.64
N PRO D 267 -14.74 -5.63 29.77
CA PRO D 267 -13.97 -5.65 31.02
C PRO D 267 -12.96 -6.78 31.08
N ILE D 268 -12.33 -6.96 32.25
CA ILE D 268 -11.18 -7.85 32.43
C ILE D 268 -11.60 -9.10 33.19
N ASP D 269 -11.20 -10.26 32.68
CA ASP D 269 -11.50 -11.54 33.33
C ASP D 269 -10.23 -12.38 33.44
N THR D 270 -10.37 -13.63 33.91
CA THR D 270 -9.25 -14.54 34.09
C THR D 270 -9.43 -15.75 33.17
N CYS D 271 -8.51 -15.90 32.23
CA CYS D 271 -8.53 -17.02 31.29
C CYS D 271 -7.10 -17.41 30.96
N ILE D 272 -6.97 -18.35 30.03
CA ILE D 272 -5.72 -18.60 29.32
C ILE D 272 -6.08 -18.52 27.83
N SER D 273 -5.99 -17.33 27.25
CA SER D 273 -6.41 -17.11 25.88
C SER D 273 -5.37 -16.26 25.15
N GLU D 274 -5.12 -16.60 23.89
CA GLU D 274 -4.05 -15.99 23.11
C GLU D 274 -4.55 -14.92 22.15
N CYS D 275 -5.69 -15.12 21.50
CA CYS D 275 -6.21 -14.16 20.54
C CYS D 275 -7.06 -13.13 21.25
N ILE D 276 -6.71 -11.86 21.10
CA ILE D 276 -7.48 -10.78 21.70
C ILE D 276 -7.98 -9.88 20.59
N THR D 277 -9.29 -9.69 20.53
CA THR D 277 -10.12 -9.05 19.54
C THR D 277 -11.02 -8.03 20.21
N PRO D 278 -11.18 -6.82 19.66
CA PRO D 278 -12.09 -5.87 20.28
C PRO D 278 -13.53 -6.35 20.13
N ASN D 279 -14.33 -6.05 21.13
CA ASN D 279 -15.69 -6.58 21.26
C ASN D 279 -15.64 -8.12 21.29
N GLY D 280 -14.96 -8.64 22.31
CA GLY D 280 -14.91 -10.07 22.56
C GLY D 280 -13.60 -10.74 22.18
N SER D 281 -12.87 -11.24 23.17
CA SER D 281 -11.63 -11.98 22.92
C SER D 281 -11.98 -13.43 22.61
N ILE D 282 -11.72 -13.84 21.37
CA ILE D 282 -12.20 -15.12 20.85
C ILE D 282 -11.07 -16.13 20.79
N PRO D 283 -11.35 -17.42 20.85
CA PRO D 283 -10.30 -18.43 20.69
C PRO D 283 -10.00 -18.70 19.23
N ASN D 284 -8.75 -19.08 18.96
CA ASN D 284 -8.27 -19.35 17.60
C ASN D 284 -8.16 -20.86 17.41
N ASP D 285 -9.27 -21.47 17.03
CA ASP D 285 -9.31 -22.85 16.57
C ASP D 285 -9.62 -22.93 15.08
N LYS D 286 -9.96 -21.80 14.45
CA LYS D 286 -10.35 -21.64 13.07
C LYS D 286 -9.44 -20.62 12.40
N PRO D 287 -9.24 -20.69 11.08
CA PRO D 287 -8.33 -19.75 10.40
C PRO D 287 -8.99 -18.51 9.81
N PHE D 288 -10.27 -18.25 10.05
CA PHE D 288 -10.93 -17.05 9.55
C PHE D 288 -11.86 -16.51 10.63
N GLN D 289 -12.44 -15.35 10.35
CA GLN D 289 -13.29 -14.67 11.32
C GLN D 289 -14.17 -13.67 10.60
N ASN D 290 -15.16 -13.15 11.34
CA ASN D 290 -15.97 -12.04 10.86
C ASN D 290 -16.10 -10.90 11.86
N VAL D 291 -15.55 -11.05 13.06
CA VAL D 291 -15.39 -9.98 14.03
C VAL D 291 -14.33 -8.97 13.57
N ASN D 292 -14.21 -7.85 14.30
CA ASN D 292 -13.47 -6.66 13.87
C ASN D 292 -12.04 -6.97 13.44
N LYS D 293 -11.54 -6.14 12.50
CA LYS D 293 -10.28 -6.43 11.83
C LYS D 293 -9.07 -6.19 12.72
N ILE D 294 -9.20 -5.36 13.75
CA ILE D 294 -8.06 -5.10 14.61
C ILE D 294 -7.77 -6.33 15.44
N THR D 295 -6.49 -6.72 15.49
CA THR D 295 -6.12 -8.03 16.02
C THR D 295 -4.69 -7.99 16.57
N TYR D 296 -4.52 -8.55 17.77
CA TYR D 296 -3.21 -8.81 18.36
C TYR D 296 -3.09 -10.29 18.68
N GLY D 297 -1.89 -10.82 18.53
CA GLY D 297 -1.63 -12.22 18.81
C GLY D 297 -1.79 -13.10 17.59
N ALA D 298 -1.38 -14.34 17.75
CA ALA D 298 -1.43 -15.31 16.65
C ALA D 298 -2.85 -15.82 16.51
N CYS D 299 -3.69 -15.04 15.84
CA CYS D 299 -5.08 -15.43 15.63
C CYS D 299 -5.57 -14.75 14.35
N PRO D 300 -6.52 -15.36 13.63
CA PRO D 300 -6.67 -15.10 12.19
C PRO D 300 -7.13 -13.71 11.81
N LYS D 301 -7.28 -13.55 10.49
CA LYS D 301 -7.50 -12.27 9.82
C LYS D 301 -8.94 -12.16 9.32
N TYR D 302 -9.30 -10.96 8.84
CA TYR D 302 -10.66 -10.66 8.44
C TYR D 302 -11.00 -11.27 7.09
N VAL D 303 -12.19 -11.86 7.01
CA VAL D 303 -12.84 -12.21 5.76
C VAL D 303 -14.29 -11.73 5.84
N LYS D 304 -14.76 -11.02 4.81
CA LYS D 304 -16.07 -10.38 4.83
C LYS D 304 -17.24 -11.35 4.72
N GLN D 305 -17.01 -12.62 4.41
CA GLN D 305 -18.08 -13.60 4.33
C GLN D 305 -18.60 -13.95 5.73
N ASN D 306 -19.67 -14.73 5.77
CA ASN D 306 -20.31 -15.11 7.03
C ASN D 306 -20.27 -16.60 7.26
N THR D 307 -20.54 -17.40 6.23
CA THR D 307 -20.54 -18.86 6.30
C THR D 307 -19.56 -19.40 5.28
N LEU D 308 -18.30 -19.58 5.69
CA LEU D 308 -17.24 -20.14 4.86
C LEU D 308 -16.97 -21.59 5.18
N LYS D 309 -18.00 -22.36 5.43
CA LYS D 309 -17.85 -23.68 6.03
C LYS D 309 -17.06 -24.66 5.16
N LEU D 310 -15.85 -24.98 5.59
CA LEU D 310 -15.08 -26.02 4.94
C LEU D 310 -15.74 -27.36 5.22
N ALA D 311 -15.83 -28.19 4.19
CA ALA D 311 -16.48 -29.49 4.33
C ALA D 311 -15.47 -30.46 4.92
N THR D 312 -15.62 -30.77 6.20
CA THR D 312 -14.93 -31.91 6.79
C THR D 312 -15.81 -33.15 6.66
N GLY D 313 -16.28 -33.36 5.42
CA GLY D 313 -17.21 -34.42 5.12
C GLY D 313 -17.65 -34.29 3.68
N MET D 314 -18.40 -35.28 3.25
CA MET D 314 -18.83 -35.40 1.87
C MET D 314 -20.24 -34.84 1.65
N ARG D 315 -20.65 -34.84 0.38
CA ARG D 315 -21.89 -34.20 -0.03
C ARG D 315 -23.11 -34.91 0.56
N ASN D 316 -24.06 -34.13 1.07
CA ASN D 316 -25.32 -34.67 1.55
C ASN D 316 -26.11 -35.31 0.43
N VAL D 317 -26.57 -36.53 0.69
CA VAL D 317 -27.68 -37.11 -0.05
C VAL D 317 -28.75 -37.36 1.00
N PRO D 318 -29.73 -36.46 1.14
CA PRO D 318 -30.82 -36.70 2.11
C PRO D 318 -31.60 -37.96 1.76
N GLU D 319 -32.14 -38.59 2.80
CA GLU D 319 -32.58 -39.98 2.71
C GLU D 319 -33.84 -40.13 1.86
N LYS D 320 -33.68 -40.05 0.54
CA LYS D 320 -34.79 -40.33 -0.36
C LYS D 320 -35.02 -41.83 -0.45
N GLN D 321 -36.27 -42.26 -0.32
CA GLN D 321 -37.46 -41.42 -0.18
C GLN D 321 -38.22 -41.78 1.09
N THR D 322 -39.43 -41.22 1.23
CA THR D 322 -40.27 -41.48 2.39
C THR D 322 -40.75 -42.92 2.43
N GLY E 1 -17.42 -36.53 -7.15
CA GLY E 1 -17.20 -35.28 -7.84
C GLY E 1 -17.00 -35.44 -9.34
N LEU E 2 -15.82 -35.06 -9.83
CA LEU E 2 -15.51 -35.18 -11.24
C LEU E 2 -15.40 -36.63 -11.68
N PHE E 3 -15.15 -37.55 -10.74
CA PHE E 3 -15.24 -38.96 -11.05
C PHE E 3 -16.67 -39.46 -11.07
N GLY E 4 -17.60 -38.69 -10.49
CA GLY E 4 -18.98 -39.08 -10.46
C GLY E 4 -19.32 -40.18 -9.48
N ALA E 5 -18.45 -40.44 -8.49
CA ALA E 5 -18.69 -41.52 -7.55
C ALA E 5 -19.85 -41.21 -6.61
N ILE E 6 -19.84 -40.02 -6.01
CA ILE E 6 -20.87 -39.59 -5.08
C ILE E 6 -21.82 -38.66 -5.81
N ALA E 7 -23.13 -38.90 -5.64
CA ALA E 7 -24.22 -38.20 -6.31
C ALA E 7 -24.16 -38.29 -7.83
N GLY E 8 -23.44 -39.28 -8.35
CA GLY E 8 -23.46 -39.55 -9.77
C GLY E 8 -24.27 -40.78 -10.07
N PHE E 9 -24.13 -41.81 -9.23
CA PHE E 9 -24.94 -43.00 -9.38
C PHE E 9 -25.42 -43.60 -8.07
N ILE E 10 -25.09 -43.00 -6.93
CA ILE E 10 -25.66 -43.41 -5.64
C ILE E 10 -26.65 -42.33 -5.21
N GLU E 11 -27.89 -42.73 -4.96
CA GLU E 11 -28.99 -41.79 -4.79
C GLU E 11 -29.44 -41.64 -3.34
N ASN E 12 -28.80 -42.33 -2.40
CA ASN E 12 -29.20 -42.27 -1.00
C ASN E 12 -28.06 -42.74 -0.11
N GLY E 13 -27.71 -41.91 0.87
CA GLY E 13 -26.85 -42.34 1.96
C GLY E 13 -27.68 -43.01 3.04
N TRP E 14 -27.07 -43.30 4.18
CA TRP E 14 -27.77 -44.03 5.22
C TRP E 14 -27.53 -43.38 6.57
N GLU E 15 -28.43 -43.73 7.50
CA GLU E 15 -28.47 -43.11 8.83
C GLU E 15 -27.78 -43.94 9.90
N GLY E 16 -27.65 -45.25 9.70
CA GLY E 16 -27.04 -46.10 10.69
C GLY E 16 -25.54 -45.92 10.84
N MET E 17 -24.89 -45.23 9.90
CA MET E 17 -23.44 -45.05 9.96
C MET E 17 -23.16 -43.93 10.96
N ILE E 18 -22.65 -44.28 12.13
CA ILE E 18 -22.22 -43.29 13.11
C ILE E 18 -20.75 -43.44 13.48
N ASP E 19 -20.10 -44.55 13.13
CA ASP E 19 -18.73 -44.83 13.51
C ASP E 19 -17.73 -44.70 12.35
N GLY E 20 -18.18 -44.23 11.18
CA GLY E 20 -17.29 -44.16 10.05
C GLY E 20 -17.88 -43.32 8.95
N TRP E 21 -17.21 -43.34 7.80
CA TRP E 21 -17.60 -42.52 6.65
C TRP E 21 -17.99 -43.34 5.44
N TYR E 22 -17.40 -44.51 5.24
CA TYR E 22 -17.62 -45.31 4.04
C TYR E 22 -18.08 -46.70 4.44
N GLY E 23 -19.38 -46.87 4.56
CA GLY E 23 -19.92 -48.10 5.09
C GLY E 23 -19.87 -49.24 4.10
N PHE E 24 -20.10 -50.43 4.62
CA PHE E 24 -20.13 -51.68 3.86
C PHE E 24 -21.43 -52.39 4.22
N ARG E 25 -22.53 -51.99 3.58
CA ARG E 25 -23.78 -52.70 3.80
C ARG E 25 -23.83 -53.96 2.95
N HIS E 26 -24.68 -54.89 3.37
CA HIS E 26 -24.78 -56.17 2.69
C HIS E 26 -26.10 -56.82 3.03
N GLN E 27 -26.53 -57.73 2.17
CA GLN E 27 -27.70 -58.56 2.38
C GLN E 27 -27.29 -59.98 2.05
N ASN E 28 -27.28 -60.84 3.06
CA ASN E 28 -26.84 -62.22 2.93
C ASN E 28 -27.94 -63.13 3.47
N SER E 29 -27.66 -64.43 3.49
CA SER E 29 -28.61 -65.37 4.08
C SER E 29 -28.61 -65.33 5.59
N GLU E 30 -27.57 -64.76 6.20
CA GLU E 30 -27.48 -64.66 7.64
C GLU E 30 -28.08 -63.37 8.20
N GLY E 31 -28.58 -62.49 7.34
CA GLY E 31 -29.23 -61.29 7.80
C GLY E 31 -28.57 -60.00 7.35
N THR E 32 -29.32 -58.91 7.37
CA THR E 32 -28.78 -57.61 7.01
C THR E 32 -27.78 -57.14 8.06
N GLY E 33 -26.66 -56.60 7.60
CA GLY E 33 -25.59 -56.20 8.48
C GLY E 33 -25.03 -54.85 8.08
N GLN E 34 -24.04 -54.40 8.85
CA GLN E 34 -23.46 -53.08 8.68
C GLN E 34 -22.09 -53.07 9.37
N ALA E 35 -21.05 -52.72 8.62
CA ALA E 35 -19.70 -52.79 9.17
C ALA E 35 -18.86 -51.71 8.49
N ALA E 36 -18.48 -50.68 9.25
CA ALA E 36 -17.69 -49.60 8.69
C ALA E 36 -16.25 -50.04 8.48
N ASP E 37 -15.76 -49.92 7.25
CA ASP E 37 -14.39 -50.31 6.92
C ASP E 37 -13.43 -49.29 7.54
N LEU E 38 -12.65 -49.73 8.53
CA LEU E 38 -11.88 -48.81 9.34
C LEU E 38 -10.69 -48.23 8.57
N LYS E 39 -10.02 -49.03 7.75
CA LYS E 39 -8.80 -48.54 7.10
C LYS E 39 -9.12 -47.55 5.98
N SER E 40 -10.26 -47.73 5.30
CA SER E 40 -10.60 -46.86 4.18
C SER E 40 -10.94 -45.45 4.66
N THR E 41 -11.69 -45.36 5.76
CA THR E 41 -11.96 -44.03 6.31
C THR E 41 -10.74 -43.45 7.00
N GLN E 42 -9.86 -44.30 7.54
CA GLN E 42 -8.72 -43.81 8.30
C GLN E 42 -7.75 -43.06 7.39
N ALA E 43 -7.59 -43.52 6.16
CA ALA E 43 -6.87 -42.74 5.16
C ALA E 43 -7.61 -41.45 4.85
N ALA E 44 -8.95 -41.50 4.78
CA ALA E 44 -9.72 -40.32 4.42
C ALA E 44 -9.71 -39.26 5.52
N ILE E 45 -9.82 -39.68 6.79
CA ILE E 45 -9.68 -38.71 7.87
C ILE E 45 -8.24 -38.20 7.95
N ASP E 46 -7.26 -39.07 7.72
CA ASP E 46 -5.88 -38.63 7.70
C ASP E 46 -5.62 -37.65 6.57
N GLN E 47 -6.31 -37.86 5.44
CA GLN E 47 -6.16 -36.94 4.31
C GLN E 47 -6.86 -35.62 4.61
N ILE E 48 -8.02 -35.67 5.25
CA ILE E 48 -8.81 -34.44 5.42
C ILE E 48 -8.28 -33.63 6.60
N ASN E 49 -7.63 -34.28 7.57
CA ASN E 49 -6.83 -33.53 8.52
C ASN E 49 -5.48 -33.16 7.93
N GLY E 50 -5.06 -33.86 6.87
CA GLY E 50 -3.82 -33.50 6.20
C GLY E 50 -3.87 -32.09 5.61
N LYS E 51 -5.07 -31.65 5.24
CA LYS E 51 -5.25 -30.28 4.80
C LYS E 51 -5.75 -29.38 5.93
N LEU E 52 -6.25 -29.96 7.02
CA LEU E 52 -6.93 -29.14 8.02
C LEU E 52 -5.93 -28.46 8.94
N ASN E 53 -4.98 -29.21 9.51
CA ASN E 53 -3.89 -28.54 10.22
C ASN E 53 -2.94 -27.80 9.28
N ARG E 54 -3.03 -28.05 7.97
CA ARG E 54 -2.37 -27.16 7.02
C ARG E 54 -2.98 -25.77 7.05
N VAL E 55 -4.31 -25.67 7.14
CA VAL E 55 -4.95 -24.36 7.13
C VAL E 55 -5.14 -23.84 8.56
N ILE E 56 -4.92 -24.68 9.58
CA ILE E 56 -4.98 -24.20 10.96
C ILE E 56 -3.92 -23.13 11.20
N GLU E 57 -2.71 -23.35 10.68
CA GLU E 57 -1.68 -22.31 10.70
C GLU E 57 -1.81 -21.40 9.48
N LYS E 58 -2.90 -20.64 9.47
CA LYS E 58 -3.15 -19.58 8.49
C LYS E 58 -3.51 -18.27 9.18
N THR E 59 -3.12 -18.13 10.44
CA THR E 59 -3.37 -16.93 11.20
C THR E 59 -2.23 -15.94 11.00
N ASN E 60 -2.56 -14.65 11.02
CA ASN E 60 -1.53 -13.63 10.96
C ASN E 60 -0.87 -13.50 12.31
N GLU E 61 0.46 -13.63 12.33
CA GLU E 61 1.24 -13.52 13.55
C GLU E 61 1.73 -12.11 13.81
N LYS E 62 0.99 -11.11 13.34
CA LYS E 62 1.43 -9.73 13.45
C LYS E 62 1.22 -9.24 14.88
N PHE E 63 2.30 -8.76 15.50
CA PHE E 63 2.23 -8.23 16.85
C PHE E 63 2.16 -6.70 16.86
N HIS E 64 2.19 -6.06 15.70
CA HIS E 64 1.96 -4.62 15.60
C HIS E 64 1.61 -4.31 14.16
N GLN E 65 0.52 -3.57 13.95
CA GLN E 65 0.02 -3.25 12.62
C GLN E 65 -0.33 -1.78 12.57
N ILE E 66 -1.06 -1.39 11.55
CA ILE E 66 -1.47 -0.01 11.35
C ILE E 66 -2.96 0.12 11.70
N GLU E 67 -3.45 1.36 11.71
CA GLU E 67 -4.86 1.61 11.97
C GLU E 67 -5.74 0.96 10.91
N LYS E 68 -6.78 0.27 11.38
CA LYS E 68 -7.65 -0.52 10.52
C LYS E 68 -9.04 0.10 10.39
N GLU E 69 -9.39 1.04 11.26
CA GLU E 69 -10.64 1.80 11.14
C GLU E 69 -10.38 3.20 11.68
N PHE E 70 -11.18 4.16 11.20
CA PHE E 70 -10.88 5.57 11.39
C PHE E 70 -12.13 6.32 11.83
N SER E 71 -11.93 7.36 12.64
CA SER E 71 -13.00 8.24 13.08
C SER E 71 -12.84 9.65 12.52
N GLU E 72 -12.02 9.81 11.48
CA GLU E 72 -11.78 11.10 10.86
C GLU E 72 -11.26 10.87 9.46
N VAL E 73 -11.68 11.73 8.53
CA VAL E 73 -11.26 11.67 7.13
C VAL E 73 -10.26 12.78 6.87
N GLU E 74 -9.12 12.42 6.27
CA GLU E 74 -8.12 13.40 5.91
C GLU E 74 -7.66 13.32 4.47
N GLY E 75 -8.07 12.31 3.72
CA GLY E 75 -7.86 12.33 2.28
C GLY E 75 -6.85 11.36 1.71
N ARG E 76 -5.72 11.92 1.24
CA ARG E 76 -4.81 11.19 0.37
C ARG E 76 -4.14 10.02 1.08
N ILE E 77 -3.55 10.28 2.25
CA ILE E 77 -2.96 9.20 3.02
C ILE E 77 -4.06 8.33 3.63
N GLN E 78 -5.20 8.95 3.96
CA GLN E 78 -6.35 8.20 4.48
C GLN E 78 -6.89 7.24 3.44
N ASP E 79 -7.06 7.70 2.20
CA ASP E 79 -7.57 6.83 1.15
C ASP E 79 -6.58 5.73 0.80
N LEU E 80 -5.28 6.06 0.74
CA LEU E 80 -4.27 5.05 0.48
C LEU E 80 -4.21 4.02 1.61
N GLU E 81 -4.32 4.48 2.85
CA GLU E 81 -4.41 3.54 3.96
C GLU E 81 -5.69 2.73 3.87
N LYS E 82 -6.79 3.35 3.45
CA LYS E 82 -8.03 2.62 3.21
C LYS E 82 -7.94 1.76 1.95
N TYR E 83 -7.21 2.20 0.93
CA TYR E 83 -7.06 1.40 -0.28
C TYR E 83 -6.26 0.14 0.00
N VAL E 84 -5.15 0.28 0.74
CA VAL E 84 -4.36 -0.90 1.14
C VAL E 84 -5.18 -1.77 2.09
N GLU E 85 -5.96 -1.14 2.97
CA GLU E 85 -6.91 -1.86 3.83
C GLU E 85 -7.89 -2.67 3.01
N ASP E 86 -8.55 -2.01 2.04
CA ASP E 86 -9.63 -2.64 1.31
C ASP E 86 -9.07 -3.72 0.37
N THR E 87 -8.03 -3.38 -0.39
CA THR E 87 -7.51 -4.30 -1.39
C THR E 87 -6.88 -5.54 -0.77
N LYS E 88 -6.39 -5.42 0.47
CA LYS E 88 -5.97 -6.60 1.22
C LYS E 88 -7.13 -7.53 1.49
N ILE E 89 -8.30 -6.96 1.82
CA ILE E 89 -9.44 -7.76 2.25
C ILE E 89 -10.00 -8.59 1.09
N ASP E 90 -10.25 -7.96 -0.06
CA ASP E 90 -10.71 -8.72 -1.23
C ASP E 90 -9.69 -9.72 -1.70
N LEU E 91 -8.40 -9.38 -1.68
CA LEU E 91 -7.39 -10.37 -2.06
C LEU E 91 -7.36 -11.52 -1.07
N TRP E 92 -7.63 -11.24 0.21
CA TRP E 92 -7.73 -12.33 1.18
C TRP E 92 -9.11 -12.98 1.15
N SER E 93 -10.18 -12.20 0.95
CA SER E 93 -11.52 -12.79 0.86
C SER E 93 -11.67 -13.67 -0.37
N TYR E 94 -11.12 -13.23 -1.50
CA TYR E 94 -11.05 -14.09 -2.68
C TYR E 94 -10.19 -15.32 -2.38
N ASN E 95 -9.04 -15.13 -1.73
CA ASN E 95 -8.19 -16.28 -1.43
C ASN E 95 -8.88 -17.23 -0.46
N ALA E 96 -9.61 -16.69 0.52
CA ALA E 96 -10.46 -17.52 1.36
C ALA E 96 -11.58 -18.16 0.54
N GLU E 97 -12.18 -17.39 -0.37
CA GLU E 97 -13.16 -17.95 -1.29
C GLU E 97 -12.50 -18.94 -2.24
N LEU E 98 -11.28 -18.64 -2.69
CA LEU E 98 -10.59 -19.57 -3.57
C LEU E 98 -10.05 -20.77 -2.78
N LEU E 99 -9.78 -20.57 -1.49
CA LEU E 99 -9.46 -21.72 -0.64
C LEU E 99 -10.64 -22.68 -0.57
N VAL E 100 -11.74 -22.23 0.03
CA VAL E 100 -12.85 -23.11 0.37
C VAL E 100 -13.43 -23.77 -0.88
N ALA E 101 -13.61 -22.98 -1.95
CA ALA E 101 -14.22 -23.51 -3.18
C ALA E 101 -13.36 -24.58 -3.84
N LEU E 102 -12.03 -24.43 -3.80
CA LEU E 102 -11.19 -25.54 -4.21
C LEU E 102 -11.27 -26.70 -3.22
N GLU E 103 -11.16 -26.44 -1.91
CA GLU E 103 -11.13 -27.57 -0.99
C GLU E 103 -12.44 -28.36 -0.93
N ASN E 104 -13.61 -27.75 -1.12
CA ASN E 104 -14.79 -28.61 -1.31
C ASN E 104 -14.72 -29.34 -2.63
N GLN E 105 -14.31 -28.64 -3.69
CA GLN E 105 -14.11 -29.30 -4.97
C GLN E 105 -12.98 -30.30 -4.89
N HIS E 106 -11.97 -30.03 -4.04
CA HIS E 106 -11.02 -31.07 -3.69
C HIS E 106 -11.70 -32.19 -2.93
N THR E 107 -12.42 -31.86 -1.84
CA THR E 107 -12.97 -32.87 -0.93
C THR E 107 -14.00 -33.76 -1.61
N ILE E 108 -14.89 -33.18 -2.40
CA ILE E 108 -15.88 -33.98 -3.12
C ILE E 108 -15.18 -34.87 -4.15
N ASP E 109 -14.12 -34.35 -4.76
CA ASP E 109 -13.27 -35.21 -5.57
C ASP E 109 -12.39 -36.09 -4.71
N LEU E 110 -11.95 -35.59 -3.55
CA LEU E 110 -11.20 -36.43 -2.62
C LEU E 110 -12.07 -37.56 -2.11
N THR E 111 -13.26 -37.24 -1.58
CA THR E 111 -14.14 -38.28 -1.04
C THR E 111 -14.69 -39.15 -2.15
N ASP E 112 -14.81 -38.59 -3.36
CA ASP E 112 -15.14 -39.40 -4.51
C ASP E 112 -14.04 -40.35 -4.91
N SER E 113 -12.78 -39.99 -4.61
CA SER E 113 -11.68 -40.80 -5.12
C SER E 113 -11.57 -42.13 -4.37
N GLU E 114 -11.65 -42.14 -3.03
CA GLU E 114 -11.57 -43.44 -2.37
C GLU E 114 -12.85 -44.23 -2.59
N MET E 115 -13.95 -43.54 -2.90
CA MET E 115 -15.15 -44.24 -3.32
C MET E 115 -14.88 -45.00 -4.60
N ASN E 116 -14.20 -44.37 -5.56
CA ASN E 116 -13.74 -45.08 -6.74
C ASN E 116 -12.56 -46.00 -6.43
N LYS E 117 -11.70 -45.62 -5.49
CA LYS E 117 -10.59 -46.51 -5.13
C LYS E 117 -11.12 -47.75 -4.42
N LEU E 118 -12.11 -47.60 -3.54
CA LEU E 118 -12.76 -48.78 -2.96
C LEU E 118 -13.54 -49.55 -4.02
N PHE E 119 -14.08 -48.84 -5.01
CA PHE E 119 -14.66 -49.51 -6.17
C PHE E 119 -13.61 -50.36 -6.88
N GLU E 120 -12.46 -49.77 -7.18
CA GLU E 120 -11.41 -50.51 -7.87
C GLU E 120 -10.80 -51.58 -6.98
N LYS E 121 -10.60 -51.29 -5.70
CA LYS E 121 -10.06 -52.31 -4.78
C LYS E 121 -11.01 -53.48 -4.66
N THR E 122 -12.32 -53.22 -4.63
CA THR E 122 -13.28 -54.32 -4.66
C THR E 122 -13.31 -54.97 -6.04
N ARG E 123 -13.08 -54.19 -7.10
CA ARG E 123 -12.99 -54.77 -8.43
C ARG E 123 -11.72 -55.61 -8.58
N ARG E 124 -10.55 -54.97 -8.37
CA ARG E 124 -9.29 -55.65 -8.63
C ARG E 124 -9.04 -56.81 -7.67
N GLN E 125 -9.73 -56.87 -6.54
CA GLN E 125 -9.65 -58.07 -5.71
C GLN E 125 -10.43 -59.22 -6.33
N LEU E 126 -11.41 -58.93 -7.20
CA LEU E 126 -12.11 -59.97 -7.93
C LEU E 126 -11.85 -59.93 -9.44
N ARG E 127 -12.23 -58.84 -10.12
CA ARG E 127 -11.97 -58.56 -11.54
C ARG E 127 -12.63 -59.57 -12.49
N GLU E 128 -13.27 -60.60 -11.94
CA GLU E 128 -14.13 -61.51 -12.69
C GLU E 128 -15.39 -61.85 -11.91
N ASN E 129 -15.53 -61.35 -10.67
CA ASN E 129 -16.56 -61.83 -9.76
C ASN E 129 -17.40 -60.67 -9.23
N ALA E 130 -16.82 -59.49 -9.13
CA ALA E 130 -17.54 -58.29 -8.68
C ALA E 130 -17.92 -57.42 -9.87
N GLU E 131 -18.94 -57.88 -10.59
CA GLU E 131 -19.41 -57.16 -11.76
C GLU E 131 -20.35 -56.03 -11.34
N GLU E 132 -20.06 -54.83 -11.82
CA GLU E 132 -20.76 -53.64 -11.40
C GLU E 132 -22.21 -53.65 -11.90
N MET E 133 -23.11 -53.11 -11.08
CA MET E 133 -24.50 -52.93 -11.47
C MET E 133 -24.81 -51.52 -11.94
N GLY E 134 -23.88 -50.58 -11.79
CA GLY E 134 -24.07 -49.22 -12.24
C GLY E 134 -24.69 -48.30 -11.23
N ASN E 135 -25.30 -48.84 -10.17
CA ASN E 135 -25.95 -48.04 -9.15
C ASN E 135 -24.96 -47.57 -8.07
N GLY E 136 -23.66 -47.68 -8.35
CA GLY E 136 -22.67 -47.38 -7.34
C GLY E 136 -22.59 -48.39 -6.24
N CYS E 137 -23.13 -49.58 -6.44
CA CYS E 137 -23.08 -50.62 -5.43
C CYS E 137 -22.98 -51.96 -6.13
N PHE E 138 -22.10 -52.83 -5.64
CA PHE E 138 -21.64 -53.98 -6.40
C PHE E 138 -22.61 -55.14 -6.34
N LYS E 139 -22.13 -56.30 -6.80
CA LYS E 139 -22.90 -57.53 -6.82
C LYS E 139 -21.90 -58.69 -6.88
N ILE E 140 -21.83 -59.46 -5.80
CA ILE E 140 -20.97 -60.64 -5.73
C ILE E 140 -21.78 -61.87 -6.14
N TYR E 141 -21.25 -62.64 -7.07
CA TYR E 141 -21.99 -63.72 -7.72
C TYR E 141 -21.75 -65.10 -7.11
N HIS E 142 -21.06 -65.20 -5.98
CA HIS E 142 -20.88 -66.50 -5.33
C HIS E 142 -21.59 -66.52 -3.98
N LYS E 143 -21.64 -67.71 -3.38
CA LYS E 143 -22.23 -67.85 -2.05
C LYS E 143 -21.36 -67.12 -1.02
N CYS E 144 -22.02 -66.47 -0.08
CA CYS E 144 -21.36 -65.47 0.75
C CYS E 144 -21.93 -65.55 2.17
N ASP E 145 -21.06 -65.36 3.16
CA ASP E 145 -21.45 -65.50 4.56
C ASP E 145 -20.76 -64.39 5.35
N ASN E 146 -20.68 -64.54 6.67
CA ASN E 146 -19.98 -63.55 7.48
C ASN E 146 -18.46 -63.63 7.30
N ALA E 147 -17.96 -64.72 6.72
CA ALA E 147 -16.53 -64.80 6.41
C ALA E 147 -16.18 -63.91 5.23
N CYS E 148 -17.16 -63.59 4.39
CA CYS E 148 -16.97 -62.68 3.26
C CYS E 148 -16.54 -61.29 3.74
N ILE E 149 -17.41 -60.65 4.51
CA ILE E 149 -17.26 -59.25 4.87
C ILE E 149 -16.06 -59.06 5.78
N GLU E 150 -15.83 -60.01 6.71
CA GLU E 150 -14.70 -59.92 7.61
C GLU E 150 -13.36 -60.08 6.88
N SER E 151 -13.38 -60.61 5.66
CA SER E 151 -12.17 -60.69 4.84
C SER E 151 -12.01 -59.47 3.94
N ILE E 152 -13.10 -59.07 3.26
CA ILE E 152 -13.04 -57.97 2.30
C ILE E 152 -12.79 -56.65 3.00
N ARG E 153 -13.26 -56.51 4.24
CA ARG E 153 -12.99 -55.31 5.02
C ARG E 153 -11.50 -55.15 5.29
N ASN E 154 -10.81 -56.24 5.58
CA ASN E 154 -9.37 -56.21 5.70
C ASN E 154 -8.73 -56.38 4.32
N GLY E 155 -7.40 -56.46 4.29
CA GLY E 155 -6.69 -56.55 3.03
C GLY E 155 -6.65 -57.93 2.42
N THR E 156 -6.85 -58.98 3.20
CA THR E 156 -6.68 -60.34 2.72
C THR E 156 -7.99 -60.90 2.18
N TYR E 157 -7.93 -61.42 0.96
CA TYR E 157 -9.08 -62.05 0.31
C TYR E 157 -8.57 -62.87 -0.86
N ASP E 158 -8.86 -64.16 -0.87
CA ASP E 158 -8.43 -65.03 -1.94
C ASP E 158 -9.38 -64.92 -3.12
N HIS E 159 -8.82 -64.97 -4.33
CA HIS E 159 -9.61 -64.96 -5.56
C HIS E 159 -9.25 -66.15 -6.44
N ASP E 160 -9.18 -67.33 -5.82
CA ASP E 160 -8.86 -68.53 -6.57
C ASP E 160 -9.93 -69.60 -6.37
N VAL E 161 -10.46 -69.71 -5.15
CA VAL E 161 -11.54 -70.64 -4.90
C VAL E 161 -12.89 -70.04 -5.28
N TYR E 162 -13.10 -68.75 -5.02
CA TYR E 162 -14.32 -68.07 -5.40
C TYR E 162 -14.33 -67.61 -6.85
N ARG E 163 -13.18 -67.68 -7.53
CA ARG E 163 -13.14 -67.29 -8.93
C ARG E 163 -13.86 -68.32 -9.80
N ASP E 164 -13.90 -69.53 -9.24
CA ASP E 164 -14.28 -70.71 -10.00
C ASP E 164 -15.79 -70.92 -9.96
N GLU E 165 -16.32 -72.14 -9.98
CA GLU E 165 -17.76 -72.36 -10.12
C GLU E 165 -18.19 -72.25 -11.59
N ALA E 166 -17.95 -67.90 -9.38
CA ALA E 166 -18.66 -66.67 -9.75
C ALA E 166 -18.66 -66.46 -11.26
N LEU E 167 -17.80 -67.16 -12.00
CA LEU E 167 -17.87 -67.10 -13.45
C LEU E 167 -18.93 -68.04 -13.99
N ASN E 168 -19.46 -68.94 -13.17
CA ASN E 168 -20.48 -69.87 -13.64
C ASN E 168 -21.83 -69.17 -13.79
N ASN E 169 -22.20 -68.34 -12.83
CA ASN E 169 -23.48 -67.64 -12.89
C ASN E 169 -23.40 -66.28 -13.56
N ARG E 170 -22.21 -65.84 -13.97
CA ARG E 170 -22.10 -64.75 -14.92
C ARG E 170 -22.47 -65.20 -16.34
N PHE E 171 -22.54 -66.50 -16.57
CA PHE E 171 -22.87 -67.08 -17.86
C PHE E 171 -24.22 -67.78 -17.79
N GLN E 172 -25.01 -67.64 -18.86
CA GLN E 172 -26.24 -68.39 -19.03
C GLN E 172 -26.12 -69.26 -20.27
N ILE E 173 -26.09 -70.59 -20.07
CA ILE E 173 -25.96 -71.50 -21.19
C ILE E 173 -27.25 -71.55 -21.99
N LYS E 174 -27.14 -71.56 -23.31
CA LYS E 174 -28.29 -71.55 -24.20
C LYS E 174 -28.64 -72.98 -24.60
N GLY E 175 -29.87 -73.38 -24.30
CA GLY E 175 -30.33 -74.72 -24.62
C GLY E 175 -31.25 -75.30 -23.56
N SER F 1 -9.20 35.04 52.57
CA SER F 1 -8.80 35.85 53.71
C SER F 1 -7.40 35.47 54.18
N LEU F 2 -7.20 34.19 54.46
CA LEU F 2 -5.89 33.72 54.88
C LEU F 2 -4.92 33.60 53.71
N GLU F 3 -5.43 33.34 52.50
CA GLU F 3 -4.55 33.15 51.36
C GLU F 3 -3.96 34.47 50.87
N ILE F 4 -4.79 35.52 50.85
CA ILE F 4 -4.32 36.82 50.35
C ILE F 4 -3.30 37.43 51.30
N GLU F 5 -3.47 37.21 52.60
CA GLU F 5 -2.50 37.71 53.57
C GLU F 5 -1.21 36.91 53.54
N GLU F 6 -1.30 35.60 53.31
CA GLU F 6 -0.12 34.76 53.24
C GLU F 6 0.77 35.14 52.07
N LEU F 7 0.17 35.37 50.90
CA LEU F 7 0.95 35.83 49.76
C LEU F 7 1.42 37.27 49.93
N ALA F 8 0.69 38.07 50.72
CA ALA F 8 1.19 39.39 51.09
C ALA F 8 2.43 39.26 51.97
N ARG F 9 2.43 38.30 52.89
CA ARG F 9 3.62 38.03 53.68
C ARG F 9 4.73 37.43 52.82
N PHE F 10 4.36 36.68 51.78
CA PHE F 10 5.36 36.18 50.85
C PHE F 10 5.94 37.32 50.02
N ALA F 11 5.12 38.32 49.68
CA ALA F 11 5.58 39.40 48.83
C ALA F 11 6.56 40.32 49.56
N VAL F 12 6.33 40.54 50.86
CA VAL F 12 7.14 41.50 51.58
C VAL F 12 8.52 40.94 51.91
N ASP F 13 8.59 39.66 52.32
CA ASP F 13 9.88 39.10 52.72
C ASP F 13 10.73 38.74 51.51
N GLU F 14 10.10 38.44 50.37
CA GLU F 14 10.86 38.28 49.13
C GLU F 14 11.49 39.61 48.71
N HIS F 15 10.75 40.70 48.86
CA HIS F 15 11.33 42.02 48.66
C HIS F 15 12.38 42.33 49.72
N ASN F 16 12.14 41.88 50.95
CA ASN F 16 13.13 42.05 52.01
C ASN F 16 14.37 41.21 51.75
N LYS F 17 14.20 40.05 51.11
CA LYS F 17 15.36 39.21 50.79
C LYS F 17 16.15 39.78 49.62
N LYS F 18 15.45 40.25 48.58
CA LYS F 18 16.13 40.65 47.36
C LYS F 18 16.87 41.97 47.52
N GLU F 19 16.25 42.94 48.20
CA GLU F 19 16.82 44.27 48.35
C GLU F 19 17.60 44.42 49.65
N ASN F 20 17.64 43.37 50.48
CA ASN F 20 18.13 43.43 51.86
C ASN F 20 17.40 44.52 52.64
N ALA F 21 16.07 44.48 52.58
CA ALA F 21 15.21 45.45 53.23
C ALA F 21 14.58 44.84 54.47
N LEU F 22 13.74 45.64 55.15
CA LEU F 22 12.98 45.17 56.31
C LEU F 22 11.67 45.95 56.34
N LEU F 23 10.63 45.35 55.79
CA LEU F 23 9.29 45.94 55.78
C LEU F 23 8.33 45.00 56.50
N GLU F 24 7.28 45.58 57.08
CA GLU F 24 6.31 44.83 57.87
C GLU F 24 4.93 44.98 57.27
N PHE F 25 4.22 43.87 57.13
CA PHE F 25 2.88 43.85 56.58
C PHE F 25 1.87 44.40 57.57
N VAL F 26 0.81 45.00 57.05
CA VAL F 26 -0.26 45.50 57.92
C VAL F 26 -1.58 44.83 57.55
N ARG F 27 -2.06 45.08 56.32
CA ARG F 27 -3.32 44.51 55.84
C ARG F 27 -3.37 44.65 54.33
N VAL F 28 -4.32 43.95 53.73
CA VAL F 28 -4.52 43.92 52.28
C VAL F 28 -5.75 44.77 51.95
N VAL F 29 -5.60 45.65 50.95
CA VAL F 29 -6.68 46.54 50.57
C VAL F 29 -7.58 45.91 49.52
N LYS F 30 -7.00 45.41 48.42
CA LYS F 30 -7.76 44.87 47.32
C LYS F 30 -7.02 43.69 46.71
N ALA F 31 -7.78 42.65 46.35
CA ALA F 31 -7.24 41.44 45.71
C ALA F 31 -8.17 41.10 44.54
N LYS F 32 -7.80 41.58 43.35
CA LYS F 32 -8.63 41.45 42.16
C LYS F 32 -7.95 40.48 41.19
N GLU F 33 -8.37 39.22 41.25
CA GLU F 33 -7.91 38.24 40.28
C GLU F 33 -8.39 38.60 38.89
N GLN F 34 -7.49 38.51 37.91
CA GLN F 34 -7.83 38.90 36.55
C GLN F 34 -8.84 37.93 35.94
N PHE F 35 -9.77 38.47 35.16
CA PHE F 35 -10.79 37.70 34.46
C PHE F 35 -10.91 38.16 33.02
N ASN F 36 -9.77 38.45 32.39
CA ASN F 36 -9.78 38.93 31.01
C ASN F 36 -10.22 37.83 30.04
N TYR F 37 -9.46 36.74 29.98
CA TYR F 37 -9.86 35.58 29.21
C TYR F 37 -9.98 34.32 30.05
N ASP F 38 -8.96 34.01 30.86
CA ASP F 38 -8.99 32.80 31.69
C ASP F 38 -8.10 33.01 32.91
N GLN F 39 -8.58 32.52 34.05
CA GLN F 39 -7.84 32.58 35.30
C GLN F 39 -7.59 31.20 35.89
N TRP F 40 -7.99 30.14 35.19
CA TRP F 40 -8.00 28.79 35.73
C TRP F 40 -7.35 27.85 34.73
N GLN F 41 -6.83 26.73 35.24
CA GLN F 41 -6.04 25.67 34.57
C GLN F 41 -4.63 26.15 34.22
N ASP F 42 -4.19 27.30 34.72
CA ASP F 42 -2.92 27.88 34.30
C ASP F 42 -2.48 28.88 35.36
N TYR F 43 -1.59 29.79 34.97
CA TYR F 43 -1.26 30.97 35.75
C TYR F 43 -2.52 31.69 36.22
N THR F 44 -2.54 32.03 37.50
CA THR F 44 -3.70 32.57 38.20
C THR F 44 -3.28 33.77 39.02
N MET F 45 -2.66 34.74 38.35
CA MET F 45 -2.07 35.90 39.00
C MET F 45 -3.09 36.68 39.83
N TYR F 46 -2.67 37.05 41.05
CA TYR F 46 -3.45 37.91 41.94
C TYR F 46 -2.90 39.33 41.82
N TYR F 47 -3.74 40.26 41.38
CA TYR F 47 -3.43 41.66 41.53
C TYR F 47 -3.57 42.04 42.99
N LEU F 48 -2.46 42.06 43.72
CA LEU F 48 -2.47 42.27 45.16
C LEU F 48 -2.04 43.69 45.47
N THR F 49 -2.87 44.41 46.22
CA THR F 49 -2.60 45.78 46.63
C THR F 49 -2.31 45.79 48.12
N LEU F 50 -1.13 46.29 48.49
CA LEU F 50 -0.67 46.25 49.87
C LEU F 50 -0.21 47.63 50.32
N GLU F 51 -0.35 47.88 51.61
CA GLU F 51 0.19 49.08 52.24
C GLU F 51 1.06 48.67 53.42
N ALA F 52 2.19 49.37 53.59
CA ALA F 52 3.16 49.02 54.61
C ALA F 52 3.45 50.22 55.48
N LYS F 53 3.71 49.94 56.76
CA LYS F 53 4.04 50.94 57.77
C LYS F 53 5.46 50.63 58.26
N ASP F 54 6.44 51.13 57.53
CA ASP F 54 7.84 50.84 57.86
C ASP F 54 8.70 52.08 57.98
N GLY F 55 8.47 53.11 57.17
CA GLY F 55 9.32 54.28 57.16
C GLY F 55 8.65 55.50 57.76
N GLY F 56 7.77 55.28 58.74
CA GLY F 56 7.01 56.37 59.32
C GLY F 56 5.83 56.79 58.50
N LYS F 57 5.43 56.00 57.50
CA LYS F 57 4.36 56.40 56.60
C LYS F 57 3.76 55.14 55.96
N LYS F 58 2.60 55.34 55.34
CA LYS F 58 1.93 54.28 54.58
C LYS F 58 2.31 54.40 53.11
N LYS F 59 2.79 53.30 52.53
CA LYS F 59 3.20 53.26 51.14
C LYS F 59 2.44 52.17 50.41
N LEU F 60 1.81 52.53 49.30
CA LEU F 60 1.04 51.57 48.51
C LEU F 60 1.95 50.75 47.60
N TYR F 61 1.54 49.52 47.33
CA TYR F 61 2.31 48.63 46.47
C TYR F 61 1.35 47.78 45.64
N GLU F 62 1.85 47.27 44.52
CA GLU F 62 1.12 46.32 43.68
C GLU F 62 2.08 45.22 43.27
N ALA F 63 1.75 43.99 43.62
CA ALA F 63 2.62 42.85 43.37
C ALA F 63 1.96 41.90 42.39
N LYS F 64 2.69 41.57 41.32
CA LYS F 64 2.22 40.62 40.32
C LYS F 64 2.77 39.23 40.66
N VAL F 65 2.16 38.62 41.68
CA VAL F 65 2.61 37.33 42.19
C VAL F 65 2.13 36.26 41.21
N TRP F 66 3.04 35.79 40.37
CA TRP F 66 2.76 34.76 39.38
C TRP F 66 2.67 33.41 40.06
N VAL F 67 1.46 32.98 40.41
CA VAL F 67 1.29 31.73 41.15
C VAL F 67 1.02 30.59 40.18
N LYS F 68 2.07 29.98 39.67
CA LYS F 68 1.92 28.81 38.82
C LYS F 68 1.59 27.61 39.69
N PHE F 69 0.67 26.77 39.24
CA PHE F 69 0.39 25.53 39.95
C PHE F 69 1.53 24.54 39.74
N VAL F 70 1.90 23.84 40.81
CA VAL F 70 2.82 22.71 40.73
C VAL F 70 2.04 21.42 40.48
N ASP F 71 2.77 20.38 40.11
CA ASP F 71 2.25 19.03 40.27
C ASP F 71 2.16 18.71 41.78
N SER F 72 1.39 17.69 42.11
CA SER F 72 1.02 17.42 43.49
C SER F 72 2.20 16.84 44.29
N ALA F 73 1.88 16.31 45.47
CA ALA F 73 2.89 15.87 46.45
C ALA F 73 3.83 14.78 45.93
N PHE F 74 3.55 14.20 44.76
CA PHE F 74 4.56 13.43 44.05
C PHE F 74 5.77 14.30 43.70
N GLU F 75 5.54 15.59 43.44
CA GLU F 75 6.61 16.54 43.17
C GLU F 75 6.51 17.71 44.13
N THR F 76 7.24 18.80 43.85
CA THR F 76 7.35 19.92 44.79
C THR F 76 6.00 20.64 44.94
N GLU F 77 5.91 21.42 46.02
CA GLU F 77 4.72 22.19 46.35
C GLU F 77 5.12 23.63 46.66
N ASN F 78 4.11 24.43 47.05
CA ASN F 78 4.26 25.79 47.57
C ASN F 78 4.96 26.70 46.55
N PHE F 79 4.29 26.92 45.42
CA PHE F 79 4.84 27.68 44.32
C PHE F 79 4.32 29.12 44.37
N LYS F 80 5.25 30.07 44.34
CA LYS F 80 4.98 31.49 44.21
C LYS F 80 6.29 32.21 43.90
N GLU F 81 6.20 33.23 43.04
CA GLU F 81 7.35 34.10 42.81
C GLU F 81 6.83 35.50 42.47
N LEU F 82 7.60 36.50 42.89
CA LEU F 82 7.24 37.90 42.65
C LEU F 82 7.85 38.36 41.34
N GLN F 83 7.00 38.69 40.36
CA GLN F 83 7.50 39.20 39.09
C GLN F 83 8.04 40.61 39.25
N GLU F 84 7.28 41.48 39.89
CA GLU F 84 7.67 42.88 40.06
C GLU F 84 6.89 43.46 41.23
N PHE F 85 7.57 44.29 42.02
CA PHE F 85 6.98 44.91 43.20
C PHE F 85 7.03 46.42 42.99
N LYS F 86 6.02 46.96 42.32
CA LYS F 86 6.02 48.40 42.06
C LYS F 86 5.54 49.16 43.30
N PRO F 87 6.05 50.38 43.52
CA PRO F 87 5.57 51.23 44.60
C PRO F 87 4.45 52.15 44.15
N ALA G 1 -32.34 -62.77 -35.94
CA ALA G 1 -31.88 -61.64 -36.75
C ALA G 1 -30.98 -60.78 -35.87
N ASP G 2 -29.68 -60.86 -36.10
CA ASP G 2 -28.70 -60.08 -35.35
C ASP G 2 -27.73 -59.42 -36.30
N PRO G 3 -27.32 -58.20 -35.96
CA PRO G 3 -26.37 -57.44 -36.77
C PRO G 3 -25.45 -56.65 -35.86
N GLY G 4 -24.32 -56.25 -36.41
CA GLY G 4 -23.33 -55.44 -35.68
C GLY G 4 -23.51 -53.99 -36.07
N ALA G 5 -23.83 -53.15 -35.10
CA ALA G 5 -24.01 -51.72 -35.30
C ALA G 5 -23.00 -50.97 -34.44
N THR G 6 -23.12 -49.64 -34.43
CA THR G 6 -22.26 -48.81 -33.60
C THR G 6 -23.06 -47.65 -33.05
N LEU G 7 -22.60 -47.16 -31.90
CA LEU G 7 -23.14 -45.98 -31.24
C LEU G 7 -21.97 -45.12 -30.77
N CYS G 8 -21.09 -44.79 -31.71
CA CYS G 8 -19.91 -44.03 -31.35
C CYS G 8 -20.25 -42.64 -30.83
N LEU G 9 -19.80 -42.37 -29.62
CA LEU G 9 -19.94 -41.07 -28.98
C LEU G 9 -18.91 -40.11 -29.53
N GLY G 10 -18.85 -38.94 -28.94
CA GLY G 10 -17.96 -37.92 -29.42
C GLY G 10 -18.50 -36.56 -29.03
N HIS G 11 -18.11 -35.56 -29.81
CA HIS G 11 -18.48 -34.20 -29.47
C HIS G 11 -18.50 -33.33 -30.72
N HIS G 12 -18.60 -32.02 -30.51
CA HIS G 12 -18.86 -31.07 -31.58
C HIS G 12 -17.59 -30.27 -31.88
N ALA G 13 -17.36 -30.02 -33.17
CA ALA G 13 -16.21 -29.27 -33.64
C ALA G 13 -16.65 -28.22 -34.64
N VAL G 14 -15.96 -27.08 -34.63
CA VAL G 14 -16.24 -25.97 -35.55
C VAL G 14 -14.90 -25.49 -36.10
N PRO G 15 -14.76 -25.29 -37.43
CA PRO G 15 -13.45 -24.91 -37.96
C PRO G 15 -13.19 -23.41 -37.97
N ASN G 16 -13.56 -22.73 -36.88
CA ASN G 16 -13.22 -21.32 -36.69
C ASN G 16 -12.78 -21.06 -35.25
N GLY G 17 -11.95 -21.95 -34.71
CA GLY G 17 -11.63 -21.89 -33.29
C GLY G 17 -10.75 -20.71 -32.93
N THR G 18 -10.71 -20.42 -31.63
CA THR G 18 -9.95 -19.31 -31.08
C THR G 18 -8.98 -19.83 -30.03
N LEU G 19 -7.76 -19.28 -30.04
CA LEU G 19 -6.70 -19.77 -29.17
C LEU G 19 -6.92 -19.33 -27.73
N VAL G 20 -6.67 -20.26 -26.80
CA VAL G 20 -6.75 -19.98 -25.37
C VAL G 20 -5.46 -20.50 -24.72
N LYS G 21 -5.39 -20.37 -23.41
CA LYS G 21 -4.22 -20.83 -22.67
C LYS G 21 -4.61 -21.83 -21.58
N THR G 22 -3.64 -22.63 -21.20
CA THR G 22 -3.78 -23.68 -20.19
C THR G 22 -2.52 -23.62 -19.31
N ILE G 23 -2.58 -24.23 -18.13
CA ILE G 23 -1.44 -24.17 -17.23
C ILE G 23 -0.37 -25.22 -17.58
N THR G 24 -0.70 -26.23 -18.38
CA THR G 24 0.27 -27.21 -18.83
C THR G 24 0.72 -26.98 -20.27
N ASP G 25 0.15 -25.98 -20.95
CA ASP G 25 0.51 -25.67 -22.33
C ASP G 25 0.68 -24.16 -22.46
N ASP G 26 0.84 -23.71 -23.70
CA ASP G 26 1.05 -22.29 -23.96
C ASP G 26 0.02 -21.71 -24.92
N GLN G 27 -0.35 -22.43 -25.96
CA GLN G 27 -1.35 -21.96 -26.91
C GLN G 27 -2.13 -23.16 -27.42
N ILE G 28 -3.36 -23.32 -26.95
CA ILE G 28 -4.29 -24.31 -27.48
C ILE G 28 -5.56 -23.57 -27.88
N GLU G 29 -6.31 -24.17 -28.79
CA GLU G 29 -7.53 -23.55 -29.31
C GLU G 29 -8.74 -24.43 -29.02
N VAL G 30 -9.90 -23.79 -28.91
CA VAL G 30 -11.13 -24.44 -28.45
C VAL G 30 -12.26 -24.16 -29.42
N THR G 31 -13.43 -24.73 -29.12
CA THR G 31 -14.62 -24.61 -29.94
C THR G 31 -15.41 -23.33 -29.68
N ASN G 32 -15.14 -22.64 -28.59
CA ASN G 32 -15.92 -21.48 -28.18
C ASN G 32 -15.10 -20.72 -27.15
N ALA G 33 -15.09 -19.41 -27.25
CA ALA G 33 -14.29 -18.62 -26.32
C ALA G 33 -14.94 -17.27 -26.14
N THR G 34 -15.36 -16.99 -24.90
CA THR G 34 -15.89 -15.68 -24.56
C THR G 34 -14.72 -14.81 -24.13
N GLU G 35 -14.64 -13.62 -24.71
CA GLU G 35 -13.55 -12.71 -24.35
C GLU G 35 -13.91 -12.05 -23.04
N LEU G 36 -13.31 -12.51 -21.95
CA LEU G 36 -13.46 -11.83 -20.68
C LEU G 36 -12.81 -10.45 -20.69
N VAL G 37 -11.93 -10.19 -21.63
CA VAL G 37 -11.36 -8.86 -21.81
C VAL G 37 -12.42 -7.97 -22.42
N GLN G 38 -12.34 -6.66 -22.14
CA GLN G 38 -13.17 -5.66 -22.79
C GLN G 38 -12.28 -4.51 -23.22
N SER G 39 -11.72 -4.62 -24.42
CA SER G 39 -10.86 -3.59 -24.99
C SER G 39 -11.61 -2.62 -25.88
N SER G 40 -12.78 -2.99 -26.37
CA SER G 40 -13.58 -2.11 -27.19
C SER G 40 -14.21 -1.01 -26.34
N SER G 41 -14.61 0.06 -27.01
CA SER G 41 -15.24 1.20 -26.33
C SER G 41 -16.15 1.89 -27.33
N THR G 42 -17.42 2.09 -26.94
CA THR G 42 -18.37 2.78 -27.79
C THR G 42 -18.00 4.25 -27.97
N GLY G 43 -17.43 4.87 -26.95
CA GLY G 43 -16.98 6.24 -27.05
C GLY G 43 -18.00 7.28 -26.66
N LYS G 44 -19.12 6.88 -26.04
CA LYS G 44 -20.17 7.81 -25.64
C LYS G 44 -20.39 7.70 -24.14
N ILE G 45 -20.33 8.83 -23.45
CA ILE G 45 -20.67 8.88 -22.03
C ILE G 45 -22.17 9.11 -21.90
N CYS G 46 -22.83 8.22 -21.16
CA CYS G 46 -24.28 8.23 -21.06
C CYS G 46 -24.69 8.66 -19.66
N ASN G 47 -25.84 9.35 -19.57
CA ASN G 47 -26.24 10.06 -18.37
C ASN G 47 -27.34 9.34 -17.58
N ASN G 48 -27.44 8.02 -17.71
CA ASN G 48 -28.44 7.24 -16.97
C ASN G 48 -27.92 5.82 -16.83
N PRO G 49 -28.18 5.15 -15.69
CA PRO G 49 -28.98 5.59 -14.53
C PRO G 49 -28.23 6.45 -13.51
N HIS G 50 -26.90 6.52 -13.55
CA HIS G 50 -26.21 7.46 -12.68
C HIS G 50 -26.35 8.88 -13.21
N ARG G 51 -26.55 9.83 -12.30
CA ARG G 51 -26.59 11.23 -12.67
C ARG G 51 -25.18 11.70 -12.99
N ILE G 52 -24.94 12.07 -14.25
CA ILE G 52 -23.61 12.45 -14.72
C ILE G 52 -23.61 13.94 -14.96
N LEU G 53 -22.73 14.65 -14.26
CA LEU G 53 -22.53 16.07 -14.47
C LEU G 53 -21.30 16.26 -15.35
N ASP G 54 -21.50 16.89 -16.49
CA ASP G 54 -20.45 17.06 -17.49
C ASP G 54 -20.11 18.54 -17.63
N GLY G 55 -18.84 18.86 -17.53
CA GLY G 55 -18.40 20.20 -17.84
C GLY G 55 -18.28 20.43 -19.34
N ILE G 56 -18.18 21.69 -19.71
CA ILE G 56 -17.89 22.08 -21.09
C ILE G 56 -16.50 22.69 -21.19
N ASP G 57 -16.21 23.68 -20.36
CA ASP G 57 -14.87 24.21 -20.18
C ASP G 57 -14.63 24.39 -18.68
N CYS G 58 -14.98 23.34 -17.92
CA CYS G 58 -15.15 23.45 -16.48
C CYS G 58 -14.48 22.27 -15.80
N THR G 59 -13.82 22.52 -14.68
CA THR G 59 -13.28 21.46 -13.83
C THR G 59 -13.94 21.52 -12.44
N LEU G 60 -13.84 20.39 -11.72
CA LEU G 60 -14.62 20.20 -10.50
C LEU G 60 -14.23 21.19 -9.41
N ILE G 61 -12.93 21.42 -9.22
CA ILE G 61 -12.50 22.38 -8.21
C ILE G 61 -12.95 23.78 -8.59
N ASP G 62 -12.91 24.10 -9.88
CA ASP G 62 -13.49 25.35 -10.34
C ASP G 62 -15.02 25.31 -10.41
N ALA G 63 -15.61 24.11 -10.41
CA ALA G 63 -17.07 24.02 -10.34
C ALA G 63 -17.58 24.38 -8.95
N LEU G 64 -16.93 23.87 -7.90
CA LEU G 64 -17.28 24.26 -6.55
C LEU G 64 -16.96 25.73 -6.30
N LEU G 65 -15.83 26.19 -6.78
CA LEU G 65 -15.46 27.59 -6.73
C LEU G 65 -16.38 28.48 -7.55
N GLY G 66 -17.13 27.91 -8.50
CA GLY G 66 -18.02 28.72 -9.31
C GLY G 66 -17.27 29.61 -10.26
N ASP G 67 -16.62 29.01 -11.26
CA ASP G 67 -15.96 29.79 -12.30
C ASP G 67 -17.00 30.63 -13.03
N PRO G 68 -16.74 31.92 -13.27
CA PRO G 68 -17.76 32.76 -13.92
C PRO G 68 -17.81 32.58 -15.43
N HIS G 69 -17.67 31.34 -15.86
CA HIS G 69 -18.05 30.89 -17.19
C HIS G 69 -18.72 29.53 -17.07
N CYS G 70 -18.95 29.04 -15.85
CA CYS G 70 -19.52 27.73 -15.59
C CYS G 70 -20.61 27.80 -14.53
N ASP G 71 -21.41 28.86 -14.53
CA ASP G 71 -22.42 29.01 -13.49
C ASP G 71 -23.73 28.32 -13.87
N VAL G 72 -23.63 27.03 -14.22
CA VAL G 72 -24.78 26.15 -14.32
C VAL G 72 -24.71 25.04 -13.29
N PHE G 73 -23.59 24.92 -12.57
CA PHE G 73 -23.38 23.90 -11.57
C PHE G 73 -23.74 24.35 -10.17
N GLN G 74 -24.50 25.43 -10.04
CA GLN G 74 -25.11 25.75 -8.75
C GLN G 74 -26.03 24.62 -8.33
N ASN G 75 -25.86 24.16 -7.09
CA ASN G 75 -26.38 22.88 -6.61
C ASN G 75 -25.95 21.78 -7.58
N GLU G 76 -26.93 21.14 -8.24
CA GLU G 76 -26.70 20.11 -9.25
C GLU G 76 -25.90 18.94 -8.67
N THR G 77 -26.57 18.22 -7.77
CA THR G 77 -26.02 16.98 -7.25
C THR G 77 -25.71 16.00 -8.38
N TRP G 78 -24.69 15.18 -8.17
CA TRP G 78 -24.16 14.35 -9.23
C TRP G 78 -23.87 12.95 -8.70
N ASP G 79 -23.38 12.11 -9.60
CA ASP G 79 -22.76 10.84 -9.21
C ASP G 79 -21.39 10.65 -9.84
N LEU G 80 -21.03 11.43 -10.86
CA LEU G 80 -19.73 11.31 -11.53
C LEU G 80 -19.46 12.59 -12.28
N PHE G 81 -18.41 13.30 -11.90
CA PHE G 81 -18.02 14.53 -12.57
C PHE G 81 -16.95 14.21 -13.60
N VAL G 82 -17.25 14.48 -14.88
CA VAL G 82 -16.34 14.20 -15.97
C VAL G 82 -15.71 15.51 -16.40
N GLU G 83 -14.43 15.70 -16.07
CA GLU G 83 -13.70 16.86 -16.54
C GLU G 83 -13.32 16.69 -18.00
N ARG G 84 -12.97 17.79 -18.64
CA ARG G 84 -12.70 17.82 -20.07
C ARG G 84 -11.22 18.12 -20.29
N SER G 85 -10.62 17.42 -21.26
CA SER G 85 -9.19 17.56 -21.53
C SER G 85 -8.84 18.91 -22.15
N LYS G 86 -9.83 19.67 -22.62
CA LYS G 86 -9.60 21.00 -23.15
C LYS G 86 -9.87 22.09 -22.13
N ALA G 87 -9.65 21.81 -20.85
CA ALA G 87 -10.04 22.71 -19.78
C ALA G 87 -9.08 23.89 -19.68
N PHE G 88 -9.58 24.97 -19.07
CA PHE G 88 -8.77 26.14 -18.78
C PHE G 88 -9.46 26.92 -17.66
N SER G 89 -8.65 27.50 -16.78
CA SER G 89 -9.14 28.15 -15.58
C SER G 89 -8.96 29.66 -15.73
N ASN G 90 -10.04 30.37 -16.00
CA ASN G 90 -9.99 31.79 -16.30
C ASN G 90 -10.05 32.67 -15.07
N CYS G 91 -10.03 32.09 -13.87
CA CYS G 91 -10.24 32.86 -12.65
C CYS G 91 -9.07 32.68 -11.70
N TYR G 92 -8.14 33.66 -11.69
CA TYR G 92 -7.15 33.90 -10.66
C TYR G 92 -6.34 32.65 -10.29
N PRO G 93 -5.30 32.32 -11.08
CA PRO G 93 -4.66 31.01 -10.97
C PRO G 93 -4.15 30.71 -9.57
N TYR G 94 -4.35 29.45 -9.16
CA TYR G 94 -4.24 29.07 -7.76
C TYR G 94 -3.29 27.89 -7.62
N ASP G 95 -2.77 27.72 -6.41
CA ASP G 95 -1.97 26.55 -6.06
C ASP G 95 -2.47 26.03 -4.74
N VAL G 96 -3.17 24.90 -4.77
CA VAL G 96 -3.61 24.24 -3.56
C VAL G 96 -2.52 23.24 -3.14
N PRO G 97 -2.01 23.33 -1.91
CA PRO G 97 -1.24 22.22 -1.36
C PRO G 97 -2.17 21.06 -1.09
N ASP G 98 -1.65 19.85 -1.26
CA ASP G 98 -2.38 18.61 -0.97
C ASP G 98 -3.65 18.54 -1.84
N TYR G 99 -3.41 18.50 -3.16
CA TYR G 99 -4.49 18.63 -4.15
C TYR G 99 -5.31 17.36 -4.26
N ALA G 100 -4.66 16.20 -4.13
CA ALA G 100 -5.34 14.94 -4.40
C ALA G 100 -6.37 14.62 -3.33
N SER G 101 -6.15 15.10 -2.10
CA SER G 101 -7.09 14.80 -1.01
C SER G 101 -8.37 15.62 -1.14
N LEU G 102 -8.23 16.92 -1.45
CA LEU G 102 -9.39 17.80 -1.54
C LEU G 102 -10.29 17.41 -2.70
N ARG G 103 -9.68 17.02 -3.82
CA ARG G 103 -10.47 16.55 -4.95
C ARG G 103 -11.16 15.23 -4.63
N SER G 104 -10.50 14.38 -3.83
CA SER G 104 -11.10 13.08 -3.51
C SER G 104 -12.21 13.22 -2.46
N LEU G 105 -12.02 14.12 -1.48
CA LEU G 105 -13.04 14.33 -0.47
C LEU G 105 -14.30 14.93 -1.06
N VAL G 106 -14.14 15.90 -1.97
CA VAL G 106 -15.28 16.55 -2.60
C VAL G 106 -16.01 15.59 -3.52
N ALA G 107 -15.26 14.79 -4.29
CA ALA G 107 -15.89 13.82 -5.17
C ALA G 107 -16.60 12.72 -4.38
N SER G 108 -16.18 12.48 -3.14
CA SER G 108 -16.89 11.53 -2.29
C SER G 108 -18.07 12.16 -1.57
N SER G 109 -18.13 13.49 -1.50
CA SER G 109 -19.27 14.16 -0.88
C SER G 109 -20.54 13.90 -1.68
N GLY G 110 -20.46 13.97 -3.01
CA GLY G 110 -21.52 13.54 -3.88
C GLY G 110 -22.53 14.60 -4.25
N THR G 111 -22.48 15.78 -3.65
CA THR G 111 -23.55 16.75 -3.82
C THR G 111 -23.01 18.13 -3.47
N LEU G 112 -23.40 19.14 -4.24
CA LEU G 112 -23.01 20.53 -4.03
C LEU G 112 -24.13 21.32 -3.35
N GLU G 113 -24.80 20.73 -2.36
CA GLU G 113 -25.92 21.39 -1.69
C GLU G 113 -25.36 22.50 -0.81
N PHE G 114 -25.15 23.65 -1.43
CA PHE G 114 -24.71 24.83 -0.69
C PHE G 114 -25.86 25.38 0.14
N ILE G 115 -25.50 26.18 1.14
CA ILE G 115 -26.44 26.92 1.96
C ILE G 115 -25.69 28.08 2.61
N THR G 116 -26.24 29.28 2.51
CA THR G 116 -25.56 30.42 3.10
C THR G 116 -25.67 30.38 4.63
N GLU G 117 -24.83 31.15 5.28
CA GLU G 117 -24.94 31.36 6.72
C GLU G 117 -24.70 32.83 7.02
N GLY G 118 -25.29 33.28 8.12
CA GLY G 118 -25.13 34.67 8.48
C GLY G 118 -23.86 34.89 9.26
N PHE G 119 -22.81 35.30 8.54
CA PHE G 119 -21.52 35.56 9.15
C PHE G 119 -21.41 37.03 9.49
N THR G 120 -21.05 37.34 10.73
CA THR G 120 -20.92 38.72 11.17
C THR G 120 -19.45 39.13 11.10
N TRP G 121 -18.95 39.24 9.86
CA TRP G 121 -17.64 39.82 9.65
C TRP G 121 -17.69 41.30 9.98
N THR G 122 -16.74 41.76 10.79
CA THR G 122 -16.68 43.15 11.23
C THR G 122 -15.43 43.82 10.70
N GLY G 123 -15.60 45.00 10.13
CA GLY G 123 -14.46 45.77 9.66
C GLY G 123 -13.88 45.36 8.34
N VAL G 124 -14.58 44.55 7.55
CA VAL G 124 -14.11 44.13 6.23
C VAL G 124 -15.14 44.55 5.17
N THR G 125 -14.67 44.68 3.93
CA THR G 125 -15.53 44.75 2.76
C THR G 125 -15.30 43.50 1.94
N GLN G 126 -16.35 42.72 1.76
CA GLN G 126 -16.26 41.47 1.02
C GLN G 126 -16.51 41.74 -0.46
N ASN G 127 -16.70 40.67 -1.23
CA ASN G 127 -17.06 40.71 -2.65
C ASN G 127 -16.01 41.43 -3.49
N GLY G 128 -14.83 40.83 -3.54
CA GLY G 128 -13.76 41.28 -4.43
C GLY G 128 -13.65 40.37 -5.64
N GLY G 129 -13.10 40.90 -6.73
CA GLY G 129 -13.01 40.15 -7.97
C GLY G 129 -11.81 40.55 -8.80
N SER G 130 -11.65 39.84 -9.92
CA SER G 130 -10.50 40.00 -10.80
C SER G 130 -10.98 40.29 -12.22
N ASN G 131 -10.02 40.59 -13.09
CA ASN G 131 -10.35 40.94 -14.47
C ASN G 131 -10.22 39.79 -15.45
N ALA G 132 -9.43 38.76 -15.12
CA ALA G 132 -9.43 37.56 -15.94
C ALA G 132 -10.76 36.84 -15.83
N CYS G 133 -11.32 36.80 -14.63
CA CYS G 133 -12.67 36.28 -14.45
C CYS G 133 -13.66 37.26 -15.05
N LYS G 134 -14.53 36.77 -15.93
CA LYS G 134 -15.39 37.65 -16.70
C LYS G 134 -16.67 36.94 -17.08
N ARG G 135 -17.79 37.66 -16.97
CA ARG G 135 -19.08 37.23 -17.49
C ARG G 135 -19.57 38.19 -18.56
N GLY G 136 -18.65 38.63 -19.41
CA GLY G 136 -18.92 39.68 -20.36
C GLY G 136 -18.10 40.91 -20.06
N PRO G 137 -18.61 42.09 -20.40
CA PRO G 137 -17.93 43.33 -20.02
C PRO G 137 -17.93 43.53 -18.51
N GLY G 138 -16.86 44.10 -18.00
CA GLY G 138 -16.75 44.36 -16.58
C GLY G 138 -15.75 43.47 -15.86
N SER G 139 -16.15 42.94 -14.71
CA SER G 139 -15.28 42.14 -13.87
C SER G 139 -15.95 40.80 -13.54
N GLY G 140 -15.34 40.06 -12.63
CA GLY G 140 -15.87 38.77 -12.21
C GLY G 140 -14.97 38.16 -11.17
N PHE G 141 -15.40 37.00 -10.65
CA PHE G 141 -14.71 36.29 -9.59
C PHE G 141 -15.38 34.92 -9.44
N PHE G 142 -14.78 34.08 -8.59
CA PHE G 142 -15.45 32.92 -8.03
C PHE G 142 -16.78 33.33 -7.39
N SER G 143 -17.77 32.44 -7.48
CA SER G 143 -19.11 32.76 -6.97
C SER G 143 -19.44 32.08 -5.66
N ARG G 144 -18.42 31.61 -4.91
CA ARG G 144 -18.69 30.91 -3.65
C ARG G 144 -17.77 31.32 -2.50
N LEU G 145 -16.79 32.18 -2.72
CA LEU G 145 -16.00 32.73 -1.63
C LEU G 145 -16.10 34.25 -1.60
N ASN G 146 -15.61 34.80 -0.50
CA ASN G 146 -15.49 36.24 -0.31
C ASN G 146 -14.02 36.60 -0.37
N TRP G 147 -13.65 37.41 -1.37
CA TRP G 147 -12.31 37.96 -1.45
C TRP G 147 -12.24 39.12 -0.46
N LEU G 148 -11.97 38.78 0.79
CA LEU G 148 -11.87 39.79 1.83
C LEU G 148 -10.65 40.67 1.59
N THR G 149 -10.74 41.90 2.08
CA THR G 149 -9.65 42.86 1.97
C THR G 149 -9.81 43.88 3.08
N LYS G 150 -9.05 44.96 2.98
CA LYS G 150 -9.06 45.98 4.02
C LYS G 150 -10.15 47.02 3.76
N SER G 151 -10.47 47.77 4.80
CA SER G 151 -11.50 48.79 4.76
C SER G 151 -11.01 50.05 5.46
N GLY G 152 -11.27 51.20 4.84
CA GLY G 152 -10.77 52.46 5.36
C GLY G 152 -9.25 52.49 5.32
N SER G 153 -8.63 52.37 6.49
CA SER G 153 -7.18 52.29 6.56
C SER G 153 -6.70 51.24 7.54
N THR G 154 -7.56 50.34 8.02
CA THR G 154 -7.21 49.40 9.07
C THR G 154 -7.70 48.01 8.69
N TYR G 155 -7.42 47.04 9.57
CA TYR G 155 -7.84 45.66 9.38
C TYR G 155 -7.96 45.02 10.75
N PRO G 156 -9.15 45.02 11.34
CA PRO G 156 -9.31 44.45 12.68
C PRO G 156 -9.20 42.93 12.66
N VAL G 157 -8.76 42.38 13.79
CA VAL G 157 -8.72 40.93 13.94
C VAL G 157 -10.13 40.38 13.96
N LEU G 158 -10.27 39.14 13.50
CA LEU G 158 -11.58 38.54 13.28
C LEU G 158 -11.77 37.34 14.19
N ASN G 159 -12.92 37.30 14.88
CA ASN G 159 -13.33 36.15 15.67
C ASN G 159 -14.77 35.83 15.29
N VAL G 160 -14.99 34.67 14.69
CA VAL G 160 -16.32 34.26 14.25
C VAL G 160 -16.56 32.83 14.71
N THR G 161 -17.69 32.60 15.37
CA THR G 161 -18.07 31.29 15.85
C THR G 161 -19.36 30.84 15.17
N MET G 162 -19.47 29.54 14.96
CA MET G 162 -20.65 28.95 14.32
C MET G 162 -21.01 27.68 15.08
N PRO G 163 -21.96 27.77 16.01
CA PRO G 163 -22.34 26.57 16.78
C PRO G 163 -23.15 25.59 15.95
N ASN G 164 -22.53 24.46 15.59
CA ASN G 164 -23.23 23.42 14.85
C ASN G 164 -24.14 22.68 15.82
N ASN G 165 -25.39 23.14 15.90
CA ASN G 165 -26.39 22.51 16.76
C ASN G 165 -27.13 21.39 16.08
N ASP G 166 -27.02 21.27 14.77
CA ASP G 166 -27.81 20.32 14.01
C ASP G 166 -27.13 18.95 13.99
N ASN G 167 -27.66 18.04 13.18
CA ASN G 167 -27.20 16.65 13.17
C ASN G 167 -26.45 16.28 11.90
N PHE G 168 -25.82 17.24 11.23
CA PHE G 168 -25.03 16.98 10.04
C PHE G 168 -23.67 17.66 10.14
N ASP G 169 -22.72 17.14 9.38
CA ASP G 169 -21.38 17.70 9.35
C ASP G 169 -21.32 18.93 8.45
N LYS G 170 -20.24 19.69 8.59
CA LYS G 170 -20.08 20.93 7.86
C LYS G 170 -18.68 21.01 7.28
N LEU G 171 -18.58 21.47 6.03
CA LEU G 171 -17.32 21.75 5.36
C LEU G 171 -17.20 23.25 5.16
N TYR G 172 -16.03 23.80 5.47
CA TYR G 172 -15.78 25.22 5.27
C TYR G 172 -14.55 25.38 4.40
N ILE G 173 -14.76 25.53 3.10
CA ILE G 173 -13.69 25.71 2.14
C ILE G 173 -13.31 27.19 2.17
N TRP G 174 -12.10 27.47 2.61
CA TRP G 174 -11.56 28.81 2.75
C TRP G 174 -10.22 28.89 2.03
N GLY G 175 -9.59 30.06 2.06
CA GLY G 175 -8.34 30.23 1.34
C GLY G 175 -7.43 31.24 1.99
N VAL G 176 -6.18 31.26 1.49
CA VAL G 176 -5.16 32.22 1.88
C VAL G 176 -4.56 32.80 0.60
N HIS G 177 -4.01 34.00 0.71
CA HIS G 177 -3.48 34.75 -0.44
C HIS G 177 -1.97 34.69 -0.43
N HIS G 178 -1.37 34.42 -1.60
CA HIS G 178 0.08 34.43 -1.79
C HIS G 178 0.44 35.54 -2.75
N PRO G 179 0.80 36.73 -2.26
CA PRO G 179 1.15 37.82 -3.16
C PRO G 179 2.51 37.60 -3.80
N SER G 180 2.81 38.47 -4.77
CA SER G 180 4.06 38.39 -5.51
C SER G 180 5.15 39.25 -4.87
N THR G 181 4.92 40.54 -4.76
CA THR G 181 5.86 41.44 -4.11
C THR G 181 5.36 41.78 -2.71
N ASN G 182 6.22 42.48 -1.96
CA ASN G 182 5.81 42.97 -0.65
C ASN G 182 4.81 44.11 -0.78
N GLN G 183 4.78 44.78 -1.93
CA GLN G 183 3.83 45.88 -2.12
C GLN G 183 2.41 45.36 -2.26
N GLU G 184 2.25 44.16 -2.82
CA GLU G 184 0.92 43.57 -2.94
C GLU G 184 0.37 43.18 -1.57
N GLN G 185 1.23 42.63 -0.70
CA GLN G 185 0.79 42.19 0.62
C GLN G 185 0.49 43.37 1.53
N THR G 186 1.24 44.46 1.41
CA THR G 186 1.06 45.61 2.28
C THR G 186 -0.03 46.56 1.79
N SER G 187 -0.60 46.32 0.61
CA SER G 187 -1.67 47.17 0.12
C SER G 187 -3.05 46.54 0.32
N LEU G 188 -3.18 45.24 0.04
CA LEU G 188 -4.45 44.57 0.26
C LEU G 188 -4.76 44.45 1.75
N TYR G 189 -3.75 44.10 2.56
CA TYR G 189 -3.85 44.01 4.00
C TYR G 189 -2.76 44.88 4.61
N VAL G 190 -2.78 45.04 5.93
CA VAL G 190 -1.85 45.96 6.57
C VAL G 190 -0.85 45.11 7.35
N GLN G 191 -0.60 43.89 6.88
CA GLN G 191 0.27 42.96 7.57
C GLN G 191 1.37 42.48 6.64
N ALA G 192 2.62 42.63 7.08
CA ALA G 192 3.75 42.16 6.28
C ALA G 192 3.79 40.64 6.21
N SER G 193 3.44 39.98 7.31
CA SER G 193 3.39 38.51 7.37
C SER G 193 2.07 38.16 8.06
N GLY G 194 1.03 37.95 7.25
CA GLY G 194 -0.27 37.65 7.81
C GLY G 194 -0.34 36.26 8.41
N ARG G 195 -1.35 36.07 9.26
CA ARG G 195 -1.56 34.81 9.95
C ARG G 195 -3.01 34.41 9.85
N VAL G 196 -3.25 33.13 9.58
CA VAL G 196 -4.58 32.55 9.66
C VAL G 196 -4.58 31.49 10.74
N THR G 197 -5.74 31.27 11.36
CA THR G 197 -5.89 30.31 12.43
C THR G 197 -7.29 29.72 12.38
N VAL G 198 -7.36 28.41 12.18
CA VAL G 198 -8.63 27.68 12.18
C VAL G 198 -8.58 26.68 13.33
N SER G 199 -9.62 26.72 14.19
CA SER G 199 -9.63 25.93 15.39
C SER G 199 -10.98 25.27 15.56
N THR G 200 -10.98 23.96 15.79
CA THR G 200 -12.09 23.23 16.37
C THR G 200 -11.64 22.70 17.72
N ARG G 201 -12.51 21.93 18.38
CA ARG G 201 -12.15 21.35 19.66
C ARG G 201 -11.11 20.25 19.52
N ARG G 202 -11.06 19.59 18.36
CA ARG G 202 -10.11 18.50 18.17
C ARG G 202 -8.74 19.01 17.73
N SER G 203 -8.66 19.66 16.57
CA SER G 203 -7.39 19.99 15.94
C SER G 203 -7.36 21.46 15.54
N GLN G 204 -6.22 21.88 15.01
CA GLN G 204 -6.01 23.27 14.62
C GLN G 204 -5.06 23.34 13.43
N GLN G 205 -5.08 24.47 12.73
CA GLN G 205 -4.26 24.67 11.54
C GLN G 205 -3.87 26.13 11.46
N THR G 206 -2.57 26.40 11.38
CA THR G 206 -2.03 27.75 11.26
C THR G 206 -1.09 27.82 10.06
N ILE G 207 -1.36 28.76 9.15
CA ILE G 207 -0.62 28.88 7.90
C ILE G 207 -0.06 30.29 7.79
N ILE G 208 1.21 30.40 7.40
CA ILE G 208 1.86 31.66 7.11
C ILE G 208 2.20 31.67 5.62
N PRO G 209 1.74 32.65 4.85
CA PRO G 209 1.87 32.59 3.40
C PRO G 209 3.29 32.90 2.92
N ASN G 210 3.48 32.76 1.61
CA ASN G 210 4.77 32.98 0.96
C ASN G 210 4.71 34.19 0.04
N ILE G 211 5.86 34.85 -0.10
CA ILE G 211 6.00 36.02 -0.96
C ILE G 211 7.17 35.77 -1.92
N GLY G 212 6.95 36.07 -3.20
CA GLY G 212 7.99 35.96 -4.19
C GLY G 212 7.44 36.10 -5.59
N SER G 213 8.34 36.44 -6.52
CA SER G 213 7.95 36.60 -7.91
C SER G 213 7.69 35.24 -8.55
N ARG G 214 6.85 35.25 -9.58
CA ARG G 214 6.40 34.04 -10.23
C ARG G 214 6.23 34.31 -11.72
N PRO G 215 6.25 33.28 -12.56
CA PRO G 215 5.95 33.50 -13.98
C PRO G 215 4.49 33.87 -14.20
N TRP G 216 4.25 34.57 -15.31
CA TRP G 216 2.91 35.06 -15.61
C TRP G 216 2.02 33.94 -16.10
N VAL G 217 0.85 33.81 -15.49
CA VAL G 217 -0.24 32.98 -15.99
C VAL G 217 -1.46 33.90 -16.07
N ARG G 218 -1.85 34.27 -17.29
CA ARG G 218 -3.00 35.09 -17.62
C ARG G 218 -2.97 36.48 -16.98
N GLY G 219 -1.80 36.98 -16.60
CA GLY G 219 -1.71 38.23 -15.88
C GLY G 219 -1.34 37.99 -14.43
N LEU G 220 -0.88 39.07 -13.80
CA LEU G 220 -0.28 39.07 -12.47
C LEU G 220 0.83 38.04 -12.37
N SER G 221 1.07 37.49 -11.18
CA SER G 221 1.85 36.28 -11.01
C SER G 221 1.30 35.47 -9.84
N SER G 222 0.44 36.10 -9.05
CA SER G 222 0.11 35.61 -7.72
C SER G 222 -0.73 34.35 -7.77
N ARG G 223 -0.86 33.73 -6.60
CA ARG G 223 -1.68 32.54 -6.44
C ARG G 223 -2.41 32.61 -5.11
N ILE G 224 -3.43 31.77 -4.96
CA ILE G 224 -4.12 31.58 -3.70
C ILE G 224 -4.05 30.10 -3.35
N SER G 225 -4.07 29.79 -2.05
CA SER G 225 -4.00 28.42 -1.57
C SER G 225 -5.27 28.09 -0.81
N ILE G 226 -5.86 26.93 -1.11
CA ILE G 226 -7.15 26.53 -0.59
C ILE G 226 -6.94 25.59 0.60
N TYR G 227 -7.60 25.88 1.71
CA TYR G 227 -7.61 25.01 2.88
C TYR G 227 -9.05 24.71 3.27
N TRP G 228 -9.23 23.84 4.27
CA TRP G 228 -10.57 23.33 4.57
C TRP G 228 -10.61 22.80 6.00
N THR G 229 -11.84 22.66 6.52
CA THR G 229 -12.09 22.21 7.88
C THR G 229 -13.40 21.42 7.90
N ILE G 230 -13.47 20.45 8.81
CA ILE G 230 -14.66 19.63 8.98
C ILE G 230 -15.14 19.75 10.42
N VAL G 231 -16.44 20.03 10.59
CA VAL G 231 -17.05 20.20 11.90
C VAL G 231 -18.02 19.05 12.14
N LYS G 232 -17.80 18.32 13.23
CA LYS G 232 -18.60 17.21 13.70
C LYS G 232 -19.85 17.71 14.40
N PRO G 233 -20.86 16.86 14.60
CA PRO G 233 -22.02 17.27 15.42
C PRO G 233 -21.60 17.63 16.84
N GLY G 234 -22.19 18.70 17.35
CA GLY G 234 -21.85 19.20 18.67
C GLY G 234 -20.43 19.75 18.77
N ASP G 235 -19.97 20.45 17.74
CA ASP G 235 -18.65 21.04 17.72
C ASP G 235 -18.75 22.47 17.24
N VAL G 236 -17.82 23.31 17.71
CA VAL G 236 -17.82 24.73 17.42
C VAL G 236 -16.51 25.07 16.73
N LEU G 237 -16.61 25.75 15.58
CA LEU G 237 -15.45 26.18 14.80
C LEU G 237 -15.22 27.66 15.02
N VAL G 238 -13.98 28.02 15.30
CA VAL G 238 -13.57 29.41 15.50
C VAL G 238 -12.54 29.75 14.45
N ILE G 239 -12.80 30.80 13.67
CA ILE G 239 -11.90 31.26 12.63
C ILE G 239 -11.28 32.56 13.09
N ASN G 240 -9.96 32.56 13.26
CA ASN G 240 -9.21 33.72 13.69
C ASN G 240 -8.18 34.03 12.62
N SER G 241 -8.06 35.30 12.24
CA SER G 241 -7.10 35.66 11.22
C SER G 241 -6.61 37.07 11.45
N ASN G 242 -5.35 37.30 11.09
CA ASN G 242 -4.71 38.58 11.22
C ASN G 242 -4.52 39.24 9.86
N GLY G 243 -4.42 38.44 8.80
CA GLY G 243 -4.43 38.95 7.44
C GLY G 243 -4.59 37.80 6.46
N ASN G 244 -4.56 38.16 5.17
CA ASN G 244 -4.54 37.20 4.05
C ASN G 244 -5.78 36.30 4.06
N LEU G 245 -6.95 36.91 4.20
CA LEU G 245 -8.20 36.17 4.36
C LEU G 245 -8.92 35.96 3.05
N ILE G 246 -9.33 34.71 2.81
CA ILE G 246 -10.40 34.38 1.87
C ILE G 246 -11.38 33.52 2.64
N ALA G 247 -12.40 34.14 3.25
CA ALA G 247 -13.27 33.42 4.16
C ALA G 247 -14.58 33.03 3.48
N PRO G 248 -15.10 31.84 3.75
CA PRO G 248 -16.25 31.35 2.99
C PRO G 248 -17.55 32.02 3.39
N ARG G 249 -18.51 31.97 2.47
CA ARG G 249 -19.83 32.53 2.67
C ARG G 249 -20.88 31.47 2.99
N GLY G 250 -20.46 30.24 3.26
CA GLY G 250 -21.41 29.20 3.62
C GLY G 250 -20.69 27.90 3.89
N TYR G 251 -21.46 26.89 4.26
CA TYR G 251 -20.94 25.56 4.54
C TYR G 251 -21.49 24.58 3.53
N PHE G 252 -20.62 23.72 3.03
CA PHE G 252 -21.00 22.71 2.06
C PHE G 252 -21.48 21.47 2.80
N LYS G 253 -22.67 20.99 2.46
CA LYS G 253 -23.18 19.78 3.09
C LYS G 253 -22.39 18.56 2.66
N MET G 254 -22.01 17.74 3.63
CA MET G 254 -21.43 16.45 3.35
C MET G 254 -22.52 15.41 3.11
N ARG G 255 -22.09 14.23 2.67
CA ARG G 255 -22.95 13.07 2.51
C ARG G 255 -22.08 11.82 2.40
N THR G 256 -22.36 10.82 3.22
CA THR G 256 -21.63 9.55 3.16
C THR G 256 -22.33 8.64 2.15
N GLY G 257 -22.08 8.91 0.87
CA GLY G 257 -22.74 8.19 -0.20
C GLY G 257 -21.80 7.51 -1.16
N LYS G 258 -22.15 7.54 -2.45
CA LYS G 258 -21.39 6.84 -3.50
C LYS G 258 -21.23 7.78 -4.68
N SER G 259 -20.04 8.37 -4.84
CA SER G 259 -19.78 9.25 -5.97
C SER G 259 -18.29 9.28 -6.25
N SER G 260 -17.93 9.36 -7.54
CA SER G 260 -16.53 9.36 -7.98
C SER G 260 -16.25 10.52 -8.91
N ILE G 261 -15.00 10.61 -9.35
CA ILE G 261 -14.54 11.59 -10.34
C ILE G 261 -13.73 10.85 -11.39
N MET G 262 -13.66 11.43 -12.60
CA MET G 262 -12.94 10.81 -13.70
C MET G 262 -12.56 11.85 -14.73
N ARG G 263 -11.49 11.56 -15.46
CA ARG G 263 -10.96 12.44 -16.49
C ARG G 263 -11.03 11.71 -17.84
N SER G 264 -11.73 12.31 -18.80
CA SER G 264 -11.83 11.76 -20.15
C SER G 264 -12.16 12.91 -21.10
N ASP G 265 -12.47 12.57 -22.34
CA ASP G 265 -12.80 13.59 -23.34
C ASP G 265 -13.98 13.23 -24.23
N ALA G 266 -14.66 12.11 -23.97
CA ALA G 266 -15.82 11.73 -24.78
C ALA G 266 -17.02 12.61 -24.44
N PRO G 267 -17.83 12.97 -25.45
CA PRO G 267 -19.02 13.80 -25.19
C PRO G 267 -20.19 13.01 -24.58
N ILE G 268 -21.35 13.68 -24.47
CA ILE G 268 -22.49 13.17 -23.71
C ILE G 268 -23.54 12.60 -24.67
N ASP G 269 -24.03 11.40 -24.35
CA ASP G 269 -25.09 10.77 -25.13
C ASP G 269 -26.21 10.30 -24.20
N THR G 270 -27.19 9.58 -24.74
CA THR G 270 -28.34 9.09 -23.98
C THR G 270 -28.36 7.57 -24.02
N CYS G 271 -28.21 6.93 -22.86
CA CYS G 271 -28.21 5.48 -22.77
C CYS G 271 -28.83 5.08 -21.43
N ILE G 272 -28.83 3.78 -21.17
CA ILE G 272 -28.99 3.24 -19.82
C ILE G 272 -27.77 2.35 -19.61
N SER G 273 -26.69 2.92 -19.09
CA SER G 273 -25.43 2.22 -18.94
C SER G 273 -24.88 2.44 -17.55
N GLU G 274 -24.42 1.36 -16.92
CA GLU G 274 -24.00 1.40 -15.52
C GLU G 274 -22.52 1.67 -15.33
N CYS G 275 -21.66 1.13 -16.19
CA CYS G 275 -20.22 1.27 -16.06
C CYS G 275 -19.69 2.41 -16.92
N ILE G 276 -18.84 3.24 -16.34
CA ILE G 276 -18.19 4.34 -17.04
C ILE G 276 -16.69 4.22 -16.83
N THR G 277 -15.94 3.98 -17.92
CA THR G 277 -14.49 4.03 -18.03
C THR G 277 -14.09 5.22 -18.89
N PRO G 278 -12.92 5.84 -18.69
CA PRO G 278 -12.54 6.93 -19.56
C PRO G 278 -12.15 6.38 -20.93
N ASN G 279 -12.28 7.24 -21.94
CA ASN G 279 -12.09 6.86 -23.35
C ASN G 279 -13.03 5.71 -23.71
N GLY G 280 -14.32 5.95 -23.45
CA GLY G 280 -15.36 5.00 -23.78
C GLY G 280 -16.06 4.37 -22.60
N SER G 281 -17.35 4.64 -22.45
CA SER G 281 -18.16 4.00 -21.41
C SER G 281 -18.64 2.65 -21.93
N ILE G 282 -18.18 1.57 -21.28
CA ILE G 282 -18.33 0.22 -21.80
C ILE G 282 -19.33 -0.55 -20.95
N PRO G 283 -20.03 -1.54 -21.50
CA PRO G 283 -20.91 -2.37 -20.69
C PRO G 283 -20.13 -3.41 -19.90
N ASN G 284 -20.75 -3.86 -18.80
CA ASN G 284 -20.15 -4.84 -17.89
C ASN G 284 -20.92 -6.16 -18.04
N ASP G 285 -20.50 -6.97 -19.01
CA ASP G 285 -20.97 -8.33 -19.14
C ASP G 285 -19.84 -9.34 -19.02
N LYS G 286 -18.61 -8.86 -18.83
CA LYS G 286 -17.41 -9.68 -18.68
C LYS G 286 -16.69 -9.29 -17.40
N PRO G 287 -15.98 -10.23 -16.77
CA PRO G 287 -15.31 -9.93 -15.50
C PRO G 287 -14.00 -9.17 -15.59
N PHE G 288 -13.49 -8.89 -16.80
CA PHE G 288 -12.18 -8.28 -16.96
C PHE G 288 -12.26 -7.21 -18.05
N GLN G 289 -11.14 -6.56 -18.31
CA GLN G 289 -11.08 -5.47 -19.28
C GLN G 289 -9.64 -5.25 -19.69
N ASN G 290 -9.45 -4.32 -20.63
CA ASN G 290 -8.12 -3.78 -20.93
C ASN G 290 -8.12 -2.28 -21.16
N VAL G 291 -9.24 -1.59 -20.98
CA VAL G 291 -9.31 -0.14 -21.03
C VAL G 291 -8.73 0.43 -19.74
N ASN G 292 -8.60 1.76 -19.68
CA ASN G 292 -7.88 2.47 -18.61
C ASN G 292 -8.35 2.06 -17.21
N LYS G 293 -7.41 2.15 -16.27
CA LYS G 293 -7.62 1.61 -14.92
C LYS G 293 -8.64 2.41 -14.12
N ILE G 294 -8.85 3.68 -14.46
CA ILE G 294 -9.83 4.47 -13.72
C ILE G 294 -11.22 3.97 -14.06
N THR G 295 -12.07 3.86 -13.04
CA THR G 295 -13.35 3.18 -13.18
C THR G 295 -14.32 3.66 -12.11
N TYR G 296 -15.54 4.02 -12.53
CA TYR G 296 -16.63 4.36 -11.62
C TYR G 296 -17.79 3.42 -11.88
N GLY G 297 -18.34 2.85 -10.83
CA GLY G 297 -19.48 1.98 -10.90
C GLY G 297 -19.10 0.51 -10.82
N ALA G 298 -20.11 -0.33 -10.67
CA ALA G 298 -19.92 -1.77 -10.51
C ALA G 298 -19.60 -2.35 -11.88
N CYS G 299 -18.33 -2.30 -12.25
CA CYS G 299 -17.86 -2.81 -13.53
C CYS G 299 -16.38 -3.13 -13.42
N PRO G 300 -15.87 -4.09 -14.20
CA PRO G 300 -14.65 -4.82 -13.82
C PRO G 300 -13.37 -3.99 -13.78
N LYS G 301 -12.30 -4.69 -13.38
CA LYS G 301 -11.01 -4.11 -13.04
C LYS G 301 -9.94 -4.46 -14.08
N TYR G 302 -8.80 -3.78 -13.96
CA TYR G 302 -7.73 -3.87 -14.95
C TYR G 302 -6.97 -5.18 -14.80
N VAL G 303 -6.80 -5.89 -15.91
CA VAL G 303 -5.75 -6.90 -16.07
C VAL G 303 -4.98 -6.57 -17.34
N LYS G 304 -3.68 -6.90 -17.36
CA LYS G 304 -2.78 -6.38 -18.38
C LYS G 304 -2.76 -7.21 -19.66
N GLN G 305 -3.42 -8.35 -19.70
CA GLN G 305 -3.42 -9.18 -20.90
C GLN G 305 -4.40 -8.61 -21.95
N ASN G 306 -4.54 -9.34 -23.05
CA ASN G 306 -5.36 -8.88 -24.16
C ASN G 306 -6.37 -9.94 -24.59
N THR G 307 -6.01 -11.21 -24.49
CA THR G 307 -6.89 -12.33 -24.81
C THR G 307 -6.83 -13.34 -23.67
N LEU G 308 -7.67 -13.16 -22.65
CA LEU G 308 -7.86 -14.15 -21.59
C LEU G 308 -9.13 -14.92 -21.77
N LYS G 309 -9.43 -15.31 -23.01
CA LYS G 309 -10.69 -15.95 -23.36
C LYS G 309 -10.96 -17.21 -22.54
N LEU G 310 -11.94 -17.15 -21.66
CA LEU G 310 -12.36 -18.33 -20.93
C LEU G 310 -13.05 -19.29 -21.88
N ALA G 311 -12.74 -20.56 -21.76
CA ALA G 311 -13.33 -21.54 -22.69
C ALA G 311 -14.72 -21.89 -22.19
N THR G 312 -15.73 -21.34 -22.86
CA THR G 312 -17.09 -21.81 -22.68
C THR G 312 -17.36 -22.89 -23.72
N GLY G 313 -16.48 -23.88 -23.71
CA GLY G 313 -16.51 -24.94 -24.70
C GLY G 313 -15.34 -25.85 -24.50
N MET G 314 -15.31 -26.89 -25.33
CA MET G 314 -14.32 -27.95 -25.28
C MET G 314 -13.16 -27.66 -26.22
N ARG G 315 -12.12 -28.48 -26.10
CA ARG G 315 -10.91 -28.33 -26.90
C ARG G 315 -11.19 -28.60 -28.37
N ASN G 316 -10.68 -27.70 -29.23
CA ASN G 316 -10.92 -27.83 -30.67
C ASN G 316 -10.20 -29.02 -31.25
N VAL G 317 -10.95 -29.84 -31.98
CA VAL G 317 -10.38 -30.88 -32.84
C VAL G 317 -10.77 -30.53 -34.26
N PRO G 318 -9.89 -29.90 -35.04
CA PRO G 318 -10.20 -29.61 -36.44
C PRO G 318 -10.42 -30.87 -37.24
N GLU G 319 -11.24 -30.77 -38.28
CA GLU G 319 -11.82 -31.94 -38.94
C GLU G 319 -10.80 -32.69 -39.78
N LYS G 320 -9.94 -33.47 -39.12
CA LYS G 320 -9.02 -34.34 -39.83
C LYS G 320 -9.75 -35.59 -40.32
N GLN G 321 -9.56 -35.93 -41.59
CA GLN G 321 -8.68 -35.27 -42.55
C GLN G 321 -9.47 -34.81 -43.77
N THR G 322 -8.75 -34.34 -44.78
CA THR G 322 -9.36 -33.85 -46.02
C THR G 322 -10.04 -34.99 -46.79
N GLY H 1 -9.28 -34.21 -20.79
CA GLY H 1 -8.19 -33.62 -20.05
C GLY H 1 -7.30 -34.63 -19.35
N LEU H 2 -7.25 -34.55 -18.02
CA LEU H 2 -6.44 -35.49 -17.25
C LEU H 2 -7.01 -36.90 -17.33
N PHE H 3 -8.32 -37.02 -17.57
CA PHE H 3 -8.91 -38.32 -17.82
C PHE H 3 -8.55 -38.86 -19.19
N GLY H 4 -8.16 -37.99 -20.12
CA GLY H 4 -7.80 -38.42 -21.45
C GLY H 4 -8.96 -38.70 -22.37
N ALA H 5 -10.17 -38.25 -22.03
CA ALA H 5 -11.34 -38.58 -22.85
C ALA H 5 -11.34 -37.79 -24.16
N ILE H 6 -11.05 -36.50 -24.09
CA ILE H 6 -11.06 -35.62 -25.26
C ILE H 6 -9.62 -35.40 -25.70
N ALA H 7 -9.36 -35.59 -27.00
CA ALA H 7 -8.05 -35.52 -27.64
C ALA H 7 -7.05 -36.50 -27.05
N GLY H 8 -7.52 -37.56 -26.39
CA GLY H 8 -6.66 -38.63 -25.96
C GLY H 8 -6.83 -39.82 -26.88
N PHE H 9 -8.08 -40.10 -27.24
CA PHE H 9 -8.35 -41.17 -28.18
C PHE H 9 -9.46 -40.86 -29.20
N ILE H 10 -10.04 -39.67 -29.19
CA ILE H 10 -10.95 -39.23 -30.24
C ILE H 10 -10.21 -38.19 -31.07
N GLU H 11 -10.06 -38.46 -32.36
CA GLU H 11 -9.18 -37.67 -33.21
C GLU H 11 -9.93 -36.68 -34.10
N ASN H 12 -11.27 -36.63 -34.01
CA ASN H 12 -12.03 -35.72 -34.85
C ASN H 12 -13.41 -35.50 -34.24
N GLY H 13 -13.86 -34.25 -34.27
CA GLY H 13 -15.24 -33.90 -33.97
C GLY H 13 -16.10 -33.96 -35.21
N TRP H 14 -17.26 -33.31 -35.16
CA TRP H 14 -18.15 -33.30 -36.31
C TRP H 14 -18.75 -31.92 -36.49
N GLU H 15 -19.30 -31.68 -37.68
CA GLU H 15 -19.77 -30.37 -38.09
C GLU H 15 -21.28 -30.22 -38.06
N GLY H 16 -22.03 -31.32 -38.16
CA GLY H 16 -23.48 -31.21 -38.11
C GLY H 16 -24.05 -30.89 -36.74
N MET H 17 -23.23 -30.96 -35.70
CA MET H 17 -23.65 -30.66 -34.33
C MET H 17 -23.73 -29.15 -34.15
N ILE H 18 -24.96 -28.63 -34.05
CA ILE H 18 -25.17 -27.21 -33.87
C ILE H 18 -26.16 -26.99 -32.73
N ASP H 19 -26.82 -28.07 -32.29
CA ASP H 19 -27.85 -28.00 -31.27
C ASP H 19 -27.41 -28.60 -29.95
N GLY H 20 -26.14 -28.92 -29.79
CA GLY H 20 -25.68 -29.54 -28.56
C GLY H 20 -24.18 -29.58 -28.49
N TRP H 21 -23.68 -30.29 -27.48
CA TRP H 21 -22.24 -30.40 -27.24
C TRP H 21 -21.73 -31.82 -27.38
N TYR H 22 -22.45 -32.80 -26.85
CA TYR H 22 -22.00 -34.19 -26.81
C TYR H 22 -22.95 -35.04 -27.65
N GLY H 23 -22.67 -35.11 -28.93
CA GLY H 23 -23.56 -35.80 -29.85
C GLY H 23 -23.48 -37.30 -29.73
N PHE H 24 -24.45 -37.96 -30.37
CA PHE H 24 -24.55 -39.42 -30.39
C PHE H 24 -24.65 -39.84 -31.85
N ARG H 25 -23.50 -40.01 -32.50
CA ARG H 25 -23.51 -40.48 -33.87
C ARG H 25 -23.63 -41.98 -33.93
N HIS H 26 -24.15 -42.49 -35.05
CA HIS H 26 -24.37 -43.92 -35.16
C HIS H 26 -24.45 -44.30 -36.62
N GLN H 27 -24.24 -45.59 -36.87
CA GLN H 27 -24.46 -46.19 -38.17
C GLN H 27 -25.25 -47.46 -37.95
N ASN H 28 -26.42 -47.55 -38.58
CA ASN H 28 -27.31 -48.69 -38.42
C ASN H 28 -27.76 -49.13 -39.81
N SER H 29 -28.64 -50.14 -39.84
CA SER H 29 -29.20 -50.60 -41.10
C SER H 29 -30.27 -49.64 -41.64
N GLU H 30 -30.81 -48.76 -40.78
CA GLU H 30 -31.82 -47.80 -41.18
C GLU H 30 -31.23 -46.48 -41.64
N GLY H 31 -29.92 -46.30 -41.55
CA GLY H 31 -29.29 -45.10 -42.05
C GLY H 31 -28.48 -44.34 -41.03
N THR H 32 -27.53 -43.54 -41.51
CA THR H 32 -26.72 -42.70 -40.64
C THR H 32 -27.58 -41.59 -40.03
N GLY H 33 -27.37 -41.34 -38.74
CA GLY H 33 -28.16 -40.36 -38.02
C GLY H 33 -27.29 -39.56 -37.08
N GLN H 34 -27.93 -38.59 -36.41
CA GLN H 34 -27.25 -37.73 -35.46
C GLN H 34 -28.29 -37.16 -34.51
N ALA H 35 -28.13 -37.40 -33.21
CA ALA H 35 -29.12 -37.00 -32.23
C ALA H 35 -28.41 -36.49 -30.98
N ALA H 36 -28.64 -35.23 -30.64
CA ALA H 36 -28.05 -34.66 -29.44
C ALA H 36 -28.70 -35.23 -28.20
N ASP H 37 -27.91 -35.79 -27.30
CA ASP H 37 -28.42 -36.24 -26.02
C ASP H 37 -28.61 -35.02 -25.13
N LEU H 38 -29.88 -34.65 -24.89
CA LEU H 38 -30.19 -33.36 -24.29
C LEU H 38 -29.81 -33.31 -22.82
N LYS H 39 -29.99 -34.43 -22.09
CA LYS H 39 -29.74 -34.41 -20.65
C LYS H 39 -28.24 -34.31 -20.34
N SER H 40 -27.40 -34.89 -21.19
CA SER H 40 -25.96 -34.90 -20.91
C SER H 40 -25.37 -33.51 -21.11
N THR H 41 -25.73 -32.84 -22.20
CA THR H 41 -25.19 -31.50 -22.42
C THR H 41 -25.76 -30.49 -21.44
N GLN H 42 -27.03 -30.65 -21.05
CA GLN H 42 -27.72 -29.64 -20.25
C GLN H 42 -27.07 -29.49 -18.88
N ALA H 43 -26.64 -30.59 -18.28
CA ALA H 43 -25.87 -30.53 -17.04
C ALA H 43 -24.53 -29.85 -17.26
N ALA H 44 -23.90 -30.11 -18.41
CA ALA H 44 -22.61 -29.48 -18.71
C ALA H 44 -22.76 -27.97 -18.89
N ILE H 45 -23.84 -27.54 -19.55
CA ILE H 45 -24.12 -26.11 -19.57
C ILE H 45 -24.51 -25.61 -18.18
N ASP H 46 -25.24 -26.42 -17.41
CA ASP H 46 -25.55 -26.04 -16.04
C ASP H 46 -24.29 -25.89 -15.20
N GLN H 47 -23.29 -26.73 -15.45
CA GLN H 47 -22.02 -26.59 -14.74
C GLN H 47 -21.21 -25.42 -15.28
N ILE H 48 -21.21 -25.23 -16.61
CA ILE H 48 -20.35 -24.20 -17.18
C ILE H 48 -20.95 -22.81 -16.96
N ASN H 49 -22.27 -22.71 -16.78
CA ASN H 49 -22.83 -21.46 -16.27
C ASN H 49 -22.80 -21.43 -14.75
N GLY H 50 -22.63 -22.59 -14.11
CA GLY H 50 -22.43 -22.60 -12.67
C GLY H 50 -21.17 -21.87 -12.28
N LYS H 51 -20.17 -21.87 -13.17
CA LYS H 51 -18.97 -21.08 -12.96
C LYS H 51 -19.01 -19.74 -13.68
N LEU H 52 -19.89 -19.59 -14.67
CA LEU H 52 -19.85 -18.39 -15.50
C LEU H 52 -20.46 -17.20 -14.77
N ASN H 53 -21.70 -17.34 -14.30
CA ASN H 53 -22.25 -16.28 -13.46
C ASN H 53 -21.59 -16.21 -12.08
N ARG H 54 -20.80 -17.22 -11.71
CA ARG H 54 -19.94 -17.07 -10.54
C ARG H 54 -18.90 -15.96 -10.76
N VAL H 55 -18.34 -15.87 -11.97
CA VAL H 55 -17.28 -14.90 -12.21
C VAL H 55 -17.83 -13.62 -12.83
N ILE H 56 -19.10 -13.60 -13.24
CA ILE H 56 -19.72 -12.33 -13.69
C ILE H 56 -19.73 -11.33 -12.54
N GLU H 57 -20.05 -11.78 -11.33
CA GLU H 57 -19.92 -10.93 -10.15
C GLU H 57 -18.49 -11.00 -9.60
N LYS H 58 -17.55 -10.48 -10.39
CA LYS H 58 -16.16 -10.29 -9.99
C LYS H 58 -15.71 -8.87 -10.31
N THR H 59 -16.66 -7.95 -10.42
CA THR H 59 -16.36 -6.56 -10.68
C THR H 59 -16.09 -5.83 -9.37
N ASN H 60 -15.19 -4.85 -9.42
CA ASN H 60 -14.96 -4.01 -8.27
C ASN H 60 -16.12 -3.01 -8.14
N GLU H 61 -16.74 -2.99 -6.96
CA GLU H 61 -17.86 -2.11 -6.70
C GLU H 61 -17.42 -0.78 -6.10
N LYS H 62 -16.21 -0.33 -6.42
CA LYS H 62 -15.68 0.89 -5.85
C LYS H 62 -16.38 2.11 -6.43
N PHE H 63 -16.91 2.94 -5.54
CA PHE H 63 -17.49 4.21 -5.94
C PHE H 63 -16.55 5.38 -5.68
N HIS H 64 -15.36 5.12 -5.13
CA HIS H 64 -14.32 6.12 -4.95
C HIS H 64 -12.98 5.45 -4.69
N GLN H 65 -11.94 5.85 -5.40
CA GLN H 65 -10.63 5.20 -5.32
C GLN H 65 -9.54 6.27 -5.22
N ILE H 66 -8.31 5.82 -5.40
CA ILE H 66 -7.15 6.69 -5.39
C ILE H 66 -6.75 7.00 -6.82
N GLU H 67 -5.79 7.92 -6.98
CA GLU H 67 -5.28 8.24 -8.30
C GLU H 67 -4.61 7.04 -8.94
N LYS H 68 -4.87 6.85 -10.25
CA LYS H 68 -4.43 5.68 -10.97
C LYS H 68 -3.35 5.96 -12.00
N GLU H 69 -3.30 7.19 -12.53
CA GLU H 69 -2.24 7.61 -13.44
C GLU H 69 -1.90 9.06 -13.11
N PHE H 70 -0.66 9.45 -13.41
CA PHE H 70 -0.08 10.68 -12.89
C PHE H 70 0.57 11.47 -14.01
N SER H 71 0.56 12.78 -13.86
CA SER H 71 1.20 13.71 -14.79
C SER H 71 2.37 14.44 -14.14
N GLU H 72 2.86 13.93 -13.01
CA GLU H 72 3.95 14.56 -12.27
C GLU H 72 4.59 13.51 -11.37
N VAL H 73 5.90 13.61 -11.20
CA VAL H 73 6.66 12.71 -10.33
C VAL H 73 7.09 13.50 -9.10
N GLU H 74 6.84 12.93 -7.92
CA GLU H 74 7.21 13.59 -6.68
C GLU H 74 7.96 12.69 -5.70
N GLY H 75 8.15 11.41 -6.01
CA GLY H 75 9.04 10.59 -5.22
C GLY H 75 8.41 9.51 -4.36
N ARG H 76 8.53 9.67 -3.04
CA ARG H 76 8.26 8.57 -2.11
C ARG H 76 6.78 8.19 -2.10
N ILE H 77 5.89 9.17 -1.92
CA ILE H 77 4.47 8.87 -1.90
C ILE H 77 3.98 8.53 -3.31
N GLN H 78 4.62 9.11 -4.33
CA GLN H 78 4.32 8.76 -5.71
C GLN H 78 4.69 7.32 -6.01
N ASP H 79 5.88 6.90 -5.57
CA ASP H 79 6.33 5.54 -5.83
C ASP H 79 5.50 4.53 -5.05
N LEU H 80 5.16 4.84 -3.80
CA LEU H 80 4.33 3.94 -3.00
C LEU H 80 2.94 3.81 -3.61
N GLU H 81 2.36 4.92 -4.07
CA GLU H 81 1.09 4.86 -4.79
C GLU H 81 1.23 4.07 -6.07
N LYS H 82 2.36 4.24 -6.76
CA LYS H 82 2.62 3.42 -7.95
C LYS H 82 2.93 1.97 -7.57
N TYR H 83 3.64 1.75 -6.46
CA TYR H 83 3.96 0.39 -6.05
C TYR H 83 2.73 -0.38 -5.63
N VAL H 84 1.84 0.25 -4.86
CA VAL H 84 0.60 -0.41 -4.44
C VAL H 84 -0.27 -0.68 -5.66
N GLU H 85 -0.35 0.29 -6.58
CA GLU H 85 -1.13 0.11 -7.79
C GLU H 85 -0.53 -0.96 -8.70
N ASP H 86 0.80 -0.95 -8.84
CA ASP H 86 1.44 -1.93 -9.71
C ASP H 86 1.30 -3.33 -9.12
N THR H 87 1.66 -3.51 -7.85
CA THR H 87 1.63 -4.83 -7.22
C THR H 87 0.21 -5.36 -7.10
N LYS H 88 -0.79 -4.48 -7.06
CA LYS H 88 -2.17 -4.91 -7.21
C LYS H 88 -2.40 -5.52 -8.58
N ILE H 89 -1.79 -4.93 -9.62
CA ILE H 89 -2.07 -5.37 -10.99
C ILE H 89 -1.47 -6.75 -11.24
N ASP H 90 -0.19 -6.98 -10.87
CA ASP H 90 0.37 -8.32 -11.04
C ASP H 90 -0.37 -9.35 -10.22
N LEU H 91 -0.72 -9.03 -8.96
CA LEU H 91 -1.46 -9.96 -8.15
C LEU H 91 -2.83 -10.26 -8.75
N TRP H 92 -3.48 -9.24 -9.31
CA TRP H 92 -4.74 -9.49 -10.01
C TRP H 92 -4.51 -10.14 -11.36
N SER H 93 -3.46 -9.72 -12.09
CA SER H 93 -3.18 -10.33 -13.39
C SER H 93 -2.69 -11.76 -13.24
N TYR H 94 -1.85 -12.03 -12.24
CA TYR H 94 -1.48 -13.41 -11.94
C TYR H 94 -2.70 -14.21 -11.53
N ASN H 95 -3.58 -13.63 -10.70
CA ASN H 95 -4.82 -14.30 -10.35
C ASN H 95 -5.69 -14.52 -11.58
N ALA H 96 -5.86 -13.50 -12.41
CA ALA H 96 -6.67 -13.64 -13.62
C ALA H 96 -6.05 -14.64 -14.59
N GLU H 97 -4.72 -14.61 -14.73
CA GLU H 97 -4.04 -15.66 -15.47
C GLU H 97 -4.19 -17.00 -14.77
N LEU H 98 -4.10 -17.01 -13.44
CA LEU H 98 -4.34 -18.26 -12.70
C LEU H 98 -5.80 -18.69 -12.80
N LEU H 99 -6.74 -17.74 -12.64
CA LEU H 99 -8.16 -18.07 -12.60
C LEU H 99 -8.59 -18.71 -13.92
N VAL H 100 -8.16 -18.11 -15.04
CA VAL H 100 -8.42 -18.69 -16.35
C VAL H 100 -7.77 -20.07 -16.45
N ALA H 101 -6.52 -20.19 -15.99
CA ALA H 101 -5.74 -21.40 -16.24
C ALA H 101 -6.31 -22.62 -15.54
N LEU H 102 -6.89 -22.45 -14.34
CA LEU H 102 -7.61 -23.59 -13.78
C LEU H 102 -8.92 -23.87 -14.52
N GLU H 103 -9.68 -22.84 -14.93
CA GLU H 103 -10.98 -23.18 -15.50
C GLU H 103 -10.90 -23.84 -16.87
N ASN H 104 -9.95 -23.48 -17.75
CA ASN H 104 -9.74 -24.35 -18.92
C ASN H 104 -9.23 -25.73 -18.49
N GLN H 105 -8.35 -25.79 -17.50
CA GLN H 105 -8.00 -27.09 -16.93
C GLN H 105 -9.22 -27.73 -16.27
N HIS H 106 -10.11 -26.91 -15.69
CA HIS H 106 -11.36 -27.46 -15.18
C HIS H 106 -12.28 -27.88 -16.32
N THR H 107 -12.46 -27.00 -17.32
CA THR H 107 -13.42 -27.25 -18.39
C THR H 107 -13.02 -28.44 -19.26
N ILE H 108 -11.74 -28.53 -19.63
CA ILE H 108 -11.28 -29.67 -20.41
C ILE H 108 -11.38 -30.94 -19.57
N ASP H 109 -11.21 -30.83 -18.25
CA ASP H 109 -11.49 -31.97 -17.39
C ASP H 109 -12.98 -32.23 -17.24
N LEU H 110 -13.83 -31.19 -17.23
CA LEU H 110 -15.27 -31.44 -17.16
C LEU H 110 -15.78 -32.16 -18.39
N THR H 111 -15.48 -31.64 -19.59
CA THR H 111 -15.82 -32.37 -20.81
C THR H 111 -15.01 -33.66 -20.91
N ASP H 112 -13.83 -33.68 -20.29
CA ASP H 112 -13.16 -34.96 -20.08
C ASP H 112 -13.95 -35.87 -19.15
N SER H 113 -14.51 -35.31 -18.07
CA SER H 113 -15.30 -36.13 -17.16
C SER H 113 -16.67 -36.45 -17.77
N GLU H 114 -17.31 -35.47 -18.40
CA GLU H 114 -18.65 -35.69 -18.95
C GLU H 114 -18.64 -36.71 -20.08
N MET H 115 -17.57 -36.74 -20.88
CA MET H 115 -17.43 -37.82 -21.85
C MET H 115 -17.21 -39.15 -21.14
N ASN H 116 -16.36 -39.17 -20.12
CA ASN H 116 -16.14 -40.39 -19.36
C ASN H 116 -17.38 -40.78 -18.56
N LYS H 117 -18.11 -39.81 -18.03
CA LYS H 117 -19.39 -40.11 -17.38
C LYS H 117 -20.39 -40.64 -18.39
N LEU H 118 -20.42 -40.06 -19.59
CA LEU H 118 -21.24 -40.65 -20.66
C LEU H 118 -20.69 -42.00 -21.09
N PHE H 119 -19.36 -42.16 -21.06
CA PHE H 119 -18.76 -43.46 -21.35
C PHE H 119 -19.18 -44.51 -20.34
N GLU H 120 -19.06 -44.19 -19.05
CA GLU H 120 -19.44 -45.14 -18.02
C GLU H 120 -20.93 -45.40 -18.01
N LYS H 121 -21.74 -44.36 -18.21
CA LYS H 121 -23.19 -44.54 -18.25
C LYS H 121 -23.59 -45.40 -19.43
N THR H 122 -22.88 -45.27 -20.55
CA THR H 122 -23.08 -46.20 -21.66
C THR H 122 -22.51 -47.57 -21.32
N ARG H 123 -21.43 -47.61 -20.54
CA ARG H 123 -20.88 -48.90 -20.11
C ARG H 123 -21.79 -49.56 -19.09
N ARG H 124 -22.04 -48.88 -17.97
CA ARG H 124 -22.77 -49.49 -16.87
C ARG H 124 -24.23 -49.79 -17.21
N GLN H 125 -24.77 -49.17 -18.26
CA GLN H 125 -26.07 -49.60 -18.74
C GLN H 125 -25.99 -50.91 -19.50
N LEU H 126 -24.81 -51.29 -20.01
CA LEU H 126 -24.66 -52.57 -20.68
C LEU H 126 -23.75 -53.51 -19.92
N ARG H 127 -22.47 -53.13 -19.73
CA ARG H 127 -21.48 -53.76 -18.86
C ARG H 127 -21.11 -55.19 -19.24
N GLU H 128 -21.80 -55.76 -20.23
CA GLU H 128 -21.41 -57.02 -20.85
C GLU H 128 -21.56 -56.95 -22.36
N ASN H 129 -22.04 -55.83 -22.91
CA ASN H 129 -22.42 -55.70 -24.30
C ASN H 129 -21.73 -54.56 -25.02
N ALA H 130 -21.49 -53.44 -24.33
CA ALA H 130 -20.82 -52.30 -24.93
C ALA H 130 -19.31 -52.40 -24.69
N GLU H 131 -18.71 -53.38 -25.36
CA GLU H 131 -17.26 -53.57 -25.23
C GLU H 131 -16.54 -52.50 -26.02
N GLU H 132 -15.57 -51.86 -25.36
CA GLU H 132 -14.91 -50.69 -25.93
C GLU H 132 -14.03 -51.08 -27.11
N MET H 133 -13.78 -50.09 -27.97
CA MET H 133 -12.86 -50.25 -29.08
C MET H 133 -11.56 -49.47 -28.90
N GLY H 134 -11.51 -48.56 -27.93
CA GLY H 134 -10.33 -47.78 -27.68
C GLY H 134 -10.23 -46.50 -28.48
N ASN H 135 -11.04 -46.34 -29.52
CA ASN H 135 -11.03 -45.16 -30.36
C ASN H 135 -11.89 -44.04 -29.79
N GLY H 136 -12.25 -44.12 -28.51
CA GLY H 136 -13.16 -43.16 -27.94
C GLY H 136 -14.58 -43.28 -28.46
N CYS H 137 -14.91 -44.42 -29.08
CA CYS H 137 -16.28 -44.61 -29.54
C CYS H 137 -16.60 -46.08 -29.38
N PHE H 138 -17.83 -46.38 -28.99
CA PHE H 138 -18.18 -47.71 -28.51
C PHE H 138 -18.47 -48.66 -29.66
N LYS H 139 -19.01 -49.82 -29.32
CA LYS H 139 -19.45 -50.82 -30.28
C LYS H 139 -20.49 -51.67 -29.57
N ILE H 140 -21.73 -51.61 -30.04
CA ILE H 140 -22.80 -52.42 -29.49
C ILE H 140 -22.98 -53.67 -30.33
N TYR H 141 -23.02 -54.82 -29.68
CA TYR H 141 -22.91 -56.11 -30.37
C TYR H 141 -24.23 -56.81 -30.64
N HIS H 142 -25.37 -56.16 -30.45
CA HIS H 142 -26.65 -56.76 -30.80
C HIS H 142 -27.29 -56.01 -31.96
N LYS H 143 -28.40 -56.57 -32.47
CA LYS H 143 -29.17 -55.90 -33.50
C LYS H 143 -29.80 -54.63 -32.94
N CYS H 144 -29.81 -53.57 -33.74
CA CYS H 144 -30.08 -52.24 -33.24
C CYS H 144 -30.85 -51.46 -34.30
N ASP H 145 -31.79 -50.63 -33.85
CA ASP H 145 -32.69 -49.89 -34.74
C ASP H 145 -32.87 -48.49 -34.18
N ASN H 146 -33.91 -47.79 -34.63
CA ASN H 146 -34.19 -46.47 -34.09
C ASN H 146 -34.74 -46.53 -32.66
N ALA H 147 -35.19 -47.69 -32.22
CA ALA H 147 -35.62 -47.83 -30.83
C ALA H 147 -34.42 -47.86 -29.89
N CYS H 148 -33.24 -48.21 -30.41
CA CYS H 148 -32.01 -48.16 -29.64
C CYS H 148 -31.69 -46.74 -29.18
N ILE H 149 -31.67 -45.82 -30.15
CA ILE H 149 -31.20 -44.46 -29.89
C ILE H 149 -32.19 -43.70 -29.02
N GLU H 150 -33.48 -43.88 -29.27
CA GLU H 150 -34.50 -43.18 -28.49
C GLU H 150 -34.58 -43.69 -27.06
N SER H 151 -34.01 -44.87 -26.77
CA SER H 151 -33.94 -45.39 -25.42
C SER H 151 -32.67 -44.97 -24.71
N ILE H 152 -31.52 -45.15 -25.38
CA ILE H 152 -30.22 -44.86 -24.77
C ILE H 152 -30.06 -43.38 -24.51
N ARG H 153 -30.66 -42.54 -25.35
CA ARG H 153 -30.65 -41.09 -25.13
C ARG H 153 -31.34 -40.73 -23.83
N ASN H 154 -32.48 -41.36 -23.55
CA ASN H 154 -33.15 -41.17 -22.28
C ASN H 154 -32.53 -42.07 -21.21
N GLY H 155 -33.10 -42.03 -20.00
CA GLY H 155 -32.55 -42.79 -18.90
C GLY H 155 -32.94 -44.25 -18.87
N THR H 156 -33.95 -44.65 -19.63
CA THR H 156 -34.48 -46.01 -19.56
C THR H 156 -33.90 -46.87 -20.68
N TYR H 157 -33.41 -48.05 -20.30
CA TYR H 157 -32.94 -49.05 -21.26
C TYR H 157 -32.83 -50.35 -20.49
N ASP H 158 -33.53 -51.39 -20.96
CA ASP H 158 -33.48 -52.69 -20.31
C ASP H 158 -32.29 -53.48 -20.81
N HIS H 159 -31.58 -54.13 -19.89
CA HIS H 159 -30.41 -54.92 -20.22
C HIS H 159 -30.62 -56.39 -19.86
N ASP H 160 -31.78 -56.93 -20.21
CA ASP H 160 -32.06 -58.34 -19.93
C ASP H 160 -32.44 -59.08 -21.20
N VAL H 161 -33.09 -58.40 -22.14
CA VAL H 161 -33.43 -59.01 -23.42
C VAL H 161 -32.31 -58.85 -24.44
N TYR H 162 -31.40 -57.89 -24.22
CA TYR H 162 -30.25 -57.70 -25.10
C TYR H 162 -28.95 -58.21 -24.50
N ARG H 163 -28.94 -58.52 -23.20
CA ARG H 163 -27.75 -59.09 -22.58
C ARG H 163 -27.49 -60.50 -23.10
N ASP H 164 -28.54 -61.29 -23.30
CA ASP H 164 -28.40 -62.66 -23.74
C ASP H 164 -27.98 -62.78 -25.20
N GLU H 165 -27.98 -61.69 -25.95
CA GLU H 165 -27.61 -61.72 -27.36
C GLU H 165 -26.22 -61.18 -27.64
N ALA H 166 -25.77 -60.16 -26.92
CA ALA H 166 -24.49 -59.54 -27.24
C ALA H 166 -23.31 -60.28 -26.62
N LEU H 167 -23.55 -61.18 -25.67
CA LEU H 167 -22.49 -62.08 -25.23
C LEU H 167 -22.30 -63.23 -26.19
N ASN H 168 -23.24 -63.44 -27.12
CA ASN H 168 -23.10 -64.53 -28.08
C ASN H 168 -22.04 -64.21 -29.12
N ASN H 169 -21.96 -62.96 -29.58
CA ASN H 169 -21.02 -62.58 -30.62
C ASN H 169 -19.76 -61.92 -30.06
N ARG H 170 -19.67 -61.71 -28.75
CA ARG H 170 -18.39 -61.44 -28.12
C ARG H 170 -17.54 -62.70 -27.99
N PHE H 171 -18.17 -63.87 -28.10
CA PHE H 171 -17.50 -65.16 -28.02
C PHE H 171 -17.50 -65.83 -29.39
N GLN H 172 -16.37 -66.42 -29.74
CA GLN H 172 -16.25 -67.22 -30.96
C GLN H 172 -15.93 -68.66 -30.55
N ILE H 173 -16.83 -69.59 -30.88
CA ILE H 173 -16.64 -70.98 -30.53
C ILE H 173 -15.56 -71.60 -31.42
N LYS H 174 -14.69 -72.39 -30.82
CA LYS H 174 -13.58 -73.02 -31.54
C LYS H 174 -14.01 -74.39 -32.04
N GLY H 175 -13.92 -74.60 -33.34
CA GLY H 175 -14.31 -75.87 -33.94
C GLY H 175 -15.03 -75.69 -35.27
N SER I 1 -11.93 59.25 -20.14
CA SER I 1 -12.49 60.61 -20.09
C SER I 1 -13.63 60.68 -19.08
N LEU I 2 -14.65 59.85 -19.27
CA LEU I 2 -15.76 59.83 -18.34
C LEU I 2 -15.41 59.08 -17.06
N GLU I 3 -14.57 58.05 -17.15
CA GLU I 3 -14.22 57.25 -15.99
C GLU I 3 -13.36 58.04 -15.01
N ILE I 4 -12.40 58.80 -15.52
CA ILE I 4 -11.52 59.57 -14.64
C ILE I 4 -12.28 60.70 -13.96
N GLU I 5 -13.18 61.35 -14.69
CA GLU I 5 -14.00 62.40 -14.09
C GLU I 5 -14.98 61.83 -13.07
N GLU I 6 -15.54 60.65 -13.35
CA GLU I 6 -16.45 60.00 -12.40
C GLU I 6 -15.71 59.61 -11.12
N LEU I 7 -14.50 59.06 -11.26
CA LEU I 7 -13.70 58.74 -10.09
C LEU I 7 -13.26 60.00 -9.34
N ALA I 8 -13.05 61.09 -10.07
CA ALA I 8 -12.74 62.36 -9.41
C ALA I 8 -13.91 62.86 -8.59
N ARG I 9 -15.13 62.75 -9.14
CA ARG I 9 -16.32 63.15 -8.40
C ARG I 9 -16.54 62.24 -7.19
N PHE I 10 -16.26 60.94 -7.35
CA PHE I 10 -16.34 60.01 -6.22
C PHE I 10 -15.35 60.39 -5.13
N ALA I 11 -14.11 60.72 -5.51
CA ALA I 11 -13.10 61.10 -4.53
C ALA I 11 -13.50 62.38 -3.81
N VAL I 12 -13.99 63.37 -4.55
CA VAL I 12 -14.29 64.65 -3.92
C VAL I 12 -15.52 64.56 -3.02
N ASP I 13 -16.53 63.76 -3.40
CA ASP I 13 -17.71 63.75 -2.52
C ASP I 13 -17.54 62.76 -1.37
N GLU I 14 -16.74 61.71 -1.54
CA GLU I 14 -16.35 60.90 -0.38
C GLU I 14 -15.53 61.70 0.61
N HIS I 15 -14.60 62.53 0.10
CA HIS I 15 -13.84 63.43 0.96
C HIS I 15 -14.78 64.40 1.67
N ASN I 16 -15.73 64.98 0.94
CA ASN I 16 -16.69 65.92 1.52
C ASN I 16 -17.55 65.26 2.60
N LYS I 17 -17.91 64.00 2.39
CA LYS I 17 -18.63 63.26 3.42
C LYS I 17 -17.76 63.03 4.64
N LYS I 18 -16.45 62.83 4.45
CA LYS I 18 -15.59 62.45 5.57
C LYS I 18 -15.31 63.61 6.52
N GLU I 19 -15.03 64.81 6.00
CA GLU I 19 -14.58 65.89 6.89
C GLU I 19 -15.64 66.96 7.10
N ASN I 20 -16.82 66.78 6.49
CA ASN I 20 -17.99 67.66 6.66
C ASN I 20 -17.71 69.08 6.20
N ALA I 21 -17.24 69.20 4.96
CA ALA I 21 -17.17 70.47 4.26
C ALA I 21 -17.55 70.25 2.79
N LEU I 22 -17.39 71.30 1.97
CA LEU I 22 -17.89 71.24 0.60
C LEU I 22 -16.77 71.67 -0.34
N LEU I 23 -16.46 70.81 -1.31
CA LEU I 23 -15.52 71.09 -2.38
C LEU I 23 -16.16 70.75 -3.71
N GLU I 24 -15.76 71.48 -4.76
CA GLU I 24 -16.35 71.33 -6.08
C GLU I 24 -15.26 70.94 -7.10
N PHE I 25 -15.57 69.98 -7.95
CA PHE I 25 -14.64 69.53 -8.97
C PHE I 25 -14.60 70.52 -10.13
N VAL I 26 -13.43 70.58 -10.80
CA VAL I 26 -13.29 71.42 -11.98
C VAL I 26 -12.91 70.56 -13.18
N ARG I 27 -11.72 69.95 -13.12
CA ARG I 27 -11.22 69.12 -14.20
C ARG I 27 -10.08 68.26 -13.66
N VAL I 28 -9.66 67.29 -14.47
CA VAL I 28 -8.58 66.37 -14.13
C VAL I 28 -7.35 66.72 -14.94
N VAL I 29 -6.20 66.80 -14.26
CA VAL I 29 -4.96 67.18 -14.92
C VAL I 29 -4.22 65.96 -15.46
N LYS I 30 -3.98 64.96 -14.62
CA LYS I 30 -3.21 63.78 -15.01
C LYS I 30 -3.80 62.54 -14.38
N ALA I 31 -3.86 61.45 -15.15
CA ALA I 31 -4.37 60.16 -14.69
C ALA I 31 -3.39 59.09 -15.15
N LYS I 32 -2.45 58.74 -14.28
CA LYS I 32 -1.37 57.83 -14.60
C LYS I 32 -1.56 56.51 -13.85
N GLU I 33 -2.11 55.51 -14.55
CA GLU I 33 -2.22 54.18 -13.98
C GLU I 33 -0.82 53.60 -13.76
N GLN I 34 -0.63 52.95 -12.62
CA GLN I 34 0.67 52.37 -12.29
C GLN I 34 0.98 51.20 -13.24
N PHE I 35 2.24 51.11 -13.65
CA PHE I 35 2.71 50.04 -14.53
C PHE I 35 4.04 49.46 -14.03
N ASN I 36 4.19 49.35 -12.71
CA ASN I 36 5.45 48.84 -12.16
C ASN I 36 5.62 47.36 -12.46
N TYR I 37 4.70 46.54 -11.98
CA TYR I 37 4.69 45.12 -12.29
C TYR I 37 3.41 44.66 -12.96
N ASP I 38 2.25 44.99 -12.38
CA ASP I 38 0.97 44.55 -12.93
C ASP I 38 -0.12 45.52 -12.51
N GLN I 39 -1.00 45.87 -13.45
CA GLN I 39 -2.13 46.75 -13.21
C GLN I 39 -3.46 46.07 -13.46
N TRP I 40 -3.46 44.79 -13.83
CA TRP I 40 -4.62 44.10 -14.34
C TRP I 40 -4.77 42.78 -13.61
N GLN I 41 -6.00 42.26 -13.56
CA GLN I 41 -6.49 41.07 -12.84
C GLN I 41 -6.52 41.32 -11.33
N ASP I 42 -6.36 42.54 -10.86
CA ASP I 42 -6.25 42.82 -9.44
C ASP I 42 -6.58 44.30 -9.21
N TYR I 43 -6.15 44.82 -8.07
CA TYR I 43 -6.18 46.25 -7.78
C TYR I 43 -5.56 47.04 -8.92
N THR I 44 -6.24 48.11 -9.32
CA THR I 44 -5.88 48.89 -10.49
C THR I 44 -5.87 50.37 -10.18
N MET I 45 -5.14 50.76 -9.12
CA MET I 45 -5.21 52.09 -8.55
C MET I 45 -4.87 53.17 -9.58
N TYR I 46 -5.68 54.23 -9.58
CA TYR I 46 -5.53 55.37 -10.48
C TYR I 46 -4.85 56.50 -9.72
N TYR I 47 -3.61 56.81 -10.11
CA TYR I 47 -3.00 58.05 -9.63
C TYR I 47 -3.72 59.22 -10.25
N LEU I 48 -4.61 59.86 -9.50
CA LEU I 48 -5.45 60.92 -10.02
C LEU I 48 -5.01 62.25 -9.43
N THR I 49 -4.71 63.21 -10.29
CA THR I 49 -4.27 64.55 -9.89
C THR I 49 -5.38 65.53 -10.20
N LEU I 50 -5.88 66.21 -9.16
CA LEU I 50 -7.01 67.13 -9.32
C LEU I 50 -6.70 68.49 -8.74
N GLU I 51 -7.40 69.49 -9.27
CA GLU I 51 -7.42 70.84 -8.76
C GLU I 51 -8.87 71.27 -8.57
N ALA I 52 -9.13 72.05 -7.51
CA ALA I 52 -10.47 72.47 -7.18
C ALA I 52 -10.48 73.96 -6.85
N LYS I 53 -11.63 74.59 -7.08
CA LYS I 53 -11.84 76.01 -6.77
C LYS I 53 -12.95 76.09 -5.74
N ASP I 54 -12.59 75.94 -4.47
CA ASP I 54 -13.55 75.97 -3.37
C ASP I 54 -13.33 77.14 -2.42
N GLY I 55 -12.08 77.51 -2.15
CA GLY I 55 -11.79 78.66 -1.33
C GLY I 55 -11.41 79.86 -2.16
N GLY I 56 -11.76 79.83 -3.45
CA GLY I 56 -11.35 80.86 -4.38
C GLY I 56 -9.95 80.71 -4.91
N LYS I 57 -9.30 79.57 -4.65
CA LYS I 57 -7.93 79.34 -5.10
C LYS I 57 -7.82 77.91 -5.61
N LYS I 58 -6.80 77.68 -6.44
CA LYS I 58 -6.53 76.37 -7.01
C LYS I 58 -5.64 75.58 -6.05
N LYS I 59 -6.09 74.39 -5.67
CA LYS I 59 -5.34 73.52 -4.77
C LYS I 59 -5.18 72.15 -5.41
N LEU I 60 -3.94 71.67 -5.48
CA LEU I 60 -3.65 70.38 -6.09
C LEU I 60 -3.91 69.25 -5.09
N TYR I 61 -4.32 68.10 -5.62
CA TYR I 61 -4.60 66.93 -4.80
C TYR I 61 -4.16 65.69 -5.53
N GLU I 62 -3.90 64.63 -4.77
CA GLU I 62 -3.57 63.32 -5.33
C GLU I 62 -4.34 62.26 -4.56
N ALA I 63 -5.18 61.51 -5.24
CA ALA I 63 -6.06 60.52 -4.63
C ALA I 63 -5.66 59.13 -5.11
N LYS I 64 -5.35 58.24 -4.17
CA LYS I 64 -5.02 56.86 -4.48
C LYS I 64 -6.28 56.00 -4.36
N VAL I 65 -7.15 56.17 -5.36
CA VAL I 65 -8.47 55.53 -5.37
C VAL I 65 -8.27 54.05 -5.65
N TRP I 66 -8.32 53.23 -4.60
CA TRP I 66 -8.13 51.79 -4.69
C TRP I 66 -9.38 51.17 -5.29
N VAL I 67 -9.35 50.93 -6.61
CA VAL I 67 -10.51 50.40 -7.31
C VAL I 67 -10.29 48.89 -7.45
N LYS I 68 -10.79 48.15 -6.46
CA LYS I 68 -10.77 46.71 -6.52
C LYS I 68 -12.01 46.24 -7.28
N PHE I 69 -11.83 45.27 -8.17
CA PHE I 69 -12.95 44.75 -8.92
C PHE I 69 -13.87 43.95 -8.00
N VAL I 70 -15.18 44.11 -8.17
CA VAL I 70 -16.18 43.24 -7.58
C VAL I 70 -16.38 42.02 -8.46
N ASP I 71 -17.11 41.04 -7.93
CA ASP I 71 -17.76 40.06 -8.76
C ASP I 71 -18.91 40.73 -9.53
N SER I 72 -19.44 40.04 -10.54
CA SER I 72 -20.38 40.65 -11.48
C SER I 72 -21.76 40.83 -10.84
N ALA I 73 -22.74 41.12 -11.69
CA ALA I 73 -24.10 41.46 -11.26
C ALA I 73 -24.80 40.35 -10.47
N PHE I 74 -24.22 39.15 -10.42
CA PHE I 74 -24.62 38.17 -9.42
C PHE I 74 -24.42 38.70 -8.00
N GLU I 75 -23.40 39.53 -7.79
CA GLU I 75 -23.14 40.15 -6.50
C GLU I 75 -23.05 41.66 -6.67
N THR I 76 -22.55 42.37 -5.65
CA THR I 76 -22.58 43.83 -5.63
C THR I 76 -21.69 44.40 -6.73
N GLU I 77 -21.94 45.68 -7.06
CA GLU I 77 -21.21 46.39 -8.10
C GLU I 77 -20.72 47.72 -7.55
N ASN I 78 -20.02 48.47 -8.41
CA ASN I 78 -19.59 49.85 -8.16
C ASN I 78 -18.67 49.94 -6.93
N PHE I 79 -17.51 49.30 -7.05
CA PHE I 79 -16.52 49.30 -5.98
C PHE I 79 -15.51 50.41 -6.21
N LYS I 80 -15.33 51.25 -5.19
CA LYS I 80 -14.27 52.25 -5.11
C LYS I 80 -14.19 52.73 -3.68
N GLU I 81 -12.98 53.04 -3.21
CA GLU I 81 -12.78 53.65 -1.91
C GLU I 81 -11.50 54.47 -1.93
N LEU I 82 -11.51 55.56 -1.17
CA LEU I 82 -10.39 56.48 -1.11
C LEU I 82 -9.48 56.09 0.05
N GLN I 83 -8.25 55.67 -0.27
CA GLN I 83 -7.30 55.32 0.77
C GLN I 83 -6.80 56.57 1.49
N GLU I 84 -6.42 57.59 0.74
CA GLU I 84 -5.89 58.82 1.29
C GLU I 84 -6.01 59.92 0.25
N PHE I 85 -6.34 61.13 0.71
CA PHE I 85 -6.53 62.30 -0.14
C PHE I 85 -5.52 63.36 0.29
N LYS I 86 -4.31 63.30 -0.28
CA LYS I 86 -3.29 64.25 0.13
C LYS I 86 -3.47 65.59 -0.61
N PRO I 87 -3.12 66.71 0.03
CA PRO I 87 -3.15 68.02 -0.65
C PRO I 87 -1.80 68.36 -1.28
C1 NAG J . 31.01 15.29 -19.01
C2 NAG J . 31.22 15.30 -20.54
C3 NAG J . 31.38 16.72 -21.07
C4 NAG J . 30.22 17.58 -20.60
C5 NAG J . 30.17 17.56 -19.09
C6 NAG J . 29.06 18.39 -18.50
C7 NAG J . 33.62 14.60 -20.60
C8 NAG J . 34.57 13.58 -21.17
N2 NAG J . 32.34 14.45 -20.95
O3 NAG J . 31.43 16.69 -22.49
O4 NAG J . 30.34 18.91 -21.10
O5 NAG J . 29.96 16.21 -18.65
O6 NAG J . 29.39 18.89 -17.21
O7 NAG J . 34.02 15.51 -19.87
C1 NAG J . 29.27 19.16 -22.04
C2 NAG J . 29.60 20.41 -22.88
C3 NAG J . 28.50 20.67 -23.91
C4 NAG J . 28.25 19.42 -24.75
C5 NAG J . 27.96 18.22 -23.84
C6 NAG J . 27.82 16.92 -24.60
C7 NAG J . 30.98 21.95 -21.54
C8 NAG J . 30.98 23.18 -20.68
N2 NAG J . 29.78 21.57 -22.03
O3 NAG J . 28.89 21.74 -24.74
O4 NAG J . 27.15 19.62 -25.61
O5 NAG J . 29.05 18.03 -22.92
O6 NAG J . 28.42 17.00 -25.88
O7 NAG J . 32.00 21.33 -21.80
C1 NAG K . 11.60 38.37 -12.55
C2 NAG K . 10.88 39.65 -13.00
C3 NAG K . 9.60 39.28 -13.75
C4 NAG K . 9.89 38.31 -14.88
C5 NAG K . 10.64 37.09 -14.35
C6 NAG K . 11.08 36.14 -15.44
C7 NAG K . 10.91 41.81 -11.84
C8 NAG K . 10.55 42.55 -10.60
N2 NAG K . 10.59 40.51 -11.87
O3 NAG K . 9.01 40.48 -14.25
O4 NAG K . 8.67 37.87 -15.47
O5 NAG K . 11.84 37.52 -13.67
O6 NAG K . 10.01 35.29 -15.83
O7 NAG K . 11.48 42.35 -12.78
C1 NAG K . 8.49 38.42 -16.80
C2 NAG K . 7.52 37.54 -17.59
C3 NAG K . 7.30 38.13 -18.98
C4 NAG K . 6.85 39.59 -18.89
C5 NAG K . 7.83 40.39 -18.03
C6 NAG K . 7.37 41.80 -17.78
C7 NAG K . 7.20 35.13 -17.90
C8 NAG K . 7.86 33.79 -17.97
N2 NAG K . 8.00 36.17 -17.68
O3 NAG K . 6.32 37.37 -19.68
O4 NAG K . 6.80 40.16 -20.19
O5 NAG K . 7.99 39.77 -16.74
O6 NAG K . 7.67 42.22 -16.45
O7 NAG K . 5.99 35.25 -18.06
C1 BMA K . 5.43 40.30 -20.63
C2 BMA K . 5.26 41.65 -21.36
C3 BMA K . 3.81 41.73 -21.93
C4 BMA K . 3.43 40.46 -22.75
C5 BMA K . 3.68 39.21 -21.91
C6 BMA K . 3.35 37.91 -22.62
O2 BMA K . 6.18 41.75 -22.43
O3 BMA K . 3.48 43.00 -22.58
O4 BMA K . 2.06 40.48 -23.10
O5 BMA K . 5.08 39.21 -21.50
O6 BMA K . 4.24 37.73 -23.71
C1 MAN K . 3.73 43.09 -24.00
C2 MAN K . 4.31 44.50 -24.28
C3 MAN K . 3.21 45.56 -24.08
C4 MAN K . 1.93 45.20 -24.87
C5 MAN K . 1.47 43.79 -24.48
C6 MAN K . 0.26 43.33 -25.27
O2 MAN K . 4.74 44.63 -25.63
O3 MAN K . 3.67 46.85 -24.45
O4 MAN K . 0.90 46.13 -24.57
O5 MAN K . 2.54 42.86 -24.75
O6 MAN K . -0.80 44.24 -25.05
C1 MAN K . 3.46 37.45 -24.90
C2 MAN K . 4.02 36.17 -25.58
C3 MAN K . 5.35 36.46 -26.30
C4 MAN K . 5.24 37.71 -27.18
C5 MAN K . 4.79 38.91 -26.33
C6 MAN K . 4.65 40.19 -27.12
O2 MAN K . 3.13 35.70 -26.60
O3 MAN K . 5.78 35.34 -27.07
O4 MAN K . 6.51 38.01 -27.75
O5 MAN K . 3.50 38.58 -25.77
O6 MAN K . 5.26 41.23 -26.37
C1 NAG L . 9.34 2.41 38.29
C2 NAG L . 10.32 1.46 39.00
C3 NAG L . 11.46 2.24 39.64
C4 NAG L . 12.12 3.15 38.62
C5 NAG L . 11.06 4.08 38.04
C6 NAG L . 11.59 5.04 37.01
C7 NAG L . 8.98 0.98 41.06
C8 NAG L . 8.39 -0.12 41.89
N2 NAG L . 9.66 0.58 39.97
O3 NAG L . 12.42 1.32 40.18
O4 NAG L . 13.18 3.90 39.21
O5 NAG L . 10.05 3.29 37.40
O6 NAG L . 10.81 6.23 36.96
O7 NAG L . 8.84 2.17 41.37
C1 NAG L . 14.44 3.46 38.66
C2 NAG L . 15.57 3.87 39.61
C3 NAG L . 16.92 3.37 39.07
C4 NAG L . 16.88 1.88 38.80
C5 NAG L . 15.72 1.55 37.87
C6 NAG L . 15.54 0.07 37.63
C7 NAG L . 14.97 5.91 40.82
C8 NAG L . 15.09 7.40 40.86
N2 NAG L . 15.59 5.30 39.80
O3 NAG L . 17.94 3.66 40.02
O4 NAG L . 18.09 1.46 38.19
O5 NAG L . 14.48 2.03 38.44
O6 NAG L . 16.25 -0.70 38.60
O7 NAG L . 14.33 5.29 41.66
C1 NAG M . 26.35 23.16 23.14
C2 NAG M . 27.70 23.84 22.93
C3 NAG M . 28.56 23.01 21.97
C4 NAG M . 28.67 21.56 22.43
C5 NAG M . 27.27 20.99 22.65
C6 NAG M . 27.29 19.59 23.24
C7 NAG M . 28.26 26.22 22.90
C8 NAG M . 27.96 27.55 22.28
N2 NAG M . 27.54 25.19 22.44
O3 NAG M . 29.85 23.60 21.89
O4 NAG M . 29.35 20.79 21.46
O5 NAG M . 26.54 21.81 23.57
O6 NAG M . 27.45 18.62 22.22
O7 NAG M . 29.12 26.08 23.76
C1 NAG M . 30.67 20.39 21.90
C2 NAG M . 31.09 19.11 21.15
C3 NAG M . 32.50 18.70 21.57
C4 NAG M . 33.47 19.86 21.38
C5 NAG M . 32.97 21.10 22.10
C6 NAG M . 33.82 22.31 21.86
C7 NAG M . 29.98 16.98 20.61
C8 NAG M . 28.98 15.97 21.04
N2 NAG M . 30.15 18.03 21.42
O3 NAG M . 32.92 17.59 20.77
O4 NAG M . 34.74 19.51 21.92
O5 NAG M . 31.64 21.42 21.65
O6 NAG M . 33.03 23.49 21.78
O7 NAG M . 30.61 16.87 19.57
C1 BMA M . 35.70 19.18 20.88
C2 BMA M . 37.08 19.75 21.25
C3 BMA M . 38.11 19.31 20.18
C4 BMA M . 38.07 17.77 19.91
C5 BMA M . 36.63 17.35 19.59
C6 BMA M . 36.47 15.86 19.32
O2 BMA M . 37.48 19.25 22.51
O3 BMA M . 39.45 19.86 20.38
O4 BMA M . 38.87 17.43 18.79
O5 BMA M . 35.78 17.75 20.70
O6 BMA M . 36.82 15.12 20.48
C1 MAN M . 40.39 19.05 21.14
C2 MAN M . 41.16 20.00 22.07
C3 MAN M . 42.09 20.90 21.24
C4 MAN M . 42.96 20.08 20.28
C5 MAN M . 42.07 19.16 19.42
C6 MAN M . 42.86 18.24 18.51
O2 MAN M . 42.01 19.29 22.96
O3 MAN M . 42.91 21.72 22.07
O4 MAN M . 43.70 20.94 19.44
O5 MAN M . 41.26 18.35 20.28
O6 MAN M . 43.71 19.03 17.69
C1 MAN M . 37.76 14.09 20.10
C2 MAN M . 37.20 12.72 20.62
C3 MAN M . 37.39 12.59 22.13
C4 MAN M . 38.82 12.95 22.56
C5 MAN M . 39.15 14.36 22.08
C6 MAN M . 40.54 14.82 22.45
O2 MAN M . 37.92 11.63 20.05
O3 MAN M . 37.06 11.28 22.60
O4 MAN M . 38.93 12.91 23.97
O5 MAN M . 39.05 14.38 20.63
O6 MAN M . 40.47 16.16 22.89
C1 NAG N . -29.05 26.24 -5.05
C2 NAG N . -30.53 26.03 -4.60
C3 NAG N . -30.96 27.13 -3.64
C4 NAG N . -29.99 27.24 -2.48
C5 NAG N . -28.61 27.52 -3.05
C6 NAG N . -27.53 27.67 -1.99
C7 NAG N . -31.68 26.84 -6.67
C8 NAG N . -32.66 26.46 -7.73
N2 NAG N . -31.44 25.90 -5.73
O3 NAG N . -32.28 26.82 -3.15
O4 NAG N . -30.39 28.26 -1.57
O5 NAG N . -28.21 26.43 -3.89
O6 NAG N . -26.43 28.45 -2.47
O7 NAG N . -31.13 27.94 -6.67
C1 NAG N . -30.77 27.64 -0.32
C2 NAG N . -31.59 28.64 0.51
C3 NAG N . -32.05 28.00 1.82
C4 NAG N . -32.79 26.70 1.55
C5 NAG N . -31.92 25.77 0.71
C6 NAG N . -32.63 24.50 0.30
C7 NAG N . -30.87 30.94 0.00
C8 NAG N . -30.02 32.09 0.41
N2 NAG N . -30.82 29.86 0.77
O3 NAG N . -32.90 28.91 2.52
O4 NAG N . -33.10 26.06 2.78
O5 NAG N . -31.55 26.43 -0.52
O6 NAG N . -34.05 24.63 0.42
O7 NAG N . -31.58 30.98 -1.01
C1 NAG O . -13.52 34.20 20.25
C2 NAG O . -13.52 34.69 21.69
C3 NAG O . -13.66 33.51 22.65
C4 NAG O . -14.89 32.67 22.29
C5 NAG O . -14.84 32.27 20.82
C6 NAG O . -16.08 31.55 20.36
C7 NAG O . -12.30 36.63 22.58
C8 NAG O . -10.96 37.26 22.80
N2 NAG O . -12.31 35.43 21.99
O3 NAG O . -13.77 33.99 23.99
O4 NAG O . -14.93 31.49 23.10
O5 NAG O . -14.71 33.44 20.00
O6 NAG O . -16.02 30.16 20.66
O7 NAG O . -13.35 37.19 22.91
C1 NAG O . -16.04 31.54 24.03
C2 NAG O . -16.42 30.12 24.44
C3 NAG O . -17.59 30.16 25.43
C4 NAG O . -17.24 31.05 26.61
C5 NAG O . -16.80 32.43 26.13
C6 NAG O . -16.31 33.31 27.26
C7 NAG O . -16.68 27.97 23.26
C8 NAG O . -17.08 27.31 21.99
N2 NAG O . -16.77 29.31 23.27
O3 NAG O . -17.88 28.84 25.87
O4 NAG O . -18.38 31.20 27.47
O5 NAG O . -15.71 32.31 25.20
O6 NAG O . -15.09 33.96 26.90
O7 NAG O . -16.32 27.34 24.24
C1 BMA O . -18.22 30.38 28.65
C2 BMA O . -18.67 31.19 29.89
C3 BMA O . -18.58 30.27 31.13
C4 BMA O . -19.27 28.89 30.92
C5 BMA O . -18.77 28.25 29.63
C6 BMA O . -19.43 26.91 29.30
O2 BMA O . -20.00 31.61 29.74
O3 BMA O . -18.92 30.94 32.40
O4 BMA O . -18.98 28.00 31.98
O5 BMA O . -18.99 29.18 28.54
O6 BMA O . -20.80 27.11 29.06
C1 MAN O . -20.28 30.84 32.83
C2 MAN O . -20.68 32.21 33.42
C3 MAN O . -19.95 32.44 34.75
C4 MAN O . -20.13 31.24 35.71
C5 MAN O . -19.69 29.95 35.00
C6 MAN O . -19.91 28.70 35.84
O2 MAN O . -22.07 32.27 33.73
O3 MAN O . -20.38 33.64 35.38
O4 MAN O . -19.35 31.43 36.88
O5 MAN O . -20.46 29.79 33.79
O6 MAN O . -19.22 28.86 37.08
C1 MAN O . -21.56 26.19 29.88
C2 MAN O . -22.50 25.35 28.95
C3 MAN O . -23.68 26.19 28.47
C4 MAN O . -24.36 26.94 29.64
C5 MAN O . -23.31 27.79 30.37
C6 MAN O . -23.89 28.55 31.54
O2 MAN O . -23.06 24.24 29.65
O3 MAN O . -24.64 25.41 27.77
O4 MAN O . -25.39 27.78 29.14
O5 MAN O . -22.28 26.91 30.87
O6 MAN O . -23.26 29.82 31.59
C1 NAG P . 23.45 -11.33 2.73
C2 NAG P . 22.70 -12.47 3.42
C3 NAG P . 21.38 -11.96 4.00
C4 NAG P . 21.62 -10.75 4.89
C5 NAG P . 22.39 -9.68 4.13
C6 NAG P . 22.75 -8.49 4.96
C7 NAG P . 22.28 -14.83 2.86
C8 NAG P . 22.04 -15.81 1.76
N2 NAG P . 22.45 -13.56 2.49
O3 NAG P . 20.76 -13.00 4.77
O4 NAG P . 20.38 -10.20 5.33
O5 NAG P . 23.61 -10.24 3.63
O6 NAG P . 22.47 -7.27 4.29
O7 NAG P . 22.32 -15.17 4.03
C1 NAG Q . 15.98 -36.01 -12.95
C2 NAG Q . 17.10 -34.96 -12.82
C3 NAG Q . 18.27 -35.32 -13.74
C4 NAG Q . 18.72 -36.75 -13.51
C5 NAG Q . 17.54 -37.71 -13.62
C6 NAG Q . 17.89 -39.15 -13.28
C7 NAG Q . 16.82 -32.56 -12.34
C8 NAG Q . 17.61 -32.79 -11.08
N2 NAG Q . 16.61 -33.63 -13.12
O3 NAG Q . 19.35 -34.43 -13.51
O4 NAG Q . 19.71 -37.12 -14.47
O5 NAG Q . 16.51 -37.31 -12.70
O6 NAG Q . 17.78 -39.39 -11.89
O7 NAG Q . 16.39 -31.44 -12.63
C1 NAG R . -18.39 -5.67 17.99
C2 NAG R . -19.22 -6.18 16.82
C3 NAG R . -18.81 -5.49 15.51
C4 NAG R . -18.83 -3.97 15.68
C5 NAG R . -17.96 -3.58 16.87
C6 NAG R . -17.99 -2.10 17.14
C7 NAG R . -20.00 -8.41 16.11
C8 NAG R . -19.68 -9.87 16.06
N2 NAG R . -19.08 -7.62 16.68
O3 NAG R . -19.70 -5.87 14.47
O4 NAG R . -18.33 -3.34 14.51
O5 NAG R . -18.44 -4.24 18.05
O6 NAG R . -16.68 -1.54 17.16
O7 NAG R . -21.04 -7.95 15.66
C1 NAG S . -18.65 -35.03 11.74
C2 NAG S . -18.66 -34.07 12.95
C3 NAG S . -18.79 -34.86 14.24
C4 NAG S . -19.99 -35.79 14.21
C5 NAG S . -19.92 -36.69 12.97
C6 NAG S . -21.14 -37.56 12.80
C7 NAG S . -17.49 -31.91 13.02
C8 NAG S . -18.84 -31.26 13.08
N2 NAG S . -17.47 -33.24 12.95
O3 NAG S . -18.92 -33.94 15.33
O4 NAG S . -20.01 -36.60 15.37
O5 NAG S . -19.82 -35.88 11.79
O6 NAG S . -22.23 -36.84 12.28
O7 NAG S . -16.45 -31.24 13.02
C1 NAG T . -8.09 5.47 -24.37
C2 NAG T . -7.28 4.24 -24.81
C3 NAG T . -6.13 3.97 -23.82
C4 NAG T . -5.30 5.22 -23.59
C5 NAG T . -6.20 6.37 -23.17
C6 NAG T . -5.45 7.68 -23.02
C7 NAG T . -7.86 2.02 -25.70
C8 NAG T . -8.86 0.91 -25.68
N2 NAG T . -8.14 3.07 -24.91
O3 NAG T . -5.31 2.93 -24.33
O4 NAG T . -4.33 4.99 -22.59
O5 NAG T . -7.21 6.59 -24.17
O6 NAG T . -5.77 8.32 -21.79
O7 NAG T . -6.84 1.97 -26.39
C1 NAG U . -20.89 -21.45 -28.65
C2 NAG U . -21.19 -19.96 -28.83
C3 NAG U . -22.52 -19.78 -29.55
C4 NAG U . -22.56 -20.59 -30.85
C5 NAG U . -22.21 -22.04 -30.57
C6 NAG U . -22.11 -22.88 -31.82
C7 NAG U . -20.54 -18.12 -27.31
C8 NAG U . -19.74 -17.57 -28.46
N2 NAG U . -21.21 -19.27 -27.56
O3 NAG U . -22.72 -18.40 -29.84
O4 NAG U . -23.85 -20.52 -31.44
O5 NAG U . -20.93 -22.12 -29.92
O6 NAG U . -20.82 -22.78 -32.41
O7 NAG U . -20.58 -17.58 -26.22
#